data_3V0C
#
_entry.id   3V0C
#
_cell.length_a   167.521
_cell.length_b   167.521
_cell.length_c   158.733
_cell.angle_alpha   90.00
_cell.angle_beta   90.00
_cell.angle_gamma   120.00
#
_symmetry.space_group_name_H-M   'P 31 2 1'
#
loop_
_entity.id
_entity.type
_entity.pdbx_description
1 polymer BoNT/A
2 non-polymer 'ZINC ION'
#
_entity_poly.entity_id   1
_entity_poly.type   'polypeptide(L)'
_entity_poly.pdbx_seq_one_letter_code
;MPFVNKQFNYKDPVNGVDIAYIKIPNAGQMQPVKAFKIHNKIWVIPERDTFTNPEEGDLNPPPEAKQVPVSYYDSTYLST
DNEKDNYLKGVTKLFERIYSTDLGRMLLTSIVRGIPFWGGSTIDTELKVIDTNCINVIQPDGSYRSEELNLVIIGPSADI
IQFECKSFGHEVLNLTRNGYGSTQYIRFSPDFTFGFEESLEVDTNPLLGAGKFATDPAVTLAHQLIHAGHRLYGIAINPN
RVFKVNTNAYYEMSGLEVSFEELRTFGGHDAKFIDSLQENEFRLYYYNKFKDIASTLNKAKSIVGTTASLQYMKNVFKEK
YLLSEDTSGKFSVDKLKFDKLYKMLTEIYTEDNFVKFFKVLNAKTFLNFDKAVFKINIVPKVNYTIYDGFNLRNTNLAAN
FNGQNTEINNMNFTKLKNFTGLFEFYKLLCVRGIITSKTKSLDKGYNKALNDLCIKVNNWDLFFSPSEDNFTNDLNKGEE
ITSDTNIEAAEENISLDLIQQYYLTFNFDNEPENISIENLSSDIIGQLELMPNIERFPNGKKYELDKYTMFHYLRAQEFE
HGKSRIALTNSVNEALLNPSRVYTFFSSDYVKKVNKATEAAMFLGWVEQLVYDFTDETSEVSTTDKIADITIIIPYIGPA
LNIGNMLYKDDFVGALIFSGAVILLEFIPEIAIPVLGTFALVSYIANKVLTVQTIDNALSKRNEKWDEVYKYIVTNWLAK
VNTQIDLIRKKMKEALENQAEATKAIINYQYNQYTEEEKNNINFNIDDLSSKLNESINKAMININKFLNQCSVSYLMNSM
IPYGVKRLEDFDASLKDALLKYIYDNRGTLIGQVDRLKDKVNNTLSTDIPFQLSKYVDNQRLLSTFTEYIKNIINTSILN
LRYESNHLIDLSRYASKINIGSKVNFDPIDKNQIQLFNLESSKIEVILKNAIVYNSMYENFSTSFWIRIPKYFNSISLNN
EYTIINCMENNSGWKVSLNYGEIIWTLQDTQEIKQRVVFKYSQMINISDYINRWIFVTITNNRLNNSKIYINGRLIDQKP
ISNLGNIHASNNIMFKLDGCRDTHRYIWIKYFNLFDKELNEKEIKDLYDNQSNSGILKDFWGDYLQYDKPYYMLNLYDPN
KYVDVNNVGIRGYMYLKGPRGSVMTTNIYLNSSLYRGAKFIIKKYASGNKDNIVRNNDRVYINVVVKNKEYRLATNASQA
GVEKILSALEIPDVGNLSQVVVMKSKNDQGITNKCKMNLQDNNGNDIGFIGFHQFNNIAKLVASNWYNRQIERSSRTLGC
SWEFIPVDDGWGERPLVPPTPGSAWSHPQFEK
;
_entity_poly.pdbx_strand_id   A
#
loop_
_chem_comp.id
_chem_comp.type
_chem_comp.name
_chem_comp.formula
ZN non-polymer 'ZINC ION' 'Zn 2'
#
# COMPACT_ATOMS: atom_id res chain seq x y z
N PRO A 2 36.61 4.72 -14.51
CA PRO A 2 36.83 4.77 -13.07
C PRO A 2 38.00 5.63 -12.70
N PHE A 3 37.79 6.50 -11.75
CA PHE A 3 38.80 7.40 -11.28
C PHE A 3 39.39 8.27 -12.36
N VAL A 4 40.03 7.67 -13.35
CA VAL A 4 40.60 8.44 -14.42
C VAL A 4 41.78 9.19 -13.87
N ASN A 5 42.96 8.70 -14.17
CA ASN A 5 44.18 9.27 -13.67
C ASN A 5 44.62 10.63 -14.13
N LYS A 6 44.72 10.86 -15.42
CA LYS A 6 45.15 12.14 -15.89
C LYS A 6 44.05 12.99 -16.45
N GLN A 7 44.01 14.23 -16.04
CA GLN A 7 43.01 15.16 -16.50
C GLN A 7 43.27 15.52 -17.94
N PHE A 8 42.35 15.21 -18.80
CA PHE A 8 42.50 15.49 -20.20
C PHE A 8 41.97 16.81 -20.68
N ASN A 9 42.36 17.16 -21.87
CA ASN A 9 41.93 18.35 -22.55
C ASN A 9 41.82 17.91 -23.97
N TYR A 10 40.83 18.38 -24.67
CA TYR A 10 40.67 17.94 -26.02
C TYR A 10 41.86 18.20 -26.90
N LYS A 11 42.43 19.37 -26.78
CA LYS A 11 43.55 19.74 -27.58
C LYS A 11 44.84 19.04 -27.29
N ASP A 12 44.96 18.43 -26.14
CA ASP A 12 46.16 17.72 -25.78
C ASP A 12 46.55 16.85 -26.95
N PRO A 13 47.82 16.86 -27.32
CA PRO A 13 48.38 16.11 -28.41
C PRO A 13 48.23 14.61 -28.42
N VAL A 14 47.72 14.10 -29.52
CA VAL A 14 47.54 12.68 -29.72
C VAL A 14 48.84 12.02 -29.40
N ASN A 15 48.82 10.90 -28.71
CA ASN A 15 50.04 10.23 -28.40
C ASN A 15 50.01 8.73 -28.40
N GLY A 16 49.41 8.16 -29.42
CA GLY A 16 49.35 6.73 -29.54
C GLY A 16 48.79 5.92 -28.41
N VAL A 17 48.73 6.50 -27.23
CA VAL A 17 48.19 5.79 -26.09
C VAL A 17 47.39 6.74 -25.23
N ASP A 18 46.34 6.24 -24.62
CA ASP A 18 45.49 7.03 -23.76
C ASP A 18 44.94 8.32 -24.36
N ILE A 19 45.40 8.67 -25.53
CA ILE A 19 44.95 9.82 -26.27
C ILE A 19 45.37 9.57 -27.69
N ALA A 20 44.47 9.04 -28.49
CA ALA A 20 44.82 8.74 -29.83
C ALA A 20 43.74 8.93 -30.85
N TYR A 21 44.07 8.63 -32.07
CA TYR A 21 43.12 8.71 -33.14
C TYR A 21 42.64 7.30 -33.37
N ILE A 22 41.56 6.99 -32.70
CA ILE A 22 40.92 5.71 -32.74
C ILE A 22 40.14 5.52 -34.01
N LYS A 23 40.05 4.30 -34.43
CA LYS A 23 39.29 3.93 -35.58
C LYS A 23 38.37 2.85 -35.07
N ILE A 24 37.25 3.23 -34.51
CA ILE A 24 36.26 2.32 -33.97
C ILE A 24 35.87 1.27 -34.97
N PRO A 25 35.41 0.13 -34.51
CA PRO A 25 35.04 -0.85 -35.50
C PRO A 25 33.71 -0.50 -36.11
N ASN A 26 33.71 0.10 -37.28
CA ASN A 26 32.47 0.45 -37.92
C ASN A 26 32.33 -0.28 -39.24
N ALA A 27 31.48 0.19 -40.12
CA ALA A 27 31.28 -0.44 -41.39
C ALA A 27 31.87 0.40 -42.48
N GLY A 28 32.34 -0.22 -43.52
CA GLY A 28 32.95 0.54 -44.57
C GLY A 28 34.10 1.27 -44.00
N GLN A 29 34.52 2.35 -44.62
CA GLN A 29 35.63 3.11 -44.13
C GLN A 29 35.17 3.91 -42.95
N MET A 30 36.02 4.77 -42.46
CA MET A 30 35.71 5.63 -41.35
C MET A 30 36.92 6.41 -40.99
N GLN A 31 36.90 7.69 -41.22
CA GLN A 31 38.05 8.48 -40.87
C GLN A 31 38.25 8.23 -39.41
N PRO A 32 39.50 8.12 -38.97
CA PRO A 32 39.70 7.87 -37.57
C PRO A 32 39.13 9.01 -36.77
N VAL A 33 38.75 8.72 -35.55
CA VAL A 33 38.18 9.69 -34.64
C VAL A 33 39.08 9.83 -33.45
N LYS A 34 39.04 10.96 -32.80
CA LYS A 34 39.88 11.20 -31.66
C LYS A 34 39.19 10.86 -30.37
N ALA A 35 39.77 9.95 -29.63
CA ALA A 35 39.23 9.51 -28.38
C ALA A 35 40.29 9.44 -27.32
N PHE A 36 39.89 9.53 -26.08
CA PHE A 36 40.81 9.49 -24.98
C PHE A 36 40.61 8.19 -24.24
N LYS A 37 41.58 7.82 -23.44
CA LYS A 37 41.51 6.62 -22.64
C LYS A 37 41.40 7.10 -21.21
N ILE A 38 40.19 7.20 -20.70
CA ILE A 38 40.01 7.69 -19.37
C ILE A 38 40.38 6.66 -18.34
N HIS A 39 40.61 5.45 -18.78
CA HIS A 39 40.95 4.39 -17.87
C HIS A 39 41.12 3.09 -18.58
N ASN A 40 41.85 2.19 -17.97
CA ASN A 40 42.07 0.90 -18.52
C ASN A 40 40.80 0.37 -19.11
N LYS A 41 40.77 0.26 -20.42
CA LYS A 41 39.62 -0.29 -21.12
C LYS A 41 38.42 0.58 -21.28
N ILE A 42 38.56 1.85 -21.00
CA ILE A 42 37.45 2.76 -21.13
C ILE A 42 37.83 3.97 -21.93
N TRP A 43 37.42 4.02 -23.17
CA TRP A 43 37.72 5.15 -24.02
C TRP A 43 36.56 6.10 -24.13
N VAL A 44 36.86 7.33 -24.45
CA VAL A 44 35.86 8.35 -24.59
C VAL A 44 36.01 9.12 -25.88
N ILE A 45 35.03 9.02 -26.75
CA ILE A 45 35.06 9.72 -28.02
C ILE A 45 34.04 10.84 -27.98
N PRO A 46 34.50 12.08 -27.92
CA PRO A 46 33.49 13.12 -27.88
C PRO A 46 32.88 13.50 -29.21
N GLU A 47 32.41 12.53 -29.95
CA GLU A 47 31.78 12.80 -31.22
C GLU A 47 30.37 12.31 -31.13
N ARG A 48 29.52 12.72 -32.05
CA ARG A 48 28.16 12.26 -32.05
C ARG A 48 28.22 10.89 -32.65
N ASP A 49 27.52 9.93 -32.09
CA ASP A 49 27.60 8.62 -32.67
C ASP A 49 27.01 8.67 -34.03
N THR A 50 27.89 8.81 -35.00
CA THR A 50 27.52 8.91 -36.37
C THR A 50 28.13 7.74 -37.07
N PHE A 51 29.10 7.14 -36.44
CA PHE A 51 29.83 6.04 -36.98
C PHE A 51 29.20 4.72 -36.77
N THR A 52 28.86 4.44 -35.54
CA THR A 52 28.27 3.18 -35.19
C THR A 52 27.18 2.73 -36.10
N ASN A 53 26.31 3.63 -36.49
CA ASN A 53 25.22 3.27 -37.36
C ASN A 53 25.28 4.02 -38.64
N PRO A 54 25.20 3.31 -39.76
CA PRO A 54 25.24 3.96 -41.05
C PRO A 54 23.98 4.77 -41.27
N GLU A 55 22.87 4.21 -40.91
CA GLU A 55 21.61 4.87 -41.04
C GLU A 55 21.37 5.87 -39.95
N GLU A 56 22.43 6.44 -39.42
CA GLU A 56 22.29 7.41 -38.36
C GLU A 56 23.28 8.54 -38.44
N GLY A 57 23.73 8.84 -39.64
CA GLY A 57 24.67 9.89 -39.81
C GLY A 57 24.00 11.24 -39.85
N ASP A 58 22.70 11.23 -40.01
CA ASP A 58 21.93 12.44 -40.07
C ASP A 58 21.48 12.84 -38.70
N LEU A 59 21.99 13.94 -38.21
CA LEU A 59 21.65 14.40 -36.91
C LEU A 59 20.52 15.39 -36.88
N ASN A 60 19.72 15.40 -37.91
CA ASN A 60 18.62 16.31 -37.96
C ASN A 60 17.36 15.64 -37.51
N PRO A 61 16.43 16.40 -36.95
CA PRO A 61 15.19 15.81 -36.49
C PRO A 61 14.33 15.42 -37.64
N PRO A 62 13.58 14.37 -37.48
CA PRO A 62 12.69 13.84 -38.49
C PRO A 62 11.37 14.56 -38.62
N PRO A 63 10.91 14.76 -39.83
CA PRO A 63 9.65 15.45 -40.00
C PRO A 63 8.54 14.82 -39.20
N GLU A 64 8.69 13.55 -38.89
CA GLU A 64 7.74 12.82 -38.08
C GLU A 64 8.39 12.59 -36.74
N ALA A 65 7.63 12.74 -35.68
CA ALA A 65 8.19 12.56 -34.36
C ALA A 65 8.21 11.15 -33.88
N LYS A 66 9.29 10.78 -33.19
CA LYS A 66 9.40 9.45 -32.64
C LYS A 66 8.58 9.41 -31.41
N GLN A 67 7.84 8.33 -31.25
CA GLN A 67 6.93 8.16 -30.14
C GLN A 67 7.60 7.94 -28.81
N VAL A 68 8.07 9.03 -28.25
CA VAL A 68 8.75 9.03 -27.00
C VAL A 68 8.30 10.26 -26.28
N PRO A 69 8.16 10.18 -24.97
CA PRO A 69 7.73 11.36 -24.26
C PRO A 69 8.66 12.53 -24.41
N VAL A 70 9.94 12.28 -24.46
CA VAL A 70 10.88 13.36 -24.62
C VAL A 70 11.87 13.11 -25.72
N SER A 71 12.35 14.18 -26.29
CA SER A 71 13.34 14.10 -27.33
C SER A 71 13.90 15.46 -27.55
N TYR A 72 15.07 15.51 -28.11
CA TYR A 72 15.68 16.78 -28.32
C TYR A 72 16.73 16.67 -29.37
N TYR A 73 16.76 17.66 -30.24
CA TYR A 73 17.73 17.67 -31.30
C TYR A 73 18.46 18.98 -31.38
N ASP A 74 19.63 18.94 -31.96
CA ASP A 74 20.43 20.10 -32.13
C ASP A 74 21.60 19.75 -32.99
N SER A 75 21.34 19.52 -34.25
CA SER A 75 22.36 19.18 -35.21
C SER A 75 23.74 19.65 -34.84
N THR A 76 23.84 20.85 -34.33
CA THR A 76 25.12 21.41 -33.97
C THR A 76 25.78 21.00 -32.67
N TYR A 77 25.04 20.40 -31.76
CA TYR A 77 25.61 20.01 -30.50
C TYR A 77 26.85 19.16 -30.63
N LEU A 78 27.86 19.52 -29.88
CA LEU A 78 29.13 18.82 -29.86
C LEU A 78 29.94 18.94 -31.12
N SER A 79 29.78 20.02 -31.84
CA SER A 79 30.51 20.23 -33.06
C SER A 79 31.82 20.90 -32.79
N THR A 80 31.79 22.04 -32.13
CA THR A 80 33.00 22.75 -31.81
C THR A 80 33.97 21.92 -31.02
N ASP A 81 35.22 22.30 -31.07
CA ASP A 81 36.27 21.62 -30.37
C ASP A 81 36.19 21.84 -28.90
N ASN A 82 35.50 22.88 -28.53
CA ASN A 82 35.32 23.23 -27.15
C ASN A 82 34.30 22.34 -26.51
N GLU A 83 33.22 22.13 -27.21
CA GLU A 83 32.17 21.27 -26.74
C GLU A 83 32.68 19.91 -26.41
N LYS A 84 33.63 19.45 -27.20
CA LYS A 84 34.22 18.17 -26.99
C LYS A 84 34.87 18.18 -25.64
N ASP A 85 35.75 19.13 -25.43
CA ASP A 85 36.44 19.26 -24.20
C ASP A 85 35.49 19.29 -23.03
N ASN A 86 34.43 20.05 -23.14
CA ASN A 86 33.46 20.10 -22.06
C ASN A 86 32.79 18.76 -21.91
N TYR A 87 32.65 18.05 -23.00
CA TYR A 87 32.03 16.77 -22.96
C TYR A 87 32.99 15.86 -22.30
N LEU A 88 34.24 16.06 -22.59
CA LEU A 88 35.26 15.24 -22.02
C LEU A 88 35.30 15.51 -20.56
N LYS A 89 35.29 16.77 -20.19
CA LYS A 89 35.32 17.14 -18.80
C LYS A 89 34.14 16.60 -18.03
N GLY A 90 33.00 16.53 -18.65
CA GLY A 90 31.83 16.03 -17.99
C GLY A 90 31.71 14.54 -17.89
N VAL A 91 31.88 13.83 -18.97
CA VAL A 91 31.78 12.39 -18.93
C VAL A 91 32.67 11.85 -17.85
N THR A 92 33.78 12.52 -17.64
CA THR A 92 34.73 12.13 -16.64
C THR A 92 34.20 12.35 -15.26
N LYS A 93 33.88 13.57 -14.95
CA LYS A 93 33.36 14.00 -13.67
C LYS A 93 32.25 13.13 -13.17
N LEU A 94 31.57 12.47 -14.07
CA LEU A 94 30.50 11.62 -13.67
C LEU A 94 31.01 10.23 -13.39
N PHE A 95 32.12 9.89 -13.97
CA PHE A 95 32.72 8.60 -13.72
C PHE A 95 33.30 8.72 -12.33
N GLU A 96 33.81 9.88 -12.03
CA GLU A 96 34.37 10.17 -10.74
C GLU A 96 33.25 10.18 -9.74
N ARG A 97 32.10 10.59 -10.17
CA ARG A 97 30.98 10.63 -9.29
C ARG A 97 30.58 9.22 -8.99
N ILE A 98 30.38 8.43 -10.01
CA ILE A 98 29.98 7.07 -9.84
C ILE A 98 31.03 6.36 -9.04
N TYR A 99 32.26 6.64 -9.37
CA TYR A 99 33.38 6.01 -8.72
C TYR A 99 33.54 6.33 -7.27
N SER A 100 33.01 7.44 -6.84
CA SER A 100 33.13 7.83 -5.47
C SER A 100 32.07 7.21 -4.62
N THR A 101 31.48 6.13 -5.06
CA THR A 101 30.46 5.49 -4.29
C THR A 101 30.73 4.02 -4.21
N ASP A 102 30.56 3.44 -3.05
CA ASP A 102 30.82 2.05 -2.87
C ASP A 102 30.22 1.24 -3.94
N LEU A 103 28.97 1.48 -4.22
CA LEU A 103 28.29 0.78 -5.27
C LEU A 103 28.96 1.12 -6.59
N GLY A 104 29.21 2.38 -6.79
CA GLY A 104 29.85 2.80 -7.98
C GLY A 104 31.14 2.06 -8.14
N ARG A 105 32.00 2.17 -7.16
CA ARG A 105 33.29 1.54 -7.18
C ARG A 105 33.32 0.10 -7.61
N MET A 106 32.40 -0.69 -7.10
CA MET A 106 32.32 -2.07 -7.46
C MET A 106 32.02 -2.22 -8.94
N LEU A 107 30.94 -1.61 -9.39
CA LEU A 107 30.50 -1.67 -10.77
C LEU A 107 31.54 -1.34 -11.81
N LEU A 108 32.30 -0.29 -11.59
CA LEU A 108 33.31 0.08 -12.55
C LEU A 108 34.44 -0.93 -12.60
N THR A 109 34.55 -1.73 -11.57
CA THR A 109 35.56 -2.75 -11.48
C THR A 109 35.12 -4.01 -12.18
N SER A 110 33.83 -4.19 -12.29
CA SER A 110 33.29 -5.32 -12.99
C SER A 110 33.25 -4.95 -14.45
N ILE A 111 32.98 -3.70 -14.74
CA ILE A 111 32.94 -3.25 -16.09
C ILE A 111 34.29 -3.31 -16.73
N VAL A 112 35.30 -2.90 -16.03
CA VAL A 112 36.64 -2.93 -16.56
C VAL A 112 37.14 -4.36 -16.65
N ARG A 113 36.60 -5.17 -15.78
CA ARG A 113 36.92 -6.55 -15.69
C ARG A 113 36.08 -7.36 -16.65
N GLY A 114 35.06 -6.74 -17.21
CA GLY A 114 34.18 -7.39 -18.12
C GLY A 114 34.86 -8.23 -19.16
N ILE A 115 35.59 -7.59 -20.04
CA ILE A 115 36.35 -8.26 -21.07
C ILE A 115 35.61 -9.28 -21.85
N PRO A 116 35.28 -8.96 -23.08
CA PRO A 116 34.57 -9.87 -23.93
C PRO A 116 35.33 -11.15 -24.08
N PHE A 117 34.67 -12.26 -23.85
CA PHE A 117 35.29 -13.55 -23.97
C PHE A 117 35.96 -13.67 -25.29
N TRP A 118 36.95 -14.52 -25.38
CA TRP A 118 37.65 -14.70 -26.62
C TRP A 118 37.00 -15.76 -27.45
N GLY A 119 36.00 -15.36 -28.19
CA GLY A 119 35.29 -16.26 -29.06
C GLY A 119 36.03 -16.43 -30.34
N GLY A 120 35.66 -15.66 -31.35
CA GLY A 120 36.31 -15.76 -32.63
C GLY A 120 36.54 -17.17 -33.09
N SER A 121 35.82 -18.07 -32.48
CA SER A 121 35.87 -19.48 -32.72
C SER A 121 36.78 -19.97 -33.81
N THR A 122 38.06 -19.89 -33.56
CA THR A 122 39.03 -20.36 -34.52
C THR A 122 39.42 -21.75 -34.12
N ILE A 123 38.72 -22.73 -34.65
CA ILE A 123 39.00 -24.09 -34.31
C ILE A 123 38.57 -24.20 -32.87
N ASP A 124 37.79 -25.20 -32.57
CA ASP A 124 37.32 -25.41 -31.23
C ASP A 124 38.36 -25.03 -30.20
N THR A 125 39.31 -25.90 -30.01
CA THR A 125 40.40 -25.76 -29.07
C THR A 125 41.18 -24.48 -29.00
N GLU A 126 41.02 -23.60 -29.97
CA GLU A 126 41.76 -22.36 -29.98
C GLU A 126 40.98 -21.19 -29.40
N LEU A 127 41.67 -20.20 -28.92
CA LEU A 127 41.07 -19.01 -28.37
C LEU A 127 41.47 -17.90 -29.30
N LYS A 128 40.66 -16.88 -29.40
CA LYS A 128 40.96 -15.78 -30.29
C LYS A 128 40.10 -14.57 -30.00
N VAL A 129 40.53 -13.42 -30.44
CA VAL A 129 39.78 -12.21 -30.20
C VAL A 129 38.79 -11.89 -31.29
N ILE A 130 37.62 -11.48 -30.89
CA ILE A 130 36.61 -11.07 -31.83
C ILE A 130 36.99 -9.64 -32.07
N ASP A 131 37.58 -9.41 -33.24
CA ASP A 131 38.07 -8.12 -33.64
C ASP A 131 37.11 -7.01 -33.44
N THR A 132 35.86 -7.36 -33.41
CA THR A 132 34.83 -6.39 -33.23
C THR A 132 34.81 -5.89 -31.81
N ASN A 133 35.67 -6.43 -30.99
CA ASN A 133 35.75 -6.04 -29.61
C ASN A 133 37.00 -5.28 -29.30
N CYS A 134 37.72 -4.87 -30.32
CA CYS A 134 38.93 -4.10 -30.17
C CYS A 134 38.76 -2.88 -30.99
N ILE A 135 39.79 -2.08 -31.05
CA ILE A 135 39.80 -0.87 -31.83
C ILE A 135 41.17 -0.68 -32.38
N ASN A 136 41.29 0.02 -33.48
CA ASN A 136 42.61 0.26 -33.98
C ASN A 136 42.95 1.61 -33.44
N VAL A 137 44.16 1.75 -32.96
CA VAL A 137 44.61 2.99 -32.40
C VAL A 137 45.71 3.55 -33.25
N ILE A 138 45.48 4.69 -33.85
CA ILE A 138 46.47 5.31 -34.67
C ILE A 138 47.59 5.87 -33.83
N GLN A 139 48.79 5.46 -34.11
CA GLN A 139 49.93 5.94 -33.38
C GLN A 139 50.46 7.14 -34.11
N PRO A 140 51.24 7.98 -33.44
CA PRO A 140 51.79 9.16 -34.05
C PRO A 140 52.55 8.91 -35.34
N ASP A 141 53.39 7.89 -35.33
CA ASP A 141 54.17 7.58 -36.49
C ASP A 141 53.31 6.99 -37.57
N GLY A 142 52.06 7.35 -37.58
CA GLY A 142 51.16 6.87 -38.59
C GLY A 142 50.89 5.40 -38.55
N SER A 143 51.46 4.71 -37.60
CA SER A 143 51.24 3.29 -37.49
C SER A 143 49.87 3.05 -36.92
N TYR A 144 49.70 1.90 -36.31
CA TYR A 144 48.46 1.56 -35.67
C TYR A 144 48.53 0.17 -35.11
N ARG A 145 48.10 0.05 -33.87
CA ARG A 145 48.11 -1.21 -33.19
C ARG A 145 46.74 -1.50 -32.64
N SER A 146 46.22 -2.66 -32.96
CA SER A 146 44.91 -3.03 -32.50
C SER A 146 44.94 -3.09 -31.00
N GLU A 147 43.86 -2.72 -30.37
CA GLU A 147 43.79 -2.75 -28.94
C GLU A 147 42.46 -3.27 -28.47
N GLU A 148 42.44 -4.05 -27.42
CA GLU A 148 41.18 -4.54 -26.89
C GLU A 148 40.49 -3.43 -26.13
N LEU A 149 39.19 -3.39 -26.23
CA LEU A 149 38.40 -2.37 -25.60
C LEU A 149 37.39 -3.01 -24.73
N ASN A 150 36.73 -2.23 -23.90
CA ASN A 150 35.74 -2.77 -23.01
C ASN A 150 34.44 -2.03 -22.92
N LEU A 151 34.53 -0.72 -22.96
CA LEU A 151 33.39 0.16 -22.86
C LEU A 151 33.86 1.48 -23.40
N VAL A 152 33.07 2.05 -24.26
CA VAL A 152 33.37 3.32 -24.88
C VAL A 152 32.17 4.22 -24.76
N ILE A 153 32.41 5.50 -24.62
CA ILE A 153 31.37 6.49 -24.48
C ILE A 153 31.43 7.44 -25.66
N ILE A 154 30.42 7.47 -26.51
CA ILE A 154 30.40 8.38 -27.64
C ILE A 154 29.33 9.37 -27.34
N GLY A 155 29.24 10.39 -28.16
CA GLY A 155 28.22 11.38 -28.00
C GLY A 155 26.94 10.86 -28.55
N PRO A 156 25.81 11.45 -28.20
CA PRO A 156 24.54 10.98 -28.70
C PRO A 156 24.41 11.17 -30.18
N SER A 157 23.55 10.41 -30.78
CA SER A 157 23.35 10.51 -32.20
C SER A 157 22.41 11.64 -32.54
N ALA A 158 21.34 11.34 -33.23
CA ALA A 158 20.39 12.34 -33.61
C ALA A 158 19.75 12.93 -32.40
N ASP A 159 18.91 12.15 -31.76
CA ASP A 159 18.19 12.56 -30.58
C ASP A 159 19.08 12.66 -29.36
N ILE A 160 19.73 13.79 -29.20
CA ILE A 160 20.64 14.03 -28.10
C ILE A 160 20.43 13.33 -26.80
N ILE A 161 19.21 13.22 -26.33
CA ILE A 161 19.02 12.55 -25.07
C ILE A 161 18.55 11.14 -25.20
N GLN A 162 19.00 10.47 -26.23
CA GLN A 162 18.63 9.09 -26.35
C GLN A 162 19.85 8.29 -26.06
N PHE A 163 20.15 8.18 -24.79
CA PHE A 163 21.27 7.45 -24.29
C PHE A 163 20.92 6.02 -24.38
N GLU A 164 21.87 5.17 -24.70
CA GLU A 164 21.63 3.77 -24.82
C GLU A 164 22.87 2.98 -25.07
N CYS A 165 22.82 1.70 -24.83
CA CYS A 165 23.98 0.86 -25.03
C CYS A 165 24.02 0.30 -26.42
N LYS A 166 25.14 0.42 -27.08
CA LYS A 166 25.27 -0.10 -28.43
C LYS A 166 26.47 -1.01 -28.60
N SER A 167 26.23 -2.24 -29.00
CA SER A 167 27.30 -3.19 -29.20
C SER A 167 27.25 -3.82 -30.58
N PHE A 168 28.39 -4.15 -31.15
CA PHE A 168 28.38 -4.79 -32.45
C PHE A 168 28.16 -6.25 -32.26
N GLY A 169 27.39 -6.83 -33.15
CA GLY A 169 27.09 -8.22 -33.04
C GLY A 169 28.03 -9.14 -33.72
N HIS A 170 27.65 -10.38 -33.74
CA HIS A 170 28.46 -11.41 -34.32
C HIS A 170 27.66 -12.12 -35.37
N GLU A 171 28.37 -12.75 -36.29
CA GLU A 171 27.77 -13.48 -37.36
C GLU A 171 26.89 -14.58 -36.86
N VAL A 172 27.21 -15.16 -35.73
CA VAL A 172 26.39 -16.22 -35.21
C VAL A 172 26.43 -16.29 -33.72
N LEU A 173 26.79 -15.21 -33.08
CA LEU A 173 26.85 -15.22 -31.66
C LEU A 173 26.12 -14.11 -30.97
N ASN A 174 25.45 -14.44 -29.89
CA ASN A 174 24.76 -13.46 -29.11
C ASN A 174 25.71 -13.04 -28.01
N LEU A 175 26.72 -12.28 -28.38
CA LEU A 175 27.74 -11.81 -27.50
C LEU A 175 27.23 -11.05 -26.32
N THR A 176 25.94 -10.86 -26.26
CA THR A 176 25.37 -10.11 -25.18
C THR A 176 24.43 -10.93 -24.36
N ARG A 177 24.07 -12.08 -24.89
CA ARG A 177 23.15 -12.91 -24.20
C ARG A 177 23.60 -14.33 -24.12
N ASN A 178 24.87 -14.56 -24.38
CA ASN A 178 25.38 -15.90 -24.30
C ASN A 178 26.47 -16.05 -23.28
N GLY A 179 26.85 -14.97 -22.65
CA GLY A 179 27.86 -15.02 -21.66
C GLY A 179 29.14 -14.39 -22.09
N TYR A 180 29.37 -14.33 -23.39
CA TYR A 180 30.58 -13.74 -23.89
C TYR A 180 30.78 -12.29 -23.57
N GLY A 181 29.77 -11.49 -23.80
CA GLY A 181 29.93 -10.09 -23.55
C GLY A 181 30.73 -9.50 -24.67
N SER A 182 30.54 -8.24 -24.94
CA SER A 182 31.23 -7.57 -26.02
C SER A 182 31.38 -6.11 -25.74
N THR A 183 32.37 -5.49 -26.31
CA THR A 183 32.60 -4.08 -26.08
C THR A 183 31.36 -3.26 -26.26
N GLN A 184 31.11 -2.37 -25.31
CA GLN A 184 29.94 -1.53 -25.33
C GLN A 184 30.19 -0.10 -25.67
N TYR A 185 29.32 0.46 -26.49
CA TYR A 185 29.39 1.84 -26.89
C TYR A 185 28.20 2.54 -26.32
N ILE A 186 28.43 3.32 -25.30
CA ILE A 186 27.37 4.03 -24.64
C ILE A 186 27.16 5.40 -25.20
N ARG A 187 26.02 5.59 -25.83
CA ARG A 187 25.65 6.86 -26.38
C ARG A 187 25.12 7.63 -25.22
N PHE A 188 25.87 8.61 -24.79
CA PHE A 188 25.51 9.38 -23.65
C PHE A 188 26.03 10.80 -23.75
N SER A 189 25.33 11.72 -23.14
CA SER A 189 25.73 13.09 -23.13
C SER A 189 25.52 13.64 -21.75
N PRO A 190 26.49 14.36 -21.24
CA PRO A 190 26.33 14.91 -19.93
C PRO A 190 25.93 16.35 -19.99
N ASP A 191 25.33 16.77 -21.09
CA ASP A 191 24.97 18.14 -21.23
C ASP A 191 23.48 18.39 -21.25
N PHE A 192 22.71 17.36 -21.10
CA PHE A 192 21.28 17.50 -21.11
C PHE A 192 20.74 16.53 -20.13
N THR A 193 19.61 16.82 -19.53
CA THR A 193 19.04 15.90 -18.59
C THR A 193 17.57 15.89 -18.75
N PHE A 194 16.91 15.06 -18.00
CA PHE A 194 15.48 14.97 -18.05
C PHE A 194 14.91 15.55 -16.79
N GLY A 195 13.83 16.26 -16.90
CA GLY A 195 13.21 16.78 -15.72
C GLY A 195 12.08 15.87 -15.39
N PHE A 196 11.82 15.64 -14.13
CA PHE A 196 10.75 14.76 -13.72
C PHE A 196 10.05 15.36 -12.53
N GLU A 197 8.92 14.79 -12.18
CA GLU A 197 8.16 15.31 -11.08
C GLU A 197 7.98 14.34 -9.95
N GLU A 198 8.01 14.87 -8.75
CA GLU A 198 7.90 14.10 -7.55
C GLU A 198 6.55 14.25 -6.91
N SER A 199 6.14 13.29 -6.14
CA SER A 199 4.87 13.35 -5.46
C SER A 199 4.83 12.32 -4.37
N LEU A 200 5.99 12.06 -3.81
CA LEU A 200 6.13 11.11 -2.75
C LEU A 200 7.04 11.61 -1.69
N GLU A 201 8.20 12.05 -2.09
CA GLU A 201 9.19 12.54 -1.16
C GLU A 201 8.64 13.52 -0.17
N VAL A 202 7.52 14.13 -0.51
CA VAL A 202 6.87 15.08 0.34
C VAL A 202 6.76 14.57 1.75
N ASP A 203 6.59 13.27 1.87
CA ASP A 203 6.45 12.65 3.16
C ASP A 203 7.66 12.91 4.01
N THR A 204 8.82 12.81 3.40
CA THR A 204 10.05 13.03 4.11
C THR A 204 10.52 14.44 3.99
N ASN A 205 10.24 15.04 2.86
CA ASN A 205 10.60 16.42 2.62
C ASN A 205 9.32 17.21 2.53
N PRO A 206 8.97 17.89 3.60
CA PRO A 206 7.76 18.68 3.64
C PRO A 206 7.74 19.87 2.72
N LEU A 207 8.90 20.43 2.47
CA LEU A 207 9.01 21.59 1.62
C LEU A 207 9.64 21.26 0.30
N LEU A 208 9.28 20.14 -0.25
CA LEU A 208 9.81 19.70 -1.51
C LEU A 208 9.78 20.77 -2.55
N GLY A 209 10.72 20.70 -3.46
CA GLY A 209 10.84 21.65 -4.52
C GLY A 209 9.60 22.18 -5.19
N ALA A 210 9.82 23.20 -5.99
CA ALA A 210 8.77 23.87 -6.71
C ALA A 210 8.01 23.02 -7.68
N GLY A 211 8.69 22.54 -8.69
CA GLY A 211 8.02 21.74 -9.68
C GLY A 211 8.79 20.56 -10.20
N LYS A 212 9.14 20.60 -11.46
CA LYS A 212 9.89 19.53 -12.04
C LYS A 212 11.32 19.54 -11.56
N PHE A 213 11.81 18.36 -11.23
CA PHE A 213 13.16 18.19 -10.78
C PHE A 213 14.03 17.65 -11.86
N ALA A 214 15.32 17.79 -11.67
CA ALA A 214 16.27 17.31 -12.63
C ALA A 214 16.83 15.99 -12.18
N THR A 215 17.29 15.22 -13.12
CA THR A 215 17.87 13.93 -12.89
C THR A 215 19.37 13.97 -12.89
N ASP A 216 19.97 13.71 -11.75
CA ASP A 216 21.40 13.73 -11.65
C ASP A 216 22.02 12.93 -12.77
N PRO A 217 22.85 13.55 -13.59
CA PRO A 217 23.48 12.85 -14.69
C PRO A 217 24.16 11.58 -14.30
N ALA A 218 24.70 11.52 -13.10
CA ALA A 218 25.38 10.35 -12.62
C ALA A 218 24.49 9.12 -12.67
N VAL A 219 23.27 9.24 -12.19
CA VAL A 219 22.34 8.14 -12.23
C VAL A 219 22.14 7.67 -13.64
N THR A 220 21.91 8.58 -14.54
CA THR A 220 21.71 8.22 -15.90
C THR A 220 22.89 7.50 -16.43
N LEU A 221 24.07 7.98 -16.14
CA LEU A 221 25.23 7.30 -16.62
C LEU A 221 25.33 5.99 -15.92
N ALA A 222 25.07 5.98 -14.63
CA ALA A 222 25.14 4.77 -13.86
C ALA A 222 24.16 3.75 -14.38
N HIS A 223 23.07 4.22 -14.90
CA HIS A 223 22.05 3.37 -15.44
C HIS A 223 22.56 2.71 -16.69
N GLN A 224 23.25 3.47 -17.51
CA GLN A 224 23.78 2.98 -18.75
C GLN A 224 24.94 2.03 -18.58
N LEU A 225 25.68 2.17 -17.51
CA LEU A 225 26.80 1.29 -17.24
C LEU A 225 26.25 0.01 -16.73
N ILE A 226 25.26 0.11 -15.88
CA ILE A 226 24.63 -1.07 -15.36
C ILE A 226 24.20 -1.89 -16.54
N HIS A 227 24.11 -1.27 -17.70
CA HIS A 227 23.74 -1.98 -18.89
C HIS A 227 24.92 -2.55 -19.57
N ALA A 228 25.99 -1.79 -19.62
CA ALA A 228 27.18 -2.28 -20.25
C ALA A 228 27.66 -3.46 -19.44
N GLY A 229 27.40 -3.41 -18.15
CA GLY A 229 27.78 -4.47 -17.27
C GLY A 229 27.15 -5.77 -17.67
N HIS A 230 25.85 -5.75 -17.85
CA HIS A 230 25.09 -6.91 -18.24
C HIS A 230 25.54 -7.45 -19.54
N ARG A 231 25.86 -6.57 -20.45
CA ARG A 231 26.28 -6.98 -21.75
C ARG A 231 27.69 -7.47 -21.77
N LEU A 232 28.56 -6.82 -21.03
CA LEU A 232 29.93 -7.23 -20.96
C LEU A 232 30.03 -8.66 -20.44
N TYR A 233 29.16 -8.99 -19.53
CA TYR A 233 29.12 -10.32 -18.97
C TYR A 233 28.17 -11.19 -19.74
N GLY A 234 27.77 -10.71 -20.90
CA GLY A 234 26.85 -11.43 -21.73
C GLY A 234 25.68 -11.95 -20.95
N ILE A 235 25.00 -11.08 -20.26
CA ILE A 235 23.90 -11.49 -19.45
C ILE A 235 22.64 -10.69 -19.74
N ALA A 236 22.73 -9.83 -20.74
CA ALA A 236 21.62 -8.99 -21.11
C ALA A 236 20.48 -9.84 -21.49
N ILE A 237 19.30 -9.45 -21.09
CA ILE A 237 18.12 -10.21 -21.40
C ILE A 237 17.76 -9.92 -22.82
N ASN A 238 17.13 -10.88 -23.47
CA ASN A 238 16.75 -10.70 -24.83
C ASN A 238 15.88 -9.49 -24.92
N PRO A 239 16.10 -8.65 -25.92
CA PRO A 239 15.22 -7.52 -25.92
C PRO A 239 13.91 -7.88 -26.54
N ASN A 240 13.74 -9.15 -26.78
CA ASN A 240 12.50 -9.62 -27.32
C ASN A 240 11.61 -9.90 -26.15
N ARG A 241 12.16 -9.75 -24.98
CA ARG A 241 11.41 -9.95 -23.76
C ARG A 241 10.91 -8.63 -23.28
N VAL A 242 9.67 -8.37 -23.58
CA VAL A 242 9.06 -7.14 -23.21
C VAL A 242 7.81 -7.36 -22.43
N PHE A 243 7.59 -6.51 -21.47
CA PHE A 243 6.44 -6.54 -20.64
C PHE A 243 5.28 -6.06 -21.49
N LYS A 244 4.51 -6.97 -22.04
CA LYS A 244 3.39 -6.60 -22.87
C LYS A 244 2.39 -5.70 -22.19
N VAL A 245 1.86 -4.78 -22.94
CA VAL A 245 0.91 -3.82 -22.43
C VAL A 245 -0.36 -3.78 -23.24
N ASN A 246 -1.49 -3.81 -22.57
CA ASN A 246 -2.77 -3.74 -23.23
C ASN A 246 -2.97 -2.33 -23.69
N THR A 247 -3.37 -2.15 -24.93
CA THR A 247 -3.56 -0.82 -25.43
C THR A 247 -4.97 -0.39 -25.75
N ASN A 248 -5.80 -1.31 -26.15
CA ASN A 248 -7.17 -1.01 -26.49
C ASN A 248 -8.00 -0.67 -25.29
N ALA A 249 -8.20 0.60 -25.08
CA ALA A 249 -8.99 1.15 -23.99
C ALA A 249 -8.69 2.61 -23.94
N TYR A 250 -9.65 3.41 -23.57
CA TYR A 250 -9.45 4.82 -23.53
C TYR A 250 -8.47 5.25 -22.46
N TYR A 251 -8.30 4.42 -21.46
CA TYR A 251 -7.40 4.71 -20.37
C TYR A 251 -6.04 4.10 -20.50
N GLU A 252 -5.90 3.12 -21.36
CA GLU A 252 -4.65 2.46 -21.57
C GLU A 252 -3.68 3.23 -22.43
N MET A 253 -2.41 2.98 -22.22
CA MET A 253 -1.35 3.61 -22.96
C MET A 253 -1.29 3.11 -24.36
N SER A 254 -1.44 4.02 -25.30
CA SER A 254 -1.41 3.70 -26.70
C SER A 254 -0.30 2.78 -27.07
N GLY A 255 0.85 3.01 -26.50
CA GLY A 255 1.98 2.18 -26.81
C GLY A 255 3.12 2.45 -25.88
N LEU A 256 3.89 1.42 -25.61
CA LEU A 256 5.02 1.48 -24.72
C LEU A 256 5.47 0.08 -24.45
N GLU A 257 6.72 -0.22 -24.67
CA GLU A 257 7.18 -1.56 -24.42
C GLU A 257 8.48 -1.67 -23.68
N VAL A 258 8.40 -1.60 -22.38
CA VAL A 258 9.52 -1.72 -21.49
C VAL A 258 10.08 -3.10 -21.60
N SER A 259 11.38 -3.23 -21.61
CA SER A 259 12.00 -4.51 -21.71
C SER A 259 12.35 -5.02 -20.34
N PHE A 260 12.45 -6.31 -20.20
CA PHE A 260 12.78 -6.89 -18.94
C PHE A 260 14.15 -6.41 -18.52
N GLU A 261 15.03 -6.24 -19.47
CA GLU A 261 16.36 -5.79 -19.19
C GLU A 261 16.33 -4.36 -18.81
N GLU A 262 15.17 -3.78 -18.87
CA GLU A 262 15.05 -2.40 -18.54
C GLU A 262 14.44 -2.30 -17.19
N LEU A 263 13.59 -3.24 -16.89
CA LEU A 263 12.94 -3.29 -15.62
C LEU A 263 13.94 -3.86 -14.66
N ARG A 264 14.81 -4.71 -15.17
CA ARG A 264 15.88 -5.32 -14.42
C ARG A 264 16.83 -4.22 -14.01
N THR A 265 17.40 -3.54 -14.98
CA THR A 265 18.33 -2.48 -14.71
C THR A 265 17.83 -1.40 -13.79
N PHE A 266 16.56 -1.09 -13.81
CA PHE A 266 16.12 -0.05 -12.94
C PHE A 266 16.19 -0.53 -11.54
N GLY A 267 15.58 -1.67 -11.29
CA GLY A 267 15.56 -2.23 -9.99
C GLY A 267 14.31 -1.90 -9.25
N GLY A 268 14.46 -1.28 -8.10
CA GLY A 268 13.33 -0.93 -7.29
C GLY A 268 12.26 -1.95 -7.43
N HIS A 269 11.03 -1.50 -7.51
CA HIS A 269 9.91 -2.40 -7.65
C HIS A 269 9.76 -2.89 -9.07
N ASP A 270 10.06 -2.02 -10.02
CA ASP A 270 9.95 -2.34 -11.41
C ASP A 270 10.44 -3.72 -11.65
N ALA A 271 11.62 -3.99 -11.18
CA ALA A 271 12.24 -5.26 -11.33
C ALA A 271 11.43 -6.34 -10.71
N LYS A 272 10.53 -5.98 -9.84
CA LYS A 272 9.69 -6.94 -9.20
C LYS A 272 8.52 -7.30 -10.08
N PHE A 273 8.36 -6.62 -11.19
CA PHE A 273 7.26 -6.93 -12.06
C PHE A 273 7.51 -8.26 -12.67
N ILE A 274 8.76 -8.68 -12.72
CA ILE A 274 9.06 -9.96 -13.32
C ILE A 274 8.84 -11.16 -12.43
N ASP A 275 7.89 -11.98 -12.80
CA ASP A 275 7.57 -13.14 -12.02
C ASP A 275 8.74 -14.07 -11.79
N SER A 276 8.72 -14.68 -10.63
CA SER A 276 9.72 -15.62 -10.18
C SER A 276 10.06 -16.66 -11.20
N LEU A 277 9.05 -17.23 -11.80
CA LEU A 277 9.28 -18.23 -12.78
C LEU A 277 10.10 -17.72 -13.94
N GLN A 278 9.91 -16.48 -14.32
CA GLN A 278 10.69 -15.95 -15.42
C GLN A 278 12.05 -15.57 -14.95
N GLU A 279 12.12 -15.24 -13.69
CA GLU A 279 13.34 -14.83 -13.07
C GLU A 279 14.32 -15.96 -13.12
N ASN A 280 13.99 -17.05 -12.49
CA ASN A 280 14.87 -18.19 -12.47
C ASN A 280 15.05 -18.75 -13.84
N GLU A 281 14.20 -18.39 -14.76
CA GLU A 281 14.32 -18.87 -16.10
C GLU A 281 15.58 -18.32 -16.64
N PHE A 282 15.79 -17.04 -16.45
CA PHE A 282 16.96 -16.39 -16.94
C PHE A 282 18.20 -16.90 -16.26
N ARG A 283 18.17 -16.96 -14.95
CA ARG A 283 19.31 -17.42 -14.20
C ARG A 283 19.88 -18.68 -14.80
N LEU A 284 19.17 -19.77 -14.66
CA LEU A 284 19.64 -21.00 -15.23
C LEU A 284 20.12 -20.78 -16.62
N TYR A 285 19.43 -19.96 -17.37
CA TYR A 285 19.84 -19.71 -18.72
C TYR A 285 21.24 -19.21 -18.82
N TYR A 286 21.57 -18.24 -18.00
CA TYR A 286 22.89 -17.67 -18.02
C TYR A 286 23.84 -18.48 -17.23
N TYR A 287 23.30 -19.23 -16.32
CA TYR A 287 24.10 -20.10 -15.51
C TYR A 287 24.64 -21.17 -16.39
N ASN A 288 23.97 -21.44 -17.48
CA ASN A 288 24.43 -22.44 -18.40
C ASN A 288 25.31 -21.84 -19.45
N LYS A 289 25.28 -20.53 -19.58
CA LYS A 289 26.11 -19.88 -20.54
C LYS A 289 27.51 -19.86 -20.03
N PHE A 290 27.63 -19.78 -18.73
CA PHE A 290 28.91 -19.77 -18.07
C PHE A 290 29.45 -21.17 -18.12
N LYS A 291 28.62 -22.13 -17.80
CA LYS A 291 29.07 -23.50 -17.81
C LYS A 291 29.69 -23.85 -19.13
N ASP A 292 29.25 -23.22 -20.17
CA ASP A 292 29.80 -23.48 -21.45
C ASP A 292 31.04 -22.66 -21.63
N ILE A 293 31.10 -21.55 -20.93
CA ILE A 293 32.25 -20.70 -21.01
C ILE A 293 33.39 -21.51 -20.47
N ALA A 294 33.15 -22.16 -19.35
CA ALA A 294 34.15 -22.97 -18.73
C ALA A 294 34.53 -24.06 -19.68
N SER A 295 33.56 -24.76 -20.21
CA SER A 295 33.84 -25.80 -21.15
C SER A 295 34.65 -25.24 -22.30
N THR A 296 34.17 -24.17 -22.89
CA THR A 296 34.87 -23.58 -23.97
C THR A 296 36.28 -23.40 -23.58
N LEU A 297 36.53 -22.85 -22.41
CA LEU A 297 37.87 -22.65 -21.95
C LEU A 297 38.60 -23.92 -21.62
N ASN A 298 37.97 -24.79 -20.86
CA ASN A 298 38.54 -26.06 -20.45
C ASN A 298 39.12 -26.88 -21.54
N LYS A 299 38.69 -26.69 -22.76
CA LYS A 299 39.24 -27.47 -23.82
C LYS A 299 40.03 -26.67 -24.80
N ALA A 300 40.49 -25.52 -24.38
CA ALA A 300 41.26 -24.65 -25.22
C ALA A 300 42.72 -24.95 -25.08
N LYS A 301 43.28 -25.57 -26.10
CA LYS A 301 44.68 -25.90 -26.09
C LYS A 301 45.51 -24.70 -26.37
N SER A 302 45.32 -24.08 -27.51
CA SER A 302 46.10 -22.91 -27.84
C SER A 302 45.37 -21.60 -27.79
N ILE A 303 46.02 -20.57 -28.27
CA ILE A 303 45.48 -19.24 -28.32
C ILE A 303 46.19 -18.45 -29.39
N VAL A 304 45.51 -18.12 -30.44
CA VAL A 304 46.10 -17.35 -31.50
C VAL A 304 45.80 -15.90 -31.35
N GLY A 305 46.79 -15.06 -31.48
CA GLY A 305 46.50 -13.67 -31.35
C GLY A 305 47.46 -12.80 -30.62
N THR A 306 47.71 -13.09 -29.37
CA THR A 306 48.62 -12.28 -28.62
C THR A 306 49.89 -12.99 -28.33
N THR A 307 50.58 -12.48 -27.36
CA THR A 307 51.81 -13.01 -26.90
C THR A 307 51.57 -13.15 -25.44
N ALA A 308 50.34 -13.43 -25.08
CA ALA A 308 49.98 -13.57 -23.70
C ALA A 308 49.65 -15.02 -23.48
N SER A 309 50.15 -15.55 -22.39
CA SER A 309 49.95 -16.94 -22.06
C SER A 309 48.52 -17.40 -22.02
N LEU A 310 48.27 -18.48 -22.72
CA LEU A 310 46.96 -19.07 -22.77
C LEU A 310 46.47 -19.15 -21.35
N GLN A 311 47.40 -19.27 -20.44
CA GLN A 311 47.06 -19.34 -19.04
C GLN A 311 46.61 -18.00 -18.61
N TYR A 312 47.35 -16.99 -18.99
CA TYR A 312 46.98 -15.67 -18.63
C TYR A 312 45.54 -15.48 -19.03
N MET A 313 45.27 -15.71 -20.30
CA MET A 313 43.95 -15.58 -20.85
C MET A 313 42.98 -16.41 -20.11
N LYS A 314 43.18 -17.70 -20.07
CA LYS A 314 42.25 -18.52 -19.34
C LYS A 314 41.98 -17.96 -17.97
N ASN A 315 42.91 -17.19 -17.44
CA ASN A 315 42.73 -16.65 -16.13
C ASN A 315 41.88 -15.42 -16.08
N VAL A 316 42.02 -14.56 -17.05
CA VAL A 316 41.25 -13.35 -17.12
C VAL A 316 39.82 -13.76 -17.08
N PHE A 317 39.47 -14.64 -17.97
CA PHE A 317 38.13 -15.09 -18.02
C PHE A 317 37.81 -15.88 -16.81
N LYS A 318 38.81 -16.35 -16.12
CA LYS A 318 38.57 -17.09 -14.91
C LYS A 318 38.11 -16.10 -13.87
N GLU A 319 38.87 -15.05 -13.71
CA GLU A 319 38.59 -14.03 -12.75
C GLU A 319 37.38 -13.21 -13.10
N LYS A 320 36.99 -13.22 -14.36
CA LYS A 320 35.84 -12.47 -14.80
C LYS A 320 34.57 -13.14 -14.42
N TYR A 321 34.39 -14.32 -14.93
CA TYR A 321 33.21 -15.09 -14.66
C TYR A 321 33.18 -15.72 -13.30
N LEU A 322 34.19 -15.49 -12.50
CA LEU A 322 34.26 -16.08 -11.18
C LEU A 322 34.23 -17.56 -11.29
N LEU A 323 35.04 -18.11 -12.17
CA LEU A 323 35.11 -19.53 -12.33
C LEU A 323 35.98 -20.11 -11.23
N SER A 324 35.88 -21.38 -11.03
CA SER A 324 36.70 -22.02 -10.05
C SER A 324 37.50 -23.03 -10.79
N GLU A 325 38.78 -23.14 -10.47
CA GLU A 325 39.64 -24.09 -11.12
C GLU A 325 40.41 -24.92 -10.14
N ASP A 326 40.57 -26.19 -10.45
CA ASP A 326 41.30 -27.07 -9.59
C ASP A 326 42.79 -26.95 -9.83
N THR A 327 43.52 -27.94 -9.41
CA THR A 327 44.95 -27.95 -9.56
C THR A 327 45.41 -28.29 -10.94
N SER A 328 44.61 -29.06 -11.63
CA SER A 328 44.93 -29.42 -12.97
C SER A 328 44.71 -28.22 -13.83
N GLY A 329 43.88 -27.33 -13.36
CA GLY A 329 43.58 -26.14 -14.08
C GLY A 329 42.29 -26.21 -14.85
N LYS A 330 41.44 -27.12 -14.45
CA LYS A 330 40.18 -27.30 -15.10
C LYS A 330 39.21 -26.35 -14.46
N PHE A 331 38.29 -25.85 -15.25
CA PHE A 331 37.31 -24.90 -14.79
C PHE A 331 35.93 -25.44 -14.61
N SER A 332 35.21 -24.88 -13.65
CA SER A 332 33.86 -25.27 -13.37
C SER A 332 33.09 -24.09 -12.85
N VAL A 333 31.78 -24.12 -13.00
CA VAL A 333 30.97 -23.03 -12.54
C VAL A 333 30.32 -23.38 -11.25
N ASP A 334 30.79 -22.79 -10.18
CA ASP A 334 30.25 -23.07 -8.88
C ASP A 334 28.92 -22.37 -8.76
N LYS A 335 27.86 -23.14 -8.80
CA LYS A 335 26.53 -22.60 -8.73
C LYS A 335 26.39 -21.55 -7.68
N LEU A 336 26.71 -21.89 -6.46
CA LEU A 336 26.63 -20.93 -5.40
C LEU A 336 27.46 -19.70 -5.63
N LYS A 337 28.57 -19.83 -6.29
CA LYS A 337 29.40 -18.68 -6.53
C LYS A 337 28.85 -17.85 -7.66
N PHE A 338 28.12 -18.49 -8.54
CA PHE A 338 27.49 -17.85 -9.69
C PHE A 338 26.34 -17.02 -9.24
N ASP A 339 25.44 -17.64 -8.52
CA ASP A 339 24.30 -16.97 -8.01
C ASP A 339 24.68 -15.65 -7.42
N LYS A 340 25.90 -15.56 -6.96
CA LYS A 340 26.38 -14.35 -6.36
C LYS A 340 26.73 -13.33 -7.40
N LEU A 341 27.61 -13.72 -8.31
CA LEU A 341 28.05 -12.85 -9.35
C LEU A 341 26.87 -12.34 -10.08
N TYR A 342 25.98 -13.24 -10.42
CA TYR A 342 24.79 -12.88 -11.12
C TYR A 342 24.02 -11.90 -10.28
N LYS A 343 23.69 -12.29 -9.08
CA LYS A 343 22.95 -11.44 -8.18
C LYS A 343 23.53 -10.07 -8.09
N MET A 344 24.80 -9.94 -8.35
CA MET A 344 25.43 -8.66 -8.27
C MET A 344 25.22 -7.87 -9.52
N LEU A 345 25.64 -8.42 -10.64
CA LEU A 345 25.49 -7.77 -11.89
C LEU A 345 24.05 -7.48 -12.13
N THR A 346 23.20 -8.24 -11.52
CA THR A 346 21.79 -8.11 -11.70
C THR A 346 20.97 -7.30 -10.73
N GLU A 347 21.09 -7.56 -9.44
CA GLU A 347 20.31 -6.86 -8.44
C GLU A 347 21.01 -5.85 -7.55
N ILE A 348 22.31 -5.96 -7.40
CA ILE A 348 23.00 -5.00 -6.58
C ILE A 348 23.21 -3.76 -7.42
N TYR A 349 23.71 -3.96 -8.61
CA TYR A 349 23.97 -2.89 -9.52
C TYR A 349 22.71 -2.51 -10.26
N THR A 350 21.92 -1.63 -9.69
CA THR A 350 20.74 -1.19 -10.35
C THR A 350 20.54 0.26 -10.07
N GLU A 351 19.82 0.94 -10.96
CA GLU A 351 19.57 2.34 -10.81
C GLU A 351 19.01 2.75 -9.48
N ASP A 352 18.07 1.99 -8.98
CA ASP A 352 17.51 2.33 -7.73
C ASP A 352 18.57 2.29 -6.68
N ASN A 353 19.38 1.25 -6.66
CA ASN A 353 20.43 1.15 -5.68
C ASN A 353 21.42 2.27 -5.72
N PHE A 354 21.60 2.89 -6.87
CA PHE A 354 22.51 3.99 -6.97
C PHE A 354 21.90 5.23 -6.40
N VAL A 355 20.61 5.35 -6.55
CA VAL A 355 19.95 6.52 -6.07
C VAL A 355 20.11 6.58 -4.58
N LYS A 356 20.58 5.51 -4.00
CA LYS A 356 20.78 5.46 -2.58
C LYS A 356 22.13 6.02 -2.24
N PHE A 357 23.14 5.55 -2.93
CA PHE A 357 24.47 6.01 -2.70
C PHE A 357 24.54 7.45 -3.06
N PHE A 358 24.13 7.82 -4.24
CA PHE A 358 24.10 9.22 -4.55
C PHE A 358 22.85 9.58 -3.78
N LYS A 359 22.89 10.54 -2.91
CA LYS A 359 21.66 10.85 -2.22
C LYS A 359 20.94 11.91 -3.00
N VAL A 360 20.34 11.51 -4.08
CA VAL A 360 19.63 12.42 -4.94
C VAL A 360 18.22 12.00 -5.07
N LEU A 361 17.43 12.88 -5.60
CA LEU A 361 16.04 12.61 -5.85
C LEU A 361 16.03 12.16 -7.28
N ASN A 362 15.22 11.19 -7.59
CA ASN A 362 15.20 10.69 -8.93
C ASN A 362 13.94 9.89 -9.12
N ALA A 363 13.65 9.49 -10.32
CA ALA A 363 12.45 8.72 -10.57
C ALA A 363 12.44 7.47 -9.74
N LYS A 364 11.29 7.14 -9.21
CA LYS A 364 11.16 5.99 -8.39
C LYS A 364 10.65 4.83 -9.16
N THR A 365 10.66 4.95 -10.46
CA THR A 365 10.21 3.88 -11.32
C THR A 365 10.47 4.17 -12.75
N PHE A 366 10.72 3.14 -13.50
CA PHE A 366 11.00 3.29 -14.89
C PHE A 366 9.76 3.67 -15.63
N LEU A 367 8.64 3.59 -14.99
CA LEU A 367 7.40 3.93 -15.62
C LEU A 367 6.93 5.30 -15.24
N ASN A 368 7.85 6.17 -14.97
CA ASN A 368 7.55 7.53 -14.61
C ASN A 368 8.16 8.37 -15.67
N PHE A 369 7.43 8.52 -16.74
CA PHE A 369 7.83 9.23 -17.89
C PHE A 369 8.24 10.67 -17.77
N ASP A 370 9.45 10.96 -18.23
CA ASP A 370 10.05 12.28 -18.22
C ASP A 370 9.25 13.28 -18.97
N LYS A 371 9.24 14.49 -18.46
CA LYS A 371 8.46 15.50 -19.09
C LYS A 371 9.27 16.68 -19.55
N ALA A 372 10.57 16.54 -19.57
CA ALA A 372 11.39 17.65 -19.98
C ALA A 372 12.80 17.33 -20.40
N VAL A 373 13.53 18.36 -20.72
CA VAL A 373 14.91 18.26 -21.12
C VAL A 373 15.50 19.50 -20.56
N PHE A 374 16.77 19.52 -20.26
CA PHE A 374 17.36 20.70 -19.70
C PHE A 374 18.77 20.76 -20.12
N LYS A 375 19.29 21.95 -20.21
CA LYS A 375 20.65 22.14 -20.61
C LYS A 375 21.41 22.45 -19.35
N ILE A 376 22.21 21.51 -18.91
CA ILE A 376 22.97 21.65 -17.70
C ILE A 376 24.44 21.80 -18.00
N ASN A 377 25.21 22.21 -17.02
CA ASN A 377 26.63 22.34 -17.18
C ASN A 377 27.37 21.94 -15.94
N ILE A 378 27.62 20.67 -15.86
CA ILE A 378 28.29 20.00 -14.78
C ILE A 378 29.73 20.32 -14.49
N VAL A 379 30.46 20.71 -15.51
CA VAL A 379 31.86 20.98 -15.33
C VAL A 379 32.26 21.91 -14.23
N PRO A 380 31.64 23.07 -14.16
CA PRO A 380 31.97 24.02 -13.13
C PRO A 380 31.62 23.53 -11.75
N LYS A 381 32.54 23.59 -10.83
CA LYS A 381 32.26 23.11 -9.50
C LYS A 381 31.11 23.84 -8.88
N VAL A 382 30.96 25.10 -9.20
CA VAL A 382 29.90 25.90 -8.66
C VAL A 382 28.54 25.34 -9.02
N ASN A 383 28.52 24.49 -10.01
CA ASN A 383 27.30 23.90 -10.47
C ASN A 383 27.03 22.54 -9.97
N TYR A 384 28.01 21.69 -10.17
CA TYR A 384 27.88 20.30 -9.86
C TYR A 384 29.18 19.78 -9.38
N THR A 385 29.15 19.14 -8.24
CA THR A 385 30.34 18.60 -7.64
C THR A 385 30.30 17.08 -7.54
N ILE A 386 31.45 16.46 -7.65
CA ILE A 386 31.56 15.03 -7.56
C ILE A 386 30.84 14.43 -6.39
N TYR A 387 30.94 15.06 -5.25
CA TYR A 387 30.31 14.56 -4.06
C TYR A 387 28.88 14.92 -3.89
N ASP A 388 28.54 16.16 -4.10
CA ASP A 388 27.18 16.58 -3.91
C ASP A 388 26.35 16.80 -5.13
N GLY A 389 26.99 16.92 -6.28
CA GLY A 389 26.25 17.15 -7.48
C GLY A 389 25.66 18.51 -7.50
N PHE A 390 24.36 18.60 -7.68
CA PHE A 390 23.70 19.88 -7.69
C PHE A 390 23.44 20.31 -6.28
N ASN A 391 23.04 19.37 -5.46
CA ASN A 391 22.76 19.64 -4.09
C ASN A 391 24.04 19.93 -3.38
N LEU A 392 24.65 21.03 -3.75
CA LEU A 392 25.90 21.45 -3.19
C LEU A 392 25.90 21.67 -1.70
N ARG A 393 27.02 21.38 -1.07
CA ARG A 393 27.18 21.60 0.35
C ARG A 393 27.00 23.06 0.60
N ASN A 394 26.48 23.38 1.76
CA ASN A 394 26.25 24.76 2.15
C ASN A 394 25.14 25.38 1.37
N THR A 395 25.38 25.58 0.10
CA THR A 395 24.42 26.17 -0.77
C THR A 395 23.05 25.77 -0.37
N ASN A 396 22.12 26.69 -0.47
CA ASN A 396 20.74 26.47 -0.12
C ASN A 396 20.19 25.27 -0.82
N LEU A 397 21.06 24.60 -1.54
CA LEU A 397 20.74 23.45 -2.30
C LEU A 397 21.28 22.24 -1.59
N ALA A 398 20.44 21.58 -0.82
CA ALA A 398 20.82 20.40 -0.06
C ALA A 398 19.85 20.19 1.04
N ALA A 399 18.82 20.99 1.05
CA ALA A 399 17.81 20.89 2.06
C ALA A 399 16.72 20.01 1.59
N ASN A 400 16.38 20.14 0.33
CA ASN A 400 15.32 19.35 -0.22
C ASN A 400 15.58 19.22 -1.69
N PHE A 401 16.69 18.60 -2.02
CA PHE A 401 17.10 18.41 -3.37
C PHE A 401 16.92 19.67 -4.17
N ASN A 402 17.15 20.79 -3.54
CA ASN A 402 17.02 22.06 -4.19
C ASN A 402 17.87 22.12 -5.41
N GLY A 403 19.07 21.62 -5.31
CA GLY A 403 19.93 21.61 -6.43
C GLY A 403 19.29 20.94 -7.61
N GLN A 404 18.39 20.01 -7.36
CA GLN A 404 17.76 19.33 -8.43
C GLN A 404 16.48 19.99 -8.88
N ASN A 405 16.01 20.96 -8.12
CA ASN A 405 14.82 21.64 -8.53
C ASN A 405 15.16 22.68 -9.56
N THR A 406 14.75 22.41 -10.78
CA THR A 406 14.99 23.26 -11.90
C THR A 406 14.45 24.66 -11.75
N GLU A 407 13.52 24.85 -10.83
CA GLU A 407 12.94 26.14 -10.56
C GLU A 407 13.73 26.89 -9.52
N ILE A 408 14.07 26.22 -8.43
CA ILE A 408 14.84 26.83 -7.37
C ILE A 408 16.22 27.00 -7.90
N ASN A 409 16.82 25.92 -8.31
CA ASN A 409 18.14 25.95 -8.87
C ASN A 409 17.98 26.28 -10.31
N ASN A 410 17.10 27.22 -10.58
CA ASN A 410 16.81 27.63 -11.92
C ASN A 410 18.05 27.96 -12.70
N MET A 411 19.00 28.57 -12.03
CA MET A 411 20.24 28.96 -12.64
C MET A 411 21.04 27.84 -13.27
N ASN A 412 20.74 26.62 -12.90
CA ASN A 412 21.48 25.53 -13.42
C ASN A 412 20.78 24.67 -14.41
N PHE A 413 19.55 24.99 -14.71
CA PHE A 413 18.85 24.23 -15.69
C PHE A 413 18.24 25.16 -16.71
N THR A 414 18.50 24.89 -17.96
CA THR A 414 18.05 25.70 -19.06
C THR A 414 17.02 25.00 -19.85
N LYS A 415 15.77 25.27 -19.54
CA LYS A 415 14.66 24.66 -20.20
C LYS A 415 14.83 24.68 -21.69
N LEU A 416 14.88 23.53 -22.28
CA LEU A 416 15.02 23.40 -23.70
C LEU A 416 13.68 23.04 -24.27
N LYS A 417 13.62 23.00 -25.58
CA LYS A 417 12.43 22.67 -26.30
C LYS A 417 12.26 21.20 -26.49
N ASN A 418 11.29 20.61 -25.87
CA ASN A 418 11.12 19.19 -26.12
C ASN A 418 10.75 19.11 -27.57
N PHE A 419 10.91 17.98 -28.19
CA PHE A 419 10.56 17.88 -29.58
C PHE A 419 9.45 16.92 -29.77
N THR A 420 8.59 16.82 -28.79
CA THR A 420 7.46 15.93 -28.89
C THR A 420 6.18 16.67 -28.56
N GLY A 421 6.16 17.92 -28.94
CA GLY A 421 5.01 18.72 -28.67
C GLY A 421 4.40 18.40 -27.35
N LEU A 422 3.11 18.18 -27.34
CA LEU A 422 2.41 17.89 -26.13
C LEU A 422 1.30 16.92 -26.41
N PHE A 423 0.92 16.82 -27.66
CA PHE A 423 -0.12 15.92 -28.06
C PHE A 423 0.22 15.12 -29.29
N GLU A 424 1.48 14.84 -29.46
CA GLU A 424 1.96 14.08 -30.58
C GLU A 424 1.29 12.73 -30.61
N PHE A 425 1.58 11.94 -29.60
CA PHE A 425 1.03 10.61 -29.44
C PHE A 425 -0.09 10.89 -28.49
N TYR A 426 -1.31 10.59 -28.87
CA TYR A 426 -2.45 10.86 -28.01
C TYR A 426 -3.64 9.97 -28.24
N LYS A 427 -4.66 10.18 -27.44
CA LYS A 427 -5.88 9.44 -27.56
C LYS A 427 -7.00 10.44 -27.53
N LEU A 428 -8.05 10.17 -28.28
CA LEU A 428 -9.17 11.06 -28.36
C LEU A 428 -10.30 10.57 -27.51
N LEU A 429 -10.59 11.29 -26.44
CA LEU A 429 -11.64 10.89 -25.55
C LEU A 429 -12.86 11.79 -25.57
N CYS A 430 -13.96 11.26 -26.04
CA CYS A 430 -15.20 11.99 -26.15
C CYS A 430 -16.25 11.56 -25.16
N VAL A 431 -16.95 12.54 -24.61
CA VAL A 431 -17.99 12.31 -23.65
C VAL A 431 -19.32 12.13 -24.36
N ARG A 432 -20.03 11.10 -24.00
CA ARG A 432 -21.31 10.80 -24.59
C ARG A 432 -21.17 10.32 -26.00
N ASN A 451 -22.11 19.06 -29.83
CA ASN A 451 -21.08 18.98 -28.79
C ASN A 451 -20.61 17.56 -28.58
N ASP A 452 -19.55 17.18 -29.26
CA ASP A 452 -19.02 15.85 -29.13
C ASP A 452 -18.42 15.75 -27.75
N LEU A 453 -17.54 16.68 -27.46
CA LEU A 453 -16.86 16.76 -26.20
C LEU A 453 -15.72 15.79 -26.06
N CYS A 454 -14.67 16.02 -26.81
CA CYS A 454 -13.53 15.19 -26.77
C CYS A 454 -12.33 15.95 -26.28
N ILE A 455 -11.30 15.22 -25.92
CA ILE A 455 -10.08 15.79 -25.45
C ILE A 455 -8.91 15.01 -25.98
N LYS A 456 -7.81 15.70 -26.18
CA LYS A 456 -6.62 15.05 -26.64
C LYS A 456 -5.87 14.68 -25.39
N VAL A 457 -5.82 13.41 -25.10
CA VAL A 457 -5.11 12.94 -23.93
C VAL A 457 -3.78 12.42 -24.39
N ASN A 458 -2.75 12.83 -23.71
CA ASN A 458 -1.42 12.44 -24.05
C ASN A 458 -1.20 10.98 -23.86
N ASN A 459 -0.42 10.37 -24.70
CA ASN A 459 -0.15 8.97 -24.57
C ASN A 459 0.55 8.77 -23.27
N TRP A 460 1.69 9.40 -23.11
CA TRP A 460 2.46 9.29 -21.90
C TRP A 460 1.76 10.00 -20.78
N ASP A 461 0.47 9.75 -20.64
CA ASP A 461 -0.31 10.38 -19.64
C ASP A 461 -1.48 9.51 -19.31
N LEU A 462 -1.44 8.31 -19.84
CA LEU A 462 -2.48 7.35 -19.64
C LEU A 462 -1.96 6.26 -18.76
N PHE A 463 -2.78 5.28 -18.48
CA PHE A 463 -2.44 4.17 -17.64
C PHE A 463 -1.58 3.10 -18.24
N PHE A 464 -0.77 2.50 -17.40
CA PHE A 464 0.12 1.43 -17.77
C PHE A 464 -0.67 0.24 -18.26
N SER A 465 -1.05 -0.63 -17.35
CA SER A 465 -1.85 -1.78 -17.70
C SER A 465 -1.10 -2.95 -18.33
N PRO A 466 -0.44 -3.76 -17.52
CA PRO A 466 0.32 -4.91 -17.94
C PRO A 466 -0.57 -5.95 -18.52
N SER A 467 -0.11 -6.62 -19.55
CA SER A 467 -0.90 -7.69 -20.13
C SER A 467 -0.77 -8.87 -19.23
N GLU A 468 -1.84 -9.59 -19.05
CA GLU A 468 -1.83 -10.75 -18.19
C GLU A 468 -0.78 -11.71 -18.61
N ASP A 469 -0.37 -11.64 -19.85
CA ASP A 469 0.63 -12.54 -20.33
C ASP A 469 1.87 -12.50 -19.47
N ASN A 470 2.41 -11.33 -19.31
CA ASN A 470 3.63 -11.13 -18.57
C ASN A 470 3.80 -11.97 -17.34
N PHE A 471 2.79 -12.03 -16.54
CA PHE A 471 2.88 -12.78 -15.33
C PHE A 471 2.81 -14.26 -15.54
N THR A 472 3.98 -14.86 -15.65
CA THR A 472 4.15 -16.28 -15.81
C THR A 472 3.88 -16.82 -14.44
N ASN A 473 3.91 -18.11 -14.26
CA ASN A 473 3.60 -18.64 -12.96
C ASN A 473 4.18 -19.99 -12.63
N ASP A 474 3.58 -21.02 -13.19
CA ASP A 474 4.03 -22.37 -12.99
C ASP A 474 3.66 -23.00 -11.67
N LEU A 475 2.88 -22.30 -10.89
CA LEU A 475 2.46 -22.79 -9.60
C LEU A 475 1.70 -24.10 -9.62
N ASN A 476 1.30 -24.57 -10.77
CA ASN A 476 0.55 -25.80 -10.85
C ASN A 476 1.32 -27.09 -10.85
N LYS A 477 2.57 -27.05 -11.23
CA LYS A 477 3.40 -28.24 -11.27
C LYS A 477 3.47 -28.87 -9.90
N GLY A 478 3.09 -30.11 -9.80
CA GLY A 478 3.17 -30.79 -8.54
C GLY A 478 4.62 -31.08 -8.33
N GLU A 479 4.96 -31.82 -7.29
CA GLU A 479 6.35 -32.10 -7.06
C GLU A 479 6.58 -33.28 -6.18
N GLU A 480 7.58 -34.05 -6.53
CA GLU A 480 7.97 -35.22 -5.78
C GLU A 480 8.93 -34.73 -4.72
N ILE A 481 8.76 -35.19 -3.51
CA ILE A 481 9.62 -34.77 -2.44
C ILE A 481 10.41 -35.91 -1.89
N THR A 482 11.64 -36.00 -2.33
CA THR A 482 12.54 -37.02 -1.89
C THR A 482 12.96 -36.74 -0.46
N SER A 483 14.05 -37.32 -0.03
CA SER A 483 14.49 -37.08 1.30
C SER A 483 15.50 -35.98 1.27
N ASP A 484 16.19 -35.88 0.15
CA ASP A 484 17.20 -34.87 0.03
C ASP A 484 16.84 -33.73 -0.88
N THR A 485 15.60 -33.33 -0.83
CA THR A 485 15.16 -32.21 -1.63
C THR A 485 15.89 -31.02 -1.07
N ASN A 486 16.04 -29.98 -1.86
CA ASN A 486 16.73 -28.82 -1.38
C ASN A 486 15.74 -27.77 -0.94
N ILE A 487 15.92 -27.32 0.27
CA ILE A 487 15.05 -26.35 0.90
C ILE A 487 15.16 -24.94 0.38
N GLU A 488 14.15 -24.15 0.69
CA GLU A 488 14.03 -22.78 0.28
C GLU A 488 15.27 -21.92 0.35
N ALA A 489 15.09 -20.65 0.09
CA ALA A 489 16.14 -19.67 0.12
C ALA A 489 15.54 -18.30 0.36
N ALA A 490 16.23 -17.51 1.17
CA ALA A 490 15.77 -16.18 1.50
C ALA A 490 15.46 -15.34 0.29
N GLU A 491 15.10 -14.11 0.55
CA GLU A 491 14.79 -13.16 -0.49
C GLU A 491 15.46 -11.85 -0.20
N GLU A 492 16.68 -11.94 0.28
CA GLU A 492 17.48 -10.80 0.62
C GLU A 492 17.17 -9.61 -0.25
N ASN A 493 16.35 -8.72 0.26
CA ASN A 493 15.94 -7.55 -0.46
C ASN A 493 17.04 -6.60 -0.84
N ILE A 494 18.25 -7.09 -0.93
CA ILE A 494 19.36 -6.28 -1.30
C ILE A 494 19.37 -5.02 -0.49
N SER A 495 19.69 -5.13 0.77
CA SER A 495 19.74 -3.99 1.66
C SER A 495 21.11 -3.39 1.55
N LEU A 496 21.26 -2.16 1.96
CA LEU A 496 22.53 -1.52 1.87
C LEU A 496 23.56 -2.34 2.60
N ASP A 497 23.11 -3.14 3.52
CA ASP A 497 23.96 -3.99 4.30
C ASP A 497 24.50 -5.08 3.44
N LEU A 498 23.64 -5.69 2.66
CA LEU A 498 24.08 -6.75 1.80
C LEU A 498 25.08 -6.21 0.82
N ILE A 499 24.88 -4.98 0.39
CA ILE A 499 25.78 -4.37 -0.55
C ILE A 499 27.11 -4.22 0.13
N GLN A 500 27.05 -3.79 1.37
CA GLN A 500 28.23 -3.60 2.17
C GLN A 500 29.00 -4.88 2.25
N GLN A 501 28.31 -5.97 2.43
CA GLN A 501 28.96 -7.23 2.47
C GLN A 501 29.67 -7.42 1.17
N TYR A 502 28.94 -7.39 0.08
CA TYR A 502 29.51 -7.55 -1.23
C TYR A 502 30.71 -6.68 -1.44
N TYR A 503 30.68 -5.52 -0.85
CA TYR A 503 31.76 -4.58 -0.99
C TYR A 503 33.01 -5.04 -0.37
N LEU A 504 32.90 -5.56 0.84
CA LEU A 504 34.03 -6.04 1.58
C LEU A 504 34.61 -7.22 0.86
N THR A 505 33.79 -8.20 0.63
CA THR A 505 34.22 -9.37 -0.07
C THR A 505 34.53 -9.04 -1.50
N PHE A 506 34.48 -7.78 -1.86
CA PHE A 506 34.76 -7.39 -3.21
C PHE A 506 36.23 -7.34 -3.48
N ASN A 507 36.63 -7.85 -4.63
CA ASN A 507 38.01 -7.89 -5.00
C ASN A 507 38.44 -6.74 -5.87
N PHE A 508 39.04 -5.73 -5.27
CA PHE A 508 39.47 -4.57 -5.99
C PHE A 508 40.86 -4.52 -6.58
N ASP A 509 41.73 -5.43 -6.24
CA ASP A 509 43.06 -5.38 -6.80
C ASP A 509 43.19 -6.14 -8.08
N ASN A 510 44.22 -5.81 -8.83
CA ASN A 510 44.49 -6.43 -10.09
C ASN A 510 43.37 -6.19 -11.06
N GLU A 511 43.75 -5.70 -12.22
CA GLU A 511 42.86 -5.36 -13.28
C GLU A 511 43.53 -5.88 -14.53
N PRO A 512 42.78 -6.47 -15.43
CA PRO A 512 43.35 -7.00 -16.64
C PRO A 512 44.44 -6.15 -17.25
N GLU A 513 45.51 -6.78 -17.65
CA GLU A 513 46.60 -6.09 -18.27
C GLU A 513 46.24 -5.77 -19.70
N ASN A 514 46.84 -4.73 -20.24
CA ASN A 514 46.61 -4.34 -21.59
C ASN A 514 47.41 -5.27 -22.45
N ILE A 515 46.87 -6.45 -22.66
CA ILE A 515 47.53 -7.46 -23.45
C ILE A 515 47.66 -7.17 -24.92
N SER A 516 48.85 -6.81 -25.33
CA SER A 516 49.12 -6.52 -26.71
C SER A 516 48.64 -7.58 -27.69
N ILE A 517 47.69 -7.24 -28.52
CA ILE A 517 47.19 -8.18 -29.49
C ILE A 517 47.74 -7.86 -30.85
N GLU A 518 47.81 -8.83 -31.71
CA GLU A 518 48.34 -8.62 -33.03
C GLU A 518 47.41 -7.81 -33.89
N ASN A 519 47.97 -6.82 -34.55
CA ASN A 519 47.23 -5.93 -35.40
C ASN A 519 46.11 -6.59 -36.12
N LEU A 520 44.99 -5.91 -36.20
CA LEU A 520 43.83 -6.40 -36.88
C LEU A 520 43.74 -5.67 -38.20
N SER A 521 42.63 -5.82 -38.87
CA SER A 521 42.45 -5.14 -40.13
C SER A 521 42.50 -3.66 -39.89
N SER A 522 43.08 -2.92 -40.80
CA SER A 522 43.16 -1.50 -40.67
C SER A 522 41.77 -0.96 -40.46
N ASP A 523 40.82 -1.64 -41.04
CA ASP A 523 39.44 -1.29 -40.92
C ASP A 523 38.71 -2.47 -40.37
N ILE A 524 38.35 -2.40 -39.11
CA ILE A 524 37.64 -3.47 -38.46
C ILE A 524 36.22 -3.39 -38.92
N ILE A 525 35.67 -4.47 -39.44
CA ILE A 525 34.30 -4.42 -39.91
C ILE A 525 33.25 -4.61 -38.85
N GLY A 526 32.44 -3.59 -38.68
CA GLY A 526 31.42 -3.57 -37.67
C GLY A 526 30.13 -4.31 -37.82
N GLN A 527 29.05 -3.58 -37.69
CA GLN A 527 27.69 -4.07 -37.79
C GLN A 527 27.05 -4.32 -36.44
N LEU A 528 26.35 -3.30 -35.95
CA LEU A 528 25.66 -3.32 -34.68
C LEU A 528 24.78 -4.48 -34.40
N GLU A 529 24.70 -4.84 -33.14
CA GLU A 529 23.87 -5.94 -32.74
C GLU A 529 22.52 -5.47 -33.14
N LEU A 530 21.64 -6.38 -33.50
CA LEU A 530 20.33 -5.99 -33.95
C LEU A 530 19.25 -5.86 -32.90
N MET A 531 18.81 -4.64 -32.68
CA MET A 531 17.78 -4.38 -31.71
C MET A 531 16.46 -4.60 -32.37
N PRO A 532 15.44 -4.88 -31.59
CA PRO A 532 14.11 -5.11 -32.12
C PRO A 532 13.61 -3.89 -32.84
N ASN A 533 12.70 -4.08 -33.77
CA ASN A 533 12.18 -2.99 -34.55
C ASN A 533 11.14 -2.14 -33.87
N ILE A 534 11.26 -0.84 -34.04
CA ILE A 534 10.35 0.10 -33.44
C ILE A 534 9.04 0.17 -34.18
N GLU A 535 8.07 -0.53 -33.65
CA GLU A 535 6.75 -0.61 -34.21
C GLU A 535 5.96 0.64 -33.95
N ARG A 536 6.04 1.60 -34.83
CA ARG A 536 5.31 2.83 -34.69
C ARG A 536 3.95 2.49 -34.19
N PHE A 537 3.36 3.37 -33.41
CA PHE A 537 2.05 3.07 -32.90
C PHE A 537 1.01 4.04 -33.40
N PRO A 538 -0.22 3.57 -33.56
CA PRO A 538 -1.33 4.35 -34.03
C PRO A 538 -1.51 5.60 -33.24
N ASN A 539 -2.06 6.62 -33.84
CA ASN A 539 -2.27 7.85 -33.16
C ASN A 539 -3.67 8.32 -33.35
N GLY A 540 -4.05 9.36 -32.67
CA GLY A 540 -5.39 9.85 -32.80
C GLY A 540 -6.41 9.04 -32.09
N LYS A 541 -6.53 7.77 -32.45
CA LYS A 541 -7.46 6.85 -31.84
C LYS A 541 -8.53 7.50 -31.02
N LYS A 542 -9.73 7.53 -31.54
CA LYS A 542 -10.86 8.15 -30.90
C LYS A 542 -11.64 7.26 -29.96
N TYR A 543 -12.10 7.84 -28.88
CA TYR A 543 -12.86 7.15 -27.88
C TYR A 543 -14.08 7.91 -27.45
N GLU A 544 -15.23 7.43 -27.87
CA GLU A 544 -16.49 8.02 -27.54
C GLU A 544 -16.97 7.30 -26.31
N LEU A 545 -16.99 8.00 -25.21
CA LEU A 545 -17.37 7.41 -23.95
C LEU A 545 -18.68 7.88 -23.39
N ASP A 546 -19.10 7.25 -22.33
CA ASP A 546 -20.32 7.60 -21.66
C ASP A 546 -19.98 8.66 -20.65
N LYS A 547 -19.68 8.23 -19.46
CA LYS A 547 -19.36 9.14 -18.39
C LYS A 547 -18.17 9.99 -18.72
N TYR A 548 -17.97 11.01 -17.93
CA TYR A 548 -16.82 11.84 -18.10
C TYR A 548 -15.68 11.01 -17.57
N THR A 549 -14.47 11.35 -17.92
CA THR A 549 -13.35 10.58 -17.47
C THR A 549 -12.51 11.37 -16.53
N MET A 550 -11.66 10.68 -15.80
CA MET A 550 -10.80 11.35 -14.88
C MET A 550 -9.95 12.29 -15.68
N PHE A 551 -9.73 11.95 -16.92
CA PHE A 551 -8.94 12.77 -17.80
C PHE A 551 -9.67 14.02 -18.15
N HIS A 552 -10.96 13.90 -18.40
CA HIS A 552 -11.76 15.04 -18.71
C HIS A 552 -11.72 15.99 -17.56
N TYR A 553 -12.09 15.52 -16.39
CA TYR A 553 -12.08 16.35 -15.22
C TYR A 553 -10.77 17.01 -14.98
N LEU A 554 -9.71 16.27 -15.11
CA LEU A 554 -8.41 16.81 -14.90
C LEU A 554 -8.19 17.89 -15.91
N ARG A 555 -8.57 17.61 -17.14
CA ARG A 555 -8.44 18.57 -18.21
C ARG A 555 -9.05 19.89 -17.82
N ALA A 556 -10.29 19.83 -17.42
CA ALA A 556 -11.06 20.97 -17.03
C ALA A 556 -10.56 21.73 -15.84
N GLN A 557 -9.27 21.74 -15.63
CA GLN A 557 -8.71 22.44 -14.51
C GLN A 557 -7.43 23.12 -14.91
N GLU A 558 -7.19 23.24 -16.20
CA GLU A 558 -5.98 23.83 -16.68
C GLU A 558 -6.07 25.26 -17.16
N PHE A 559 -7.09 25.56 -17.93
CA PHE A 559 -7.30 26.87 -18.50
C PHE A 559 -6.16 27.42 -19.30
N GLU A 560 -6.53 28.07 -20.38
CA GLU A 560 -5.62 28.68 -21.33
C GLU A 560 -4.61 29.62 -20.68
N HIS A 561 -3.38 29.48 -21.09
CA HIS A 561 -2.26 30.26 -20.58
C HIS A 561 -2.60 31.50 -19.78
N GLY A 562 -2.81 32.61 -20.44
CA GLY A 562 -3.11 33.82 -19.71
C GLY A 562 -3.75 34.96 -20.43
N LYS A 563 -3.34 35.20 -21.66
CA LYS A 563 -3.88 36.29 -22.45
C LYS A 563 -5.38 36.23 -22.64
N SER A 564 -6.03 35.36 -21.92
CA SER A 564 -7.46 35.23 -22.02
C SER A 564 -8.09 36.19 -21.05
N ARG A 565 -9.39 36.16 -20.95
CA ARG A 565 -10.08 37.03 -20.04
C ARG A 565 -10.07 36.42 -18.67
N ILE A 566 -9.86 37.25 -17.67
CA ILE A 566 -9.82 36.83 -16.29
C ILE A 566 -10.76 35.70 -16.05
N ALA A 567 -10.23 34.50 -15.99
CA ALA A 567 -11.01 33.31 -15.78
C ALA A 567 -11.59 33.24 -14.40
N LEU A 568 -12.75 32.64 -14.33
CA LEU A 568 -13.45 32.51 -13.08
C LEU A 568 -13.67 31.04 -12.81
N THR A 569 -13.26 30.60 -11.66
CA THR A 569 -13.43 29.22 -11.26
C THR A 569 -14.89 28.86 -11.35
N ASN A 570 -15.19 27.65 -11.73
CA ASN A 570 -16.55 27.23 -11.86
C ASN A 570 -16.77 25.76 -11.99
N SER A 571 -17.46 25.17 -11.06
CA SER A 571 -17.74 23.76 -11.12
C SER A 571 -18.37 23.36 -12.43
N VAL A 572 -18.78 22.13 -12.50
CA VAL A 572 -19.39 21.57 -13.68
C VAL A 572 -18.36 21.37 -14.75
N ASN A 573 -18.37 20.22 -15.35
CA ASN A 573 -17.42 19.90 -16.38
C ASN A 573 -17.54 20.77 -17.59
N GLU A 574 -18.65 21.44 -17.75
CA GLU A 574 -18.82 22.31 -18.88
C GLU A 574 -17.83 23.40 -18.74
N ALA A 575 -17.12 23.36 -17.63
CA ALA A 575 -16.09 24.30 -17.32
C ALA A 575 -14.95 24.08 -18.26
N LEU A 576 -15.17 23.28 -19.28
CA LEU A 576 -14.19 23.01 -20.27
C LEU A 576 -14.79 23.21 -21.64
N LEU A 577 -15.62 24.23 -21.73
CA LEU A 577 -16.27 24.60 -22.97
C LEU A 577 -16.03 26.05 -23.22
N ASN A 578 -15.86 26.80 -22.16
CA ASN A 578 -15.59 28.20 -22.27
C ASN A 578 -14.11 28.42 -22.35
N PRO A 579 -13.68 29.43 -23.08
CA PRO A 579 -12.26 29.67 -23.19
C PRO A 579 -11.64 29.79 -21.82
N SER A 580 -12.45 30.25 -20.89
CA SER A 580 -12.04 30.42 -19.54
C SER A 580 -12.40 29.18 -18.79
N ARG A 581 -12.25 28.05 -19.44
CA ARG A 581 -12.58 26.77 -18.87
C ARG A 581 -11.70 26.39 -17.71
N VAL A 582 -12.29 26.39 -16.55
CA VAL A 582 -11.63 26.03 -15.32
C VAL A 582 -12.63 25.34 -14.44
N TYR A 583 -12.18 24.38 -13.69
CA TYR A 583 -13.04 23.63 -12.81
C TYR A 583 -12.32 23.35 -11.51
N THR A 584 -13.08 23.04 -10.49
CA THR A 584 -12.51 22.76 -9.21
C THR A 584 -13.30 21.72 -8.50
N PHE A 585 -12.76 21.27 -7.40
CA PHE A 585 -13.39 20.29 -6.56
C PHE A 585 -13.46 20.89 -5.19
N PHE A 586 -13.46 22.20 -5.14
CA PHE A 586 -13.52 22.94 -3.90
C PHE A 586 -14.91 23.43 -3.58
N SER A 587 -15.08 23.78 -2.33
CA SER A 587 -16.34 24.28 -1.84
C SER A 587 -16.71 25.54 -2.57
N SER A 588 -17.95 25.64 -2.96
CA SER A 588 -18.46 26.78 -3.68
C SER A 588 -17.91 28.09 -3.17
N ASP A 589 -18.02 28.32 -1.89
CA ASP A 589 -17.52 29.53 -1.31
C ASP A 589 -16.16 29.91 -1.83
N TYR A 590 -15.30 28.94 -2.04
CA TYR A 590 -13.99 29.26 -2.56
C TYR A 590 -14.19 29.88 -3.91
N VAL A 591 -15.00 29.25 -4.72
CA VAL A 591 -15.31 29.75 -6.02
C VAL A 591 -15.67 31.20 -5.87
N LYS A 592 -16.60 31.46 -4.98
CA LYS A 592 -17.08 32.77 -4.69
C LYS A 592 -15.99 33.74 -4.37
N LYS A 593 -15.31 33.51 -3.27
CA LYS A 593 -14.23 34.38 -2.87
C LYS A 593 -13.30 34.70 -4.01
N VAL A 594 -13.01 33.71 -4.81
CA VAL A 594 -12.12 33.89 -5.91
C VAL A 594 -12.79 34.64 -7.03
N ASN A 595 -14.00 34.27 -7.36
CA ASN A 595 -14.73 34.91 -8.42
C ASN A 595 -15.49 36.11 -7.98
N LYS A 596 -14.80 37.20 -7.75
CA LYS A 596 -15.42 38.43 -7.34
C LYS A 596 -14.39 39.52 -7.14
N ALA A 597 -14.64 40.66 -7.72
CA ALA A 597 -13.73 41.77 -7.63
C ALA A 597 -13.45 42.16 -6.20
N THR A 598 -12.24 42.56 -5.93
CA THR A 598 -11.85 42.94 -4.60
C THR A 598 -11.02 44.18 -4.60
N GLU A 599 -11.60 45.28 -4.19
CA GLU A 599 -10.91 46.55 -4.15
C GLU A 599 -9.52 46.44 -3.57
N ALA A 600 -8.57 47.01 -4.27
CA ALA A 600 -7.21 46.96 -3.84
C ALA A 600 -7.03 47.47 -2.43
N ALA A 601 -7.93 48.31 -1.99
CA ALA A 601 -7.84 48.85 -0.67
C ALA A 601 -7.78 47.63 0.21
N MET A 602 -8.58 46.67 -0.16
CA MET A 602 -8.67 45.41 0.53
C MET A 602 -8.31 44.33 -0.46
N PHE A 603 -7.08 43.91 -0.44
CA PHE A 603 -6.62 42.89 -1.35
C PHE A 603 -5.93 41.79 -0.59
N LEU A 604 -4.95 42.16 0.19
CA LEU A 604 -4.20 41.21 0.96
C LEU A 604 -5.09 40.38 1.85
N GLY A 605 -6.17 40.96 2.31
CA GLY A 605 -7.08 40.22 3.12
C GLY A 605 -7.46 39.05 2.28
N TRP A 606 -7.94 39.33 1.10
CA TRP A 606 -8.34 38.33 0.15
C TRP A 606 -7.31 37.25 0.04
N VAL A 607 -6.09 37.65 -0.19
CA VAL A 607 -4.99 36.72 -0.31
C VAL A 607 -5.01 35.79 0.87
N GLU A 608 -4.88 36.33 2.06
CA GLU A 608 -4.89 35.55 3.26
C GLU A 608 -6.06 34.60 3.22
N GLN A 609 -7.22 35.15 2.94
CA GLN A 609 -8.43 34.38 2.87
C GLN A 609 -8.24 33.15 2.03
N LEU A 610 -8.09 33.36 0.75
CA LEU A 610 -7.91 32.28 -0.18
C LEU A 610 -6.86 31.30 0.26
N VAL A 611 -5.69 31.79 0.57
CA VAL A 611 -4.62 30.94 1.02
C VAL A 611 -5.10 30.03 2.11
N TYR A 612 -5.66 30.62 3.13
CA TYR A 612 -6.18 29.89 4.25
C TYR A 612 -7.17 28.88 3.72
N ASP A 613 -8.16 29.38 3.02
CA ASP A 613 -9.20 28.56 2.45
C ASP A 613 -8.64 27.49 1.57
N PHE A 614 -7.57 27.79 0.88
CA PHE A 614 -6.95 26.83 0.01
C PHE A 614 -6.36 25.77 0.91
N THR A 615 -5.43 26.17 1.72
CA THR A 615 -4.79 25.29 2.65
C THR A 615 -5.82 24.61 3.51
N ASP A 616 -7.01 25.16 3.53
CA ASP A 616 -8.10 24.63 4.29
C ASP A 616 -8.74 23.51 3.53
N GLU A 617 -9.39 23.85 2.44
CA GLU A 617 -10.05 22.88 1.61
C GLU A 617 -9.15 21.75 1.21
N THR A 618 -7.91 22.09 0.97
CA THR A 618 -6.90 21.17 0.52
C THR A 618 -6.44 20.15 1.55
N SER A 619 -6.69 20.42 2.81
CA SER A 619 -6.28 19.52 3.86
C SER A 619 -7.33 18.64 4.46
N GLU A 620 -8.55 18.73 3.96
CA GLU A 620 -9.63 17.93 4.49
C GLU A 620 -9.33 16.46 4.51
N VAL A 621 -9.48 15.86 5.67
CA VAL A 621 -9.20 14.46 5.87
C VAL A 621 -10.22 13.79 6.74
N SER A 622 -10.89 12.80 6.23
CA SER A 622 -11.86 12.07 7.00
C SER A 622 -11.19 11.00 7.83
N THR A 623 -11.60 10.91 9.07
CA THR A 623 -11.03 9.96 9.99
C THR A 623 -11.62 8.59 9.88
N THR A 624 -12.92 8.52 9.73
CA THR A 624 -13.62 7.27 9.60
C THR A 624 -13.03 6.21 10.50
N ASP A 625 -12.82 6.57 11.73
CA ASP A 625 -12.25 5.67 12.70
C ASP A 625 -13.02 4.37 12.78
N LYS A 626 -14.32 4.47 12.63
CA LYS A 626 -15.17 3.31 12.70
C LYS A 626 -15.01 2.51 11.43
N ILE A 627 -13.85 2.60 10.84
CA ILE A 627 -13.55 1.88 9.62
C ILE A 627 -12.09 1.53 9.57
N ALA A 628 -11.70 0.47 10.23
CA ALA A 628 -10.32 0.03 10.21
C ALA A 628 -10.12 -0.57 8.87
N ASP A 629 -9.17 -0.08 8.14
CA ASP A 629 -8.91 -0.55 6.79
C ASP A 629 -8.28 0.62 6.06
N ILE A 630 -9.08 1.64 5.85
CA ILE A 630 -8.62 2.85 5.23
C ILE A 630 -9.02 3.95 6.18
N THR A 631 -8.08 4.39 6.95
CA THR A 631 -8.28 5.41 7.93
C THR A 631 -8.38 6.80 7.41
N ILE A 632 -7.27 7.35 6.96
CA ILE A 632 -7.21 8.68 6.43
C ILE A 632 -7.99 8.72 5.15
N ILE A 633 -8.75 9.76 4.93
CA ILE A 633 -9.51 9.85 3.72
C ILE A 633 -9.58 11.24 3.15
N ILE A 634 -9.23 11.36 1.90
CA ILE A 634 -9.29 12.62 1.20
C ILE A 634 -10.50 12.54 0.32
N PRO A 635 -11.58 13.20 0.72
CA PRO A 635 -12.85 13.24 0.03
C PRO A 635 -12.91 13.91 -1.32
N TYR A 636 -12.23 15.02 -1.46
CA TYR A 636 -12.27 15.72 -2.72
C TYR A 636 -11.68 15.00 -3.88
N ILE A 637 -11.07 13.87 -3.60
CA ILE A 637 -10.48 13.08 -4.63
C ILE A 637 -11.54 12.66 -5.59
N GLY A 638 -12.64 12.18 -5.08
CA GLY A 638 -13.70 11.76 -5.93
C GLY A 638 -14.09 12.81 -6.92
N PRO A 639 -14.29 14.04 -6.48
CA PRO A 639 -14.66 15.18 -7.29
C PRO A 639 -13.50 15.97 -7.84
N ALA A 640 -12.33 15.40 -7.79
CA ALA A 640 -11.16 16.05 -8.31
C ALA A 640 -10.80 15.33 -9.56
N LEU A 641 -10.96 14.03 -9.50
CA LEU A 641 -10.65 13.17 -10.60
C LEU A 641 -11.88 12.41 -10.99
N ASN A 642 -13.00 12.77 -10.42
CA ASN A 642 -14.23 12.08 -10.74
C ASN A 642 -13.99 10.60 -10.49
N ILE A 643 -13.32 10.33 -9.40
CA ILE A 643 -12.97 8.99 -9.01
C ILE A 643 -14.12 8.16 -8.56
N GLY A 644 -15.08 8.79 -7.93
CA GLY A 644 -16.23 8.07 -7.47
C GLY A 644 -16.75 7.09 -8.48
N ASN A 645 -16.22 7.17 -9.68
CA ASN A 645 -16.59 6.31 -10.77
C ASN A 645 -18.09 6.25 -10.92
N MET A 646 -18.75 7.29 -10.49
CA MET A 646 -20.18 7.37 -10.59
C MET A 646 -20.86 6.16 -10.00
N LEU A 647 -21.13 6.22 -8.71
CA LEU A 647 -21.77 5.13 -8.02
C LEU A 647 -22.78 5.67 -7.03
N TYR A 648 -23.93 5.03 -6.97
CA TYR A 648 -24.97 5.45 -6.05
C TYR A 648 -24.93 6.92 -5.76
N LYS A 649 -24.66 7.70 -6.78
CA LYS A 649 -24.58 9.15 -6.67
C LYS A 649 -23.70 9.67 -5.56
N ASP A 650 -22.81 10.56 -5.94
CA ASP A 650 -21.87 11.20 -5.05
C ASP A 650 -21.51 10.53 -3.76
N ASP A 651 -20.99 11.31 -2.84
CA ASP A 651 -20.57 10.85 -1.54
C ASP A 651 -19.41 9.88 -1.66
N PHE A 652 -18.30 10.38 -2.13
CA PHE A 652 -17.11 9.59 -2.32
C PHE A 652 -16.72 8.85 -1.06
N VAL A 653 -16.58 9.57 0.02
CA VAL A 653 -16.22 9.00 1.28
C VAL A 653 -17.14 7.88 1.66
N GLY A 654 -18.28 7.82 1.00
CA GLY A 654 -19.22 6.79 1.28
C GLY A 654 -19.11 5.79 0.19
N ALA A 655 -18.72 6.26 -0.96
CA ALA A 655 -18.54 5.42 -2.12
C ALA A 655 -17.45 4.42 -1.86
N LEU A 656 -16.30 4.93 -1.51
CA LEU A 656 -15.14 4.13 -1.23
C LEU A 656 -15.39 3.13 -0.14
N ILE A 657 -16.15 3.53 0.84
CA ILE A 657 -16.47 2.67 1.94
C ILE A 657 -17.32 1.50 1.52
N PHE A 658 -18.21 1.73 0.59
CA PHE A 658 -19.10 0.70 0.11
C PHE A 658 -18.43 -0.30 -0.79
N SER A 659 -17.42 0.11 -1.49
CA SER A 659 -16.74 -0.78 -2.38
C SER A 659 -15.36 -1.13 -1.92
N GLY A 660 -14.62 -0.12 -1.55
CA GLY A 660 -13.26 -0.35 -1.15
C GLY A 660 -12.38 0.26 -2.18
N ALA A 661 -11.09 0.19 -1.97
CA ALA A 661 -10.15 0.77 -2.88
C ALA A 661 -10.36 0.42 -4.32
N VAL A 662 -11.35 -0.38 -4.62
CA VAL A 662 -11.59 -0.72 -6.01
C VAL A 662 -12.02 0.51 -6.76
N ILE A 663 -12.85 1.30 -6.14
CA ILE A 663 -13.36 2.52 -6.73
C ILE A 663 -12.29 3.43 -7.28
N LEU A 664 -11.03 3.07 -7.10
CA LEU A 664 -9.95 3.89 -7.58
C LEU A 664 -9.27 3.36 -8.82
N LEU A 665 -9.27 2.08 -8.99
CA LEU A 665 -8.62 1.49 -10.12
C LEU A 665 -9.29 1.76 -11.45
N GLU A 666 -8.51 2.26 -12.38
CA GLU A 666 -8.99 2.55 -13.70
C GLU A 666 -9.33 1.25 -14.36
N PHE A 667 -8.85 0.18 -13.78
CA PHE A 667 -9.11 -1.14 -14.27
C PHE A 667 -8.82 -2.14 -13.18
N ILE A 668 -9.60 -3.20 -13.18
CA ILE A 668 -9.48 -4.23 -12.19
C ILE A 668 -8.60 -5.36 -12.61
N PRO A 669 -7.55 -5.63 -11.85
CA PRO A 669 -6.66 -6.70 -12.17
C PRO A 669 -7.18 -7.99 -11.63
N GLU A 670 -6.94 -9.05 -12.34
CA GLU A 670 -7.36 -10.36 -11.92
C GLU A 670 -6.20 -11.07 -11.28
N ILE A 671 -6.46 -12.21 -10.66
CA ILE A 671 -5.41 -12.96 -10.04
C ILE A 671 -5.58 -14.43 -10.31
N ALA A 672 -4.80 -14.96 -11.21
CA ALA A 672 -4.92 -16.35 -11.52
C ALA A 672 -3.99 -17.16 -10.66
N ILE A 673 -4.52 -17.77 -9.63
CA ILE A 673 -3.70 -18.60 -8.80
C ILE A 673 -4.19 -20.02 -8.95
N PRO A 674 -3.65 -20.75 -9.91
CA PRO A 674 -4.01 -22.11 -10.21
C PRO A 674 -4.21 -23.02 -9.03
N VAL A 675 -4.90 -24.11 -9.25
CA VAL A 675 -5.11 -25.06 -8.21
C VAL A 675 -3.75 -25.63 -7.90
N LEU A 676 -3.11 -25.10 -6.90
CA LEU A 676 -1.78 -25.54 -6.53
C LEU A 676 -1.57 -27.02 -6.59
N GLY A 677 -0.45 -27.41 -7.16
CA GLY A 677 -0.12 -28.80 -7.28
C GLY A 677 -0.09 -29.48 -5.95
N THR A 678 0.52 -30.64 -5.90
CA THR A 678 0.62 -31.37 -4.66
C THR A 678 1.94 -32.06 -4.55
N PHE A 679 2.35 -32.36 -3.34
CA PHE A 679 3.61 -33.03 -3.16
C PHE A 679 3.47 -34.52 -3.18
N ALA A 680 4.26 -35.15 -4.01
CA ALA A 680 4.28 -36.57 -4.10
C ALA A 680 5.28 -36.98 -3.06
N LEU A 681 5.02 -38.05 -2.35
CA LEU A 681 5.96 -38.42 -1.35
C LEU A 681 6.73 -39.71 -1.55
N VAL A 682 7.98 -39.54 -1.93
CA VAL A 682 8.87 -40.64 -2.12
C VAL A 682 8.98 -41.31 -0.77
N SER A 683 8.73 -42.60 -0.73
CA SER A 683 8.81 -43.34 0.50
C SER A 683 10.08 -44.14 0.59
N TYR A 684 10.54 -44.39 1.79
CA TYR A 684 11.76 -45.13 1.99
C TYR A 684 11.58 -46.36 2.82
N ILE A 685 11.99 -47.47 2.29
CA ILE A 685 11.85 -48.75 2.95
C ILE A 685 12.72 -48.96 4.15
N ALA A 686 12.11 -49.00 5.31
CA ALA A 686 12.79 -49.21 6.55
C ALA A 686 13.97 -48.30 6.72
N ASN A 687 13.78 -47.05 6.42
CA ASN A 687 14.82 -46.08 6.56
C ASN A 687 14.23 -44.93 7.33
N LYS A 688 14.42 -44.94 8.62
CA LYS A 688 13.89 -43.91 9.46
C LYS A 688 14.36 -42.57 9.00
N VAL A 689 15.59 -42.24 9.32
CA VAL A 689 16.18 -40.99 8.93
C VAL A 689 15.65 -40.49 7.62
N LEU A 690 15.96 -41.21 6.58
CA LEU A 690 15.56 -40.86 5.24
C LEU A 690 14.08 -40.60 5.08
N THR A 691 13.29 -41.18 5.93
CA THR A 691 11.87 -40.99 5.87
C THR A 691 11.51 -39.77 6.67
N VAL A 692 11.88 -39.77 7.92
CA VAL A 692 11.61 -38.68 8.81
C VAL A 692 12.14 -37.41 8.22
N GLN A 693 13.02 -37.56 7.26
CA GLN A 693 13.62 -36.43 6.61
C GLN A 693 12.82 -35.97 5.41
N THR A 694 12.01 -36.84 4.87
CA THR A 694 11.21 -36.50 3.72
C THR A 694 10.02 -35.70 4.14
N ILE A 695 9.47 -36.07 5.27
CA ILE A 695 8.32 -35.38 5.79
C ILE A 695 8.69 -33.96 6.10
N ASP A 696 9.90 -33.77 6.58
CA ASP A 696 10.41 -32.45 6.92
C ASP A 696 10.62 -31.65 5.68
N ASN A 697 11.07 -32.31 4.65
CA ASN A 697 11.27 -31.67 3.39
C ASN A 697 9.91 -31.33 2.81
N ALA A 698 8.96 -32.19 3.04
CA ALA A 698 7.62 -31.97 2.57
C ALA A 698 7.09 -30.71 3.21
N LEU A 699 7.09 -30.70 4.52
CA LEU A 699 6.61 -29.58 5.26
C LEU A 699 7.35 -28.34 4.94
N SER A 700 8.65 -28.45 4.78
CA SER A 700 9.46 -27.31 4.49
C SER A 700 9.12 -26.74 3.15
N LYS A 701 9.10 -27.56 2.14
CA LYS A 701 8.77 -27.10 0.81
C LYS A 701 7.40 -26.50 0.79
N ARG A 702 6.54 -26.94 1.66
CA ARG A 702 5.19 -26.44 1.73
C ARG A 702 5.23 -25.03 2.24
N ASN A 703 6.05 -24.80 3.26
CA ASN A 703 6.24 -23.50 3.84
C ASN A 703 6.74 -22.62 2.74
N GLU A 704 7.69 -23.13 2.01
CA GLU A 704 8.26 -22.43 0.90
C GLU A 704 7.17 -22.23 -0.11
N LYS A 705 6.28 -23.19 -0.19
CA LYS A 705 5.19 -23.17 -1.13
C LYS A 705 4.31 -21.98 -0.92
N TRP A 706 4.11 -21.61 0.30
CA TRP A 706 3.30 -20.46 0.59
C TRP A 706 4.01 -19.22 0.19
N ASP A 707 5.32 -19.22 0.31
CA ASP A 707 6.06 -18.04 -0.04
C ASP A 707 5.93 -17.71 -1.50
N GLU A 708 6.01 -18.71 -2.34
CA GLU A 708 5.89 -18.52 -3.77
C GLU A 708 4.62 -17.86 -4.18
N VAL A 709 3.54 -18.24 -3.55
CA VAL A 709 2.26 -17.69 -3.86
C VAL A 709 2.20 -16.24 -3.46
N TYR A 710 2.55 -15.96 -2.24
CA TYR A 710 2.54 -14.61 -1.74
C TYR A 710 3.37 -13.72 -2.60
N LYS A 711 4.59 -14.12 -2.79
CA LYS A 711 5.51 -13.38 -3.60
C LYS A 711 4.91 -13.16 -4.95
N TYR A 712 4.15 -14.12 -5.42
CA TYR A 712 3.54 -14.00 -6.72
C TYR A 712 2.46 -12.96 -6.78
N ILE A 713 1.54 -12.96 -5.85
CA ILE A 713 0.52 -11.97 -5.91
C ILE A 713 1.12 -10.59 -5.65
N VAL A 714 2.24 -10.51 -4.97
CA VAL A 714 2.84 -9.22 -4.76
C VAL A 714 3.41 -8.67 -6.06
N THR A 715 3.75 -9.54 -6.98
CA THR A 715 4.27 -9.08 -8.25
C THR A 715 3.11 -8.56 -9.05
N ASN A 716 2.01 -9.28 -9.01
CA ASN A 716 0.82 -8.91 -9.72
C ASN A 716 0.24 -7.67 -9.13
N TRP A 717 0.33 -7.54 -7.84
CA TRP A 717 -0.18 -6.38 -7.17
C TRP A 717 0.71 -5.21 -7.45
N LEU A 718 1.99 -5.45 -7.61
CA LEU A 718 2.91 -4.37 -7.86
C LEU A 718 2.83 -3.68 -9.19
N ALA A 719 2.35 -4.37 -10.22
CA ALA A 719 2.25 -3.79 -11.54
C ALA A 719 0.88 -3.50 -12.04
N LYS A 720 -0.09 -4.29 -11.64
CA LYS A 720 -1.45 -4.08 -12.07
C LYS A 720 -2.16 -3.10 -11.18
N VAL A 721 -2.00 -3.25 -9.90
CA VAL A 721 -2.64 -2.39 -8.96
C VAL A 721 -1.83 -1.20 -8.55
N ASN A 722 -0.87 -1.41 -7.69
CA ASN A 722 -0.06 -0.32 -7.19
C ASN A 722 0.38 0.71 -8.21
N THR A 723 0.58 0.32 -9.44
CA THR A 723 0.99 1.25 -10.46
C THR A 723 -0.09 2.28 -10.71
N GLN A 724 -1.32 1.83 -10.84
CA GLN A 724 -2.44 2.72 -11.07
C GLN A 724 -2.52 3.71 -9.95
N ILE A 725 -2.64 3.23 -8.74
CA ILE A 725 -2.72 4.09 -7.60
C ILE A 725 -1.68 5.17 -7.65
N ASP A 726 -0.53 4.85 -8.16
CA ASP A 726 0.53 5.81 -8.27
C ASP A 726 0.26 6.84 -9.33
N LEU A 727 -0.39 6.45 -10.39
CA LEU A 727 -0.71 7.39 -11.45
C LEU A 727 -1.67 8.38 -10.91
N ILE A 728 -2.61 7.91 -10.14
CA ILE A 728 -3.59 8.74 -9.52
C ILE A 728 -2.86 9.66 -8.60
N ARG A 729 -1.94 9.10 -7.86
CA ARG A 729 -1.14 9.84 -6.93
C ARG A 729 -0.56 11.03 -7.67
N LYS A 730 -0.18 10.83 -8.90
CA LYS A 730 0.35 11.90 -9.70
C LYS A 730 -0.80 12.78 -10.12
N LYS A 731 -1.81 12.17 -10.70
CA LYS A 731 -2.97 12.88 -11.16
C LYS A 731 -3.44 13.87 -10.14
N MET A 732 -3.65 13.45 -8.92
CA MET A 732 -4.09 14.37 -7.92
C MET A 732 -3.10 15.49 -7.78
N LYS A 733 -1.85 15.17 -7.57
CA LYS A 733 -0.83 16.17 -7.44
C LYS A 733 -0.92 17.13 -8.57
N GLU A 734 -1.38 16.64 -9.70
CA GLU A 734 -1.55 17.44 -10.87
C GLU A 734 -2.71 18.33 -10.61
N ALA A 735 -3.81 17.73 -10.25
CA ALA A 735 -5.00 18.47 -9.94
C ALA A 735 -4.66 19.63 -9.05
N LEU A 736 -4.36 19.36 -7.80
CA LEU A 736 -4.03 20.39 -6.86
C LEU A 736 -3.24 21.54 -7.43
N GLU A 737 -2.34 21.25 -8.34
CA GLU A 737 -1.57 22.31 -8.91
C GLU A 737 -2.41 23.08 -9.88
N ASN A 738 -3.26 22.39 -10.61
CA ASN A 738 -4.13 23.04 -11.55
C ASN A 738 -4.97 24.06 -10.84
N GLN A 739 -5.24 23.81 -9.58
CA GLN A 739 -6.02 24.70 -8.76
C GLN A 739 -5.20 25.84 -8.28
N ALA A 740 -4.09 25.53 -7.67
CA ALA A 740 -3.24 26.55 -7.16
C ALA A 740 -2.79 27.42 -8.30
N GLU A 741 -2.78 26.88 -9.49
CA GLU A 741 -2.35 27.64 -10.61
C GLU A 741 -3.37 28.67 -11.00
N ALA A 742 -4.63 28.33 -10.91
CA ALA A 742 -5.67 29.25 -11.27
C ALA A 742 -5.88 30.29 -10.19
N THR A 743 -5.88 29.87 -8.95
CA THR A 743 -6.05 30.80 -7.87
C THR A 743 -4.85 31.72 -7.84
N LYS A 744 -3.94 31.50 -8.75
CA LYS A 744 -2.78 32.35 -8.86
C LYS A 744 -3.00 33.14 -10.11
N ALA A 745 -3.93 32.69 -10.91
CA ALA A 745 -4.27 33.36 -12.13
C ALA A 745 -5.28 34.40 -11.77
N ILE A 746 -6.39 33.96 -11.25
CA ILE A 746 -7.44 34.85 -10.84
C ILE A 746 -6.89 35.94 -9.98
N ILE A 747 -6.49 35.61 -8.77
CA ILE A 747 -5.94 36.60 -7.89
C ILE A 747 -5.07 37.52 -8.67
N ASN A 748 -4.32 36.95 -9.58
CA ASN A 748 -3.41 37.70 -10.41
C ASN A 748 -4.14 38.71 -11.26
N TYR A 749 -5.04 38.25 -12.11
CA TYR A 749 -5.77 39.14 -12.96
C TYR A 749 -6.17 40.39 -12.21
N GLN A 750 -6.63 40.23 -10.99
CA GLN A 750 -7.03 41.34 -10.17
C GLN A 750 -5.93 42.37 -10.06
N TYR A 751 -4.90 42.02 -9.34
CA TYR A 751 -3.77 42.89 -9.14
C TYR A 751 -3.15 43.22 -10.47
N ASN A 752 -3.60 42.56 -11.50
CA ASN A 752 -3.12 42.78 -12.83
C ASN A 752 -3.79 44.04 -13.32
N GLN A 753 -4.75 44.48 -12.56
CA GLN A 753 -5.48 45.67 -12.85
C GLN A 753 -5.40 46.54 -11.63
N TYR A 754 -4.25 46.48 -11.00
CA TYR A 754 -3.92 47.19 -9.80
C TYR A 754 -4.16 48.68 -9.86
N THR A 755 -4.08 49.30 -8.71
CA THR A 755 -4.28 50.72 -8.56
C THR A 755 -3.15 51.53 -9.13
N GLU A 756 -1.99 50.93 -9.24
CA GLU A 756 -0.81 51.58 -9.75
C GLU A 756 -0.04 52.29 -8.67
N GLU A 757 -0.34 51.97 -7.43
CA GLU A 757 0.32 52.58 -6.32
C GLU A 757 1.46 51.76 -5.72
N GLU A 758 2.67 52.14 -6.04
CA GLU A 758 3.83 51.46 -5.56
C GLU A 758 3.94 51.70 -4.07
N LYS A 759 4.86 51.03 -3.42
CA LYS A 759 5.07 51.17 -2.00
C LYS A 759 3.91 50.67 -1.21
N ASN A 760 2.85 50.29 -1.90
CA ASN A 760 1.66 49.79 -1.25
C ASN A 760 1.61 48.30 -1.28
N ASN A 761 2.02 47.72 -0.18
CA ASN A 761 2.09 46.29 0.01
C ASN A 761 3.45 45.79 -0.41
N ILE A 762 4.02 44.90 0.37
CA ILE A 762 5.31 44.35 0.06
C ILE A 762 5.13 43.43 -1.11
N ASN A 763 4.52 43.97 -2.15
CA ASN A 763 4.22 43.28 -3.36
C ASN A 763 3.36 42.09 -3.08
N PHE A 764 2.40 41.86 -3.95
CA PHE A 764 1.53 40.73 -3.78
C PHE A 764 2.37 39.49 -3.81
N ASN A 765 3.60 39.65 -4.25
CA ASN A 765 4.55 38.57 -4.34
C ASN A 765 3.93 37.31 -4.87
N ILE A 766 3.64 37.28 -6.14
CA ILE A 766 3.08 36.10 -6.72
C ILE A 766 4.06 34.98 -6.48
N ASP A 767 5.33 35.32 -6.39
CA ASP A 767 6.35 34.34 -6.13
C ASP A 767 6.57 34.18 -4.66
N ASP A 768 5.49 34.14 -3.92
CA ASP A 768 5.50 33.95 -2.50
C ASP A 768 4.16 33.47 -2.11
N LEU A 769 3.14 33.90 -2.80
CA LEU A 769 1.83 33.41 -2.52
C LEU A 769 1.97 31.98 -2.94
N SER A 770 2.81 31.79 -3.93
CA SER A 770 3.11 30.50 -4.49
C SER A 770 3.91 29.70 -3.51
N SER A 771 4.89 30.32 -2.90
CA SER A 771 5.68 29.63 -1.93
C SER A 771 4.71 29.07 -0.94
N LYS A 772 3.61 29.77 -0.75
CA LYS A 772 2.59 29.33 0.15
C LYS A 772 1.85 28.19 -0.47
N LEU A 773 1.02 28.47 -1.43
CA LEU A 773 0.25 27.46 -2.09
C LEU A 773 1.04 26.19 -2.29
N ASN A 774 2.33 26.31 -2.34
CA ASN A 774 3.17 25.15 -2.51
C ASN A 774 2.95 24.31 -1.30
N GLU A 775 3.45 24.78 -0.17
CA GLU A 775 3.29 24.08 1.06
C GLU A 775 1.89 23.57 1.23
N SER A 776 0.93 24.44 1.04
CA SER A 776 -0.44 24.05 1.18
C SER A 776 -0.74 22.78 0.43
N ILE A 777 -0.11 22.61 -0.70
CA ILE A 777 -0.33 21.42 -1.49
C ILE A 777 0.58 20.29 -1.09
N ASN A 778 1.81 20.62 -0.75
CA ASN A 778 2.75 19.62 -0.34
C ASN A 778 2.20 18.80 0.78
N LYS A 779 1.57 19.44 1.73
CA LYS A 779 1.00 18.74 2.85
C LYS A 779 -0.21 17.97 2.37
N ALA A 780 -0.98 18.58 1.50
CA ALA A 780 -2.15 17.95 0.97
C ALA A 780 -1.78 16.61 0.39
N MET A 781 -0.66 16.56 -0.27
CA MET A 781 -0.24 15.31 -0.86
C MET A 781 0.12 14.33 0.21
N ILE A 782 0.69 14.82 1.31
CA ILE A 782 1.06 13.95 2.41
C ILE A 782 -0.13 13.19 2.92
N ASN A 783 -1.29 13.79 2.81
CA ASN A 783 -2.50 13.15 3.23
C ASN A 783 -2.99 12.25 2.13
N ILE A 784 -3.09 12.79 0.95
CA ILE A 784 -3.56 12.02 -0.16
C ILE A 784 -2.69 10.80 -0.34
N ASN A 785 -1.41 10.94 -0.06
CA ASN A 785 -0.55 9.81 -0.21
C ASN A 785 -0.87 8.73 0.78
N LYS A 786 -1.00 9.07 2.04
CA LYS A 786 -1.32 8.10 3.05
C LYS A 786 -2.56 7.37 2.63
N PHE A 787 -3.58 8.13 2.31
CA PHE A 787 -4.84 7.59 1.87
C PHE A 787 -4.63 6.60 0.77
N LEU A 788 -3.86 7.00 -0.22
CA LEU A 788 -3.61 6.13 -1.33
C LEU A 788 -2.89 4.88 -0.90
N ASN A 789 -1.83 5.02 -0.14
CA ASN A 789 -1.09 3.87 0.30
C ASN A 789 -1.96 2.87 0.95
N GLN A 790 -3.00 3.33 1.57
CA GLN A 790 -3.93 2.46 2.23
C GLN A 790 -4.79 1.71 1.26
N CYS A 791 -5.19 2.36 0.20
CA CYS A 791 -6.01 1.72 -0.79
C CYS A 791 -5.20 0.71 -1.54
N SER A 792 -3.91 0.88 -1.53
CA SER A 792 -3.05 -0.04 -2.21
C SER A 792 -2.86 -1.26 -1.36
N VAL A 793 -2.23 -1.08 -0.22
CA VAL A 793 -1.99 -2.18 0.68
C VAL A 793 -3.27 -2.92 0.94
N SER A 794 -4.28 -2.18 1.34
CA SER A 794 -5.58 -2.74 1.63
C SER A 794 -6.16 -3.52 0.48
N TYR A 795 -6.10 -2.98 -0.71
CA TYR A 795 -6.65 -3.68 -1.84
C TYR A 795 -5.96 -4.99 -1.99
N LEU A 796 -4.69 -5.00 -1.70
CA LEU A 796 -3.88 -6.19 -1.79
C LEU A 796 -4.39 -7.24 -0.85
N MET A 797 -4.52 -6.86 0.38
CA MET A 797 -4.95 -7.74 1.43
C MET A 797 -6.33 -8.33 1.41
N ASN A 798 -7.28 -7.65 0.81
CA ASN A 798 -8.64 -8.14 0.77
C ASN A 798 -9.12 -8.49 -0.60
N SER A 799 -8.32 -8.26 -1.59
CA SER A 799 -8.73 -8.54 -2.94
C SER A 799 -7.76 -9.33 -3.78
N MET A 800 -6.62 -9.65 -3.23
CA MET A 800 -5.66 -10.40 -3.97
C MET A 800 -5.09 -11.51 -3.14
N ILE A 801 -4.79 -11.26 -1.89
CA ILE A 801 -4.24 -12.30 -1.06
C ILE A 801 -5.22 -13.40 -0.80
N PRO A 802 -6.44 -13.06 -0.37
CA PRO A 802 -7.42 -14.08 -0.11
C PRO A 802 -7.43 -15.16 -1.16
N TYR A 803 -7.30 -14.78 -2.39
CA TYR A 803 -7.32 -15.72 -3.46
C TYR A 803 -6.16 -16.67 -3.41
N GLY A 804 -4.97 -16.14 -3.36
CA GLY A 804 -3.81 -16.97 -3.32
C GLY A 804 -3.86 -17.88 -2.13
N VAL A 805 -4.25 -17.34 -1.02
CA VAL A 805 -4.35 -18.11 0.19
C VAL A 805 -5.22 -19.31 0.03
N LYS A 806 -6.44 -19.11 -0.43
CA LYS A 806 -7.39 -20.18 -0.65
C LYS A 806 -6.72 -21.40 -1.19
N ARG A 807 -5.97 -21.21 -2.25
CA ARG A 807 -5.27 -22.28 -2.87
C ARG A 807 -4.22 -22.91 -2.00
N LEU A 808 -3.57 -22.14 -1.18
CA LEU A 808 -2.55 -22.65 -0.30
C LEU A 808 -3.17 -23.43 0.80
N GLU A 809 -4.19 -22.85 1.37
CA GLU A 809 -4.91 -23.44 2.45
C GLU A 809 -5.46 -24.76 1.98
N ASP A 810 -5.82 -24.82 0.72
CA ASP A 810 -6.33 -26.01 0.10
C ASP A 810 -5.19 -26.98 0.14
N PHE A 811 -4.14 -26.60 -0.55
CA PHE A 811 -2.92 -27.35 -0.66
C PHE A 811 -2.53 -27.86 0.69
N ASP A 812 -2.51 -26.96 1.64
CA ASP A 812 -2.18 -27.28 3.00
C ASP A 812 -3.09 -28.34 3.53
N ALA A 813 -4.37 -28.18 3.28
CA ALA A 813 -5.36 -29.12 3.74
C ALA A 813 -5.14 -30.48 3.15
N SER A 814 -4.68 -30.51 1.94
CA SER A 814 -4.38 -31.73 1.26
C SER A 814 -3.12 -32.37 1.79
N LEU A 815 -2.02 -31.66 1.67
CA LEU A 815 -0.73 -32.14 2.14
C LEU A 815 -0.81 -32.80 3.46
N LYS A 816 -1.65 -32.29 4.33
CA LYS A 816 -1.79 -32.85 5.64
C LYS A 816 -2.16 -34.30 5.55
N ASP A 817 -3.16 -34.61 4.75
CA ASP A 817 -3.57 -35.97 4.60
C ASP A 817 -2.39 -36.70 4.05
N ALA A 818 -2.00 -36.33 2.86
CA ALA A 818 -0.89 -36.95 2.21
C ALA A 818 0.27 -37.18 3.14
N LEU A 819 0.39 -36.36 4.14
CA LEU A 819 1.47 -36.49 5.09
C LEU A 819 1.14 -37.43 6.22
N LEU A 820 -0.06 -37.32 6.76
CA LEU A 820 -0.48 -38.19 7.83
C LEU A 820 -0.44 -39.60 7.34
N LYS A 821 -0.87 -39.80 6.12
CA LYS A 821 -0.88 -41.10 5.51
C LYS A 821 0.55 -41.61 5.45
N TYR A 822 1.40 -40.87 4.79
CA TYR A 822 2.79 -41.22 4.66
C TYR A 822 3.32 -41.74 5.96
N ILE A 823 3.10 -41.00 7.01
CA ILE A 823 3.55 -41.41 8.31
C ILE A 823 3.00 -42.76 8.62
N TYR A 824 1.70 -42.92 8.46
CA TYR A 824 1.03 -44.16 8.73
C TYR A 824 1.69 -45.26 7.93
N ASP A 825 1.63 -45.14 6.63
CA ASP A 825 2.21 -46.09 5.73
C ASP A 825 3.64 -46.43 6.05
N ASN A 826 4.23 -45.70 6.97
CA ASN A 826 5.61 -45.93 7.31
C ASN A 826 5.88 -46.12 8.78
N ARG A 827 4.86 -46.41 9.54
CA ARG A 827 5.03 -46.64 10.95
C ARG A 827 5.86 -47.88 11.09
N GLY A 828 6.30 -48.17 12.29
CA GLY A 828 7.10 -49.33 12.49
C GLY A 828 8.51 -49.05 12.05
N THR A 829 8.64 -48.01 11.27
CA THR A 829 9.91 -47.56 10.79
C THR A 829 10.07 -46.22 11.47
N LEU A 830 8.95 -45.63 11.81
CA LEU A 830 8.92 -44.39 12.52
C LEU A 830 8.48 -44.75 13.91
N ILE A 831 8.81 -45.96 14.31
CA ILE A 831 8.47 -46.54 15.58
C ILE A 831 8.25 -45.61 16.74
N GLY A 832 9.31 -45.06 17.26
CA GLY A 832 9.18 -44.19 18.38
C GLY A 832 8.87 -42.78 17.99
N GLN A 833 8.43 -42.57 16.78
CA GLN A 833 8.14 -41.24 16.32
C GLN A 833 6.84 -41.08 15.59
N VAL A 834 6.09 -42.14 15.46
CA VAL A 834 4.84 -42.07 14.73
C VAL A 834 3.81 -41.22 15.38
N ASP A 835 4.18 -40.53 16.42
CA ASP A 835 3.25 -39.68 17.09
C ASP A 835 3.64 -38.24 16.95
N ARG A 836 4.85 -37.92 17.33
CA ARG A 836 5.33 -36.58 17.25
C ARG A 836 5.39 -36.07 15.83
N LEU A 837 5.66 -36.95 14.90
CA LEU A 837 5.70 -36.57 13.52
C LEU A 837 4.27 -36.39 13.11
N LYS A 838 3.41 -37.20 13.69
CA LYS A 838 2.01 -37.12 13.40
C LYS A 838 1.50 -35.84 13.99
N ASP A 839 2.17 -35.37 15.02
CA ASP A 839 1.81 -34.15 15.69
C ASP A 839 2.41 -32.97 15.02
N LYS A 840 3.60 -33.15 14.50
CA LYS A 840 4.29 -32.10 13.83
C LYS A 840 3.61 -31.70 12.55
N VAL A 841 3.17 -32.68 11.81
CA VAL A 841 2.51 -32.41 10.56
C VAL A 841 1.12 -31.86 10.79
N ASN A 842 0.52 -32.28 11.88
CA ASN A 842 -0.80 -31.85 12.22
C ASN A 842 -0.74 -30.51 12.88
N ASN A 843 0.38 -30.22 13.48
CA ASN A 843 0.55 -28.97 14.17
C ASN A 843 0.97 -27.87 13.25
N THR A 844 1.77 -28.20 12.26
CA THR A 844 2.21 -27.21 11.31
C THR A 844 1.03 -26.89 10.44
N LEU A 845 0.64 -27.83 9.62
CA LEU A 845 -0.47 -27.63 8.73
C LEU A 845 -1.77 -27.46 9.43
N SER A 846 -1.81 -26.55 10.37
CA SER A 846 -3.01 -26.28 11.10
C SER A 846 -3.11 -24.79 11.26
N THR A 847 -2.22 -24.09 10.62
CA THR A 847 -2.19 -22.67 10.66
C THR A 847 -1.47 -22.19 9.44
N ASP A 848 -1.90 -21.10 8.88
CA ASP A 848 -1.29 -20.57 7.69
C ASP A 848 0.13 -20.10 7.86
N ILE A 849 0.61 -19.35 6.89
CA ILE A 849 1.92 -18.79 6.93
C ILE A 849 1.69 -17.33 6.72
N PRO A 850 1.71 -16.55 7.77
CA PRO A 850 1.49 -15.14 7.74
C PRO A 850 2.11 -14.45 6.56
N PHE A 851 1.41 -13.48 6.04
CA PHE A 851 1.90 -12.72 4.95
C PHE A 851 2.66 -11.55 5.48
N GLN A 852 3.96 -11.57 5.31
CA GLN A 852 4.80 -10.51 5.74
C GLN A 852 5.14 -9.73 4.52
N LEU A 853 4.69 -8.51 4.46
CA LEU A 853 4.95 -7.72 3.29
C LEU A 853 6.40 -7.35 3.16
N SER A 854 7.09 -7.26 4.26
CA SER A 854 8.49 -6.91 4.25
C SER A 854 9.33 -7.95 3.58
N LYS A 855 8.79 -9.13 3.39
CA LYS A 855 9.53 -10.17 2.75
C LYS A 855 9.60 -9.94 1.27
N TYR A 856 8.79 -9.05 0.76
CA TYR A 856 8.80 -8.80 -0.65
C TYR A 856 8.81 -7.35 -1.00
N VAL A 857 9.06 -6.49 -0.05
CA VAL A 857 9.06 -5.08 -0.30
C VAL A 857 9.89 -4.29 0.70
N ASP A 858 10.75 -3.43 0.20
CA ASP A 858 11.60 -2.61 1.04
C ASP A 858 10.89 -1.31 1.33
N ASN A 859 10.10 -0.89 0.39
CA ASN A 859 9.33 0.33 0.45
C ASN A 859 8.92 0.71 1.86
N GLN A 860 9.64 1.63 2.45
CA GLN A 860 9.33 2.04 3.79
C GLN A 860 7.95 2.62 3.85
N ARG A 861 7.43 3.04 2.73
CA ARG A 861 6.13 3.63 2.70
C ARG A 861 5.08 2.60 2.93
N LEU A 862 4.99 1.65 2.04
CA LEU A 862 4.01 0.60 2.09
C LEU A 862 4.12 -0.34 3.27
N LEU A 863 5.32 -0.70 3.66
CA LEU A 863 5.47 -1.61 4.78
C LEU A 863 4.91 -0.96 6.01
N SER A 864 5.32 0.26 6.23
CA SER A 864 4.87 1.02 7.35
C SER A 864 3.37 0.99 7.37
N THR A 865 2.79 1.05 6.20
CA THR A 865 1.36 1.00 6.05
C THR A 865 0.87 -0.35 6.48
N PHE A 866 1.36 -1.34 5.79
CA PHE A 866 1.02 -2.70 6.05
C PHE A 866 1.05 -3.01 7.52
N THR A 867 1.95 -2.38 8.23
CA THR A 867 2.05 -2.62 9.64
C THR A 867 0.89 -2.14 10.43
N GLU A 868 0.42 -0.94 10.16
CA GLU A 868 -0.69 -0.43 10.90
C GLU A 868 -1.94 -1.19 10.57
N TYR A 869 -2.04 -1.64 9.34
CA TYR A 869 -3.18 -2.39 8.89
C TYR A 869 -3.29 -3.71 9.64
N ILE A 870 -2.17 -4.34 9.85
CA ILE A 870 -2.09 -5.60 10.53
C ILE A 870 -2.42 -5.51 11.99
N LYS A 871 -2.14 -4.37 12.59
CA LYS A 871 -2.39 -4.18 13.99
C LYS A 871 -3.84 -4.36 14.36
N ASN A 872 -4.73 -3.93 13.51
CA ASN A 872 -6.14 -4.05 13.80
C ASN A 872 -6.60 -5.41 13.38
N ILE A 873 -6.91 -6.23 14.36
CA ILE A 873 -7.33 -7.58 14.10
C ILE A 873 -8.57 -7.67 13.28
N ILE A 874 -9.24 -6.57 13.12
CA ILE A 874 -10.46 -6.59 12.35
C ILE A 874 -10.22 -6.72 10.87
N ASN A 875 -9.18 -6.10 10.36
CA ASN A 875 -8.85 -6.18 8.96
C ASN A 875 -8.47 -7.60 8.64
N THR A 876 -8.44 -8.40 9.66
CA THR A 876 -8.09 -9.78 9.56
C THR A 876 -9.28 -10.59 9.19
N SER A 877 -10.38 -10.33 9.85
CA SER A 877 -11.63 -11.02 9.64
C SER A 877 -12.00 -11.28 8.21
N ILE A 878 -12.40 -12.51 7.94
CA ILE A 878 -12.80 -12.91 6.63
C ILE A 878 -14.21 -12.47 6.35
N LEU A 879 -14.82 -11.84 7.32
CA LEU A 879 -16.17 -11.35 7.20
C LEU A 879 -16.42 -10.35 8.28
N ASN A 880 -16.77 -9.16 7.89
CA ASN A 880 -17.00 -8.11 8.82
C ASN A 880 -18.05 -7.23 8.23
N LEU A 881 -19.23 -7.23 8.82
CA LEU A 881 -20.30 -6.44 8.30
C LEU A 881 -20.96 -5.50 9.25
N ARG A 882 -20.78 -4.23 8.97
CA ARG A 882 -21.34 -3.15 9.73
C ARG A 882 -22.37 -2.50 8.85
N TYR A 883 -23.11 -1.57 9.38
CA TYR A 883 -24.08 -0.90 8.56
C TYR A 883 -23.45 0.41 8.20
N GLU A 884 -22.76 0.43 7.09
CA GLU A 884 -22.06 1.62 6.69
C GLU A 884 -22.82 2.44 5.70
N SER A 885 -22.59 3.73 5.75
CA SER A 885 -23.24 4.67 4.88
C SER A 885 -24.70 4.38 4.83
N ASN A 886 -25.11 3.66 3.83
CA ASN A 886 -26.49 3.30 3.67
C ASN A 886 -26.62 1.89 3.21
N HIS A 887 -25.74 1.03 3.68
CA HIS A 887 -25.79 -0.36 3.30
C HIS A 887 -25.25 -1.32 4.34
N LEU A 888 -25.72 -2.54 4.28
CA LEU A 888 -25.28 -3.57 5.17
C LEU A 888 -24.24 -4.26 4.33
N ILE A 889 -23.02 -3.80 4.45
CA ILE A 889 -21.94 -4.35 3.67
C ILE A 889 -20.92 -5.14 4.43
N ASP A 890 -20.11 -5.87 3.71
CA ASP A 890 -19.07 -6.68 4.29
C ASP A 890 -17.73 -6.05 4.07
N LEU A 891 -17.42 -5.08 4.88
CA LEU A 891 -16.19 -4.35 4.78
C LEU A 891 -14.95 -5.15 4.52
N SER A 892 -14.98 -6.42 4.82
CA SER A 892 -13.82 -7.27 4.60
C SER A 892 -13.78 -7.74 3.16
N ARG A 893 -14.71 -7.26 2.37
CA ARG A 893 -14.79 -7.60 0.98
C ARG A 893 -14.82 -9.06 0.65
N TYR A 894 -15.33 -9.88 1.53
CA TYR A 894 -15.40 -11.27 1.25
C TYR A 894 -16.73 -11.64 0.67
N ALA A 895 -17.77 -11.05 1.19
CA ALA A 895 -19.10 -11.33 0.73
C ALA A 895 -19.27 -10.84 -0.68
N SER A 896 -20.07 -11.56 -1.44
CA SER A 896 -20.32 -11.21 -2.81
C SER A 896 -21.71 -10.68 -2.95
N LYS A 897 -22.62 -11.20 -2.17
CA LYS A 897 -23.99 -10.77 -2.22
C LYS A 897 -24.62 -10.88 -0.87
N ILE A 898 -24.95 -9.76 -0.27
CA ILE A 898 -25.58 -9.78 1.03
C ILE A 898 -27.04 -9.45 0.88
N ASN A 899 -27.83 -10.47 0.67
CA ASN A 899 -29.24 -10.30 0.48
C ASN A 899 -29.94 -10.05 1.78
N ILE A 900 -30.60 -8.93 1.87
CA ILE A 900 -31.33 -8.56 3.06
C ILE A 900 -32.81 -8.79 2.88
N GLY A 901 -33.44 -9.31 3.89
CA GLY A 901 -34.84 -9.57 3.83
C GLY A 901 -35.68 -8.33 3.71
N SER A 902 -36.96 -8.47 3.98
CA SER A 902 -37.87 -7.35 3.90
C SER A 902 -38.43 -7.05 5.25
N LYS A 903 -38.36 -8.02 6.13
CA LYS A 903 -38.85 -7.86 7.46
C LYS A 903 -37.69 -7.64 8.41
N VAL A 904 -36.56 -7.30 7.83
CA VAL A 904 -35.36 -7.03 8.58
C VAL A 904 -35.34 -5.56 8.92
N ASN A 905 -35.22 -5.26 10.19
CA ASN A 905 -35.21 -3.89 10.62
C ASN A 905 -33.90 -3.44 11.18
N PHE A 906 -33.59 -2.19 10.93
CA PHE A 906 -32.36 -1.60 11.40
C PHE A 906 -32.62 -0.49 12.37
N ASP A 907 -32.27 -0.70 13.62
CA ASP A 907 -32.47 0.32 14.61
C ASP A 907 -32.17 1.62 13.91
N PRO A 908 -33.03 2.61 14.07
CA PRO A 908 -32.79 3.88 13.42
C PRO A 908 -31.60 4.62 13.95
N ILE A 909 -31.29 4.44 15.21
CA ILE A 909 -30.17 5.11 15.80
C ILE A 909 -28.85 4.57 15.31
N ASP A 910 -28.55 3.36 15.72
CA ASP A 910 -27.34 2.71 15.33
C ASP A 910 -27.78 1.56 14.46
N LYS A 911 -28.08 1.87 13.22
CA LYS A 911 -28.55 0.92 12.26
C LYS A 911 -27.70 -0.32 12.13
N ASN A 912 -26.60 -0.36 12.83
CA ASN A 912 -25.77 -1.50 12.75
C ASN A 912 -26.37 -2.53 13.65
N GLN A 913 -27.42 -2.15 14.34
CA GLN A 913 -28.14 -3.03 15.23
C GLN A 913 -29.33 -3.57 14.49
N ILE A 914 -29.18 -4.80 14.03
CA ILE A 914 -30.17 -5.48 13.29
C ILE A 914 -31.08 -6.29 14.15
N GLN A 915 -32.36 -6.23 13.84
CA GLN A 915 -33.39 -6.94 14.55
C GLN A 915 -34.02 -7.94 13.60
N LEU A 916 -34.14 -9.18 14.02
CA LEU A 916 -34.73 -10.20 13.19
C LEU A 916 -35.92 -10.82 13.88
N PHE A 917 -37.03 -10.92 13.19
CA PHE A 917 -38.22 -11.50 13.74
C PHE A 917 -38.41 -12.93 13.36
N ASN A 918 -39.44 -13.55 13.88
CA ASN A 918 -39.73 -14.94 13.58
C ASN A 918 -40.24 -15.12 12.16
N LEU A 919 -40.58 -14.02 11.52
CA LEU A 919 -41.09 -14.02 10.18
C LEU A 919 -40.07 -14.47 9.17
N GLU A 920 -40.43 -15.46 8.40
CA GLU A 920 -39.61 -16.02 7.36
C GLU A 920 -39.20 -14.98 6.36
N SER A 921 -39.70 -13.78 6.52
CA SER A 921 -39.38 -12.70 5.61
C SER A 921 -38.33 -11.76 6.16
N SER A 922 -37.98 -11.96 7.40
CA SER A 922 -36.95 -11.18 8.01
C SER A 922 -35.76 -12.08 8.10
N LYS A 923 -34.78 -11.83 7.26
CA LYS A 923 -33.60 -12.62 7.25
C LYS A 923 -32.56 -12.00 6.37
N ILE A 924 -31.31 -12.25 6.68
CA ILE A 924 -30.20 -11.77 5.90
C ILE A 924 -29.29 -12.91 5.60
N GLU A 925 -29.09 -13.18 4.33
CA GLU A 925 -28.24 -14.26 3.89
C GLU A 925 -26.99 -13.72 3.25
N VAL A 926 -25.86 -14.21 3.69
CA VAL A 926 -24.58 -13.79 3.18
C VAL A 926 -23.87 -14.89 2.47
N ILE A 927 -23.48 -14.63 1.25
CA ILE A 927 -22.77 -15.61 0.47
C ILE A 927 -21.38 -15.09 0.24
N LEU A 928 -20.39 -15.88 0.58
CA LEU A 928 -19.02 -15.48 0.43
C LEU A 928 -18.49 -15.89 -0.90
N LYS A 929 -17.73 -15.02 -1.53
CA LYS A 929 -17.16 -15.31 -2.83
C LYS A 929 -16.60 -16.71 -2.79
N ASN A 930 -17.03 -17.53 -3.70
CA ASN A 930 -16.59 -18.90 -3.72
C ASN A 930 -15.09 -19.03 -3.94
N ALA A 931 -14.59 -18.39 -4.95
CA ALA A 931 -13.20 -18.46 -5.29
C ALA A 931 -12.30 -18.21 -4.10
N ILE A 932 -12.77 -17.38 -3.20
CA ILE A 932 -12.05 -16.99 -2.03
C ILE A 932 -12.31 -17.89 -0.86
N VAL A 933 -13.23 -18.81 -0.99
CA VAL A 933 -13.56 -19.70 0.09
C VAL A 933 -13.03 -21.09 0.01
N TYR A 934 -12.21 -21.45 0.97
CA TYR A 934 -11.64 -22.76 1.03
C TYR A 934 -12.42 -23.58 2.03
N ASN A 935 -12.61 -24.85 1.74
CA ASN A 935 -13.37 -25.70 2.60
C ASN A 935 -12.75 -26.07 3.92
N SER A 936 -11.46 -25.91 4.03
CA SER A 936 -10.78 -26.22 5.26
C SER A 936 -10.79 -24.95 6.06
N MET A 937 -11.82 -24.16 5.82
CA MET A 937 -12.00 -22.88 6.44
C MET A 937 -12.56 -22.85 7.85
N TYR A 938 -13.28 -23.87 8.24
CA TYR A 938 -13.87 -23.86 9.56
C TYR A 938 -13.28 -24.83 10.53
N GLU A 939 -12.04 -25.19 10.30
CA GLU A 939 -11.37 -26.07 11.22
C GLU A 939 -11.02 -25.23 12.41
N ASN A 940 -10.27 -24.19 12.17
CA ASN A 940 -9.89 -23.28 13.21
C ASN A 940 -10.43 -21.94 12.81
N PHE A 941 -11.34 -21.39 13.59
CA PHE A 941 -11.92 -20.13 13.27
C PHE A 941 -12.78 -19.66 14.39
N SER A 942 -13.00 -18.39 14.48
CA SER A 942 -13.82 -17.82 15.53
C SER A 942 -14.92 -17.00 14.96
N THR A 943 -15.91 -16.74 15.77
CA THR A 943 -17.03 -15.94 15.35
C THR A 943 -17.49 -15.16 16.53
N SER A 944 -17.83 -13.91 16.31
CA SER A 944 -18.29 -13.09 17.39
C SER A 944 -19.39 -12.22 16.88
N PHE A 945 -20.17 -11.69 17.79
CA PHE A 945 -21.27 -10.83 17.44
C PHE A 945 -21.91 -10.38 18.71
N TRP A 946 -22.71 -9.34 18.64
CA TRP A 946 -23.40 -8.87 19.81
C TRP A 946 -24.83 -9.28 19.67
N ILE A 947 -25.37 -9.81 20.73
CA ILE A 947 -26.70 -10.29 20.73
C ILE A 947 -27.55 -9.49 21.67
N ARG A 948 -28.84 -9.51 21.45
CA ARG A 948 -29.79 -8.81 22.26
C ARG A 948 -31.02 -9.68 22.19
N ILE A 949 -31.22 -10.47 23.22
CA ILE A 949 -32.32 -11.39 23.26
C ILE A 949 -33.45 -10.91 24.10
N PRO A 950 -34.67 -10.93 23.56
CA PRO A 950 -35.82 -10.49 24.31
C PRO A 950 -36.03 -11.48 25.41
N LYS A 951 -36.96 -11.22 26.30
CA LYS A 951 -37.20 -12.13 27.39
C LYS A 951 -38.20 -13.17 27.03
N TYR A 952 -38.05 -14.34 27.59
CA TYR A 952 -38.95 -15.44 27.34
C TYR A 952 -40.07 -15.34 28.34
N PHE A 953 -41.25 -15.02 27.84
CA PHE A 953 -42.40 -14.88 28.70
C PHE A 953 -43.32 -16.07 28.70
N ASN A 954 -43.51 -16.66 27.56
CA ASN A 954 -44.37 -17.80 27.44
C ASN A 954 -43.63 -19.04 27.86
N SER A 955 -44.30 -20.16 27.84
CA SER A 955 -43.68 -21.40 28.20
C SER A 955 -43.40 -22.14 26.93
N ILE A 956 -43.99 -21.69 25.85
CA ILE A 956 -43.76 -22.31 24.58
C ILE A 956 -42.27 -22.29 24.45
N SER A 957 -41.73 -21.12 24.69
CA SER A 957 -40.33 -20.84 24.63
C SER A 957 -39.50 -21.91 25.26
N LEU A 958 -40.00 -22.49 26.32
CA LEU A 958 -39.28 -23.53 27.00
C LEU A 958 -38.99 -24.64 26.03
N ASN A 959 -37.91 -25.34 26.26
CA ASN A 959 -37.49 -26.42 25.40
C ASN A 959 -37.80 -26.27 23.94
N ASN A 960 -37.47 -25.12 23.40
CA ASN A 960 -37.64 -24.84 22.01
C ASN A 960 -36.40 -24.09 21.61
N GLU A 961 -35.58 -24.75 20.83
CA GLU A 961 -34.33 -24.20 20.39
C GLU A 961 -34.34 -23.73 18.96
N TYR A 962 -34.60 -22.48 18.74
CA TYR A 962 -34.60 -21.95 17.40
C TYR A 962 -33.21 -21.56 17.00
N THR A 963 -32.91 -21.66 15.74
CA THR A 963 -31.62 -21.32 15.22
C THR A 963 -31.58 -19.93 14.63
N ILE A 964 -30.56 -19.16 14.98
CA ILE A 964 -30.41 -17.81 14.51
C ILE A 964 -29.40 -17.63 13.41
N ILE A 965 -28.27 -18.29 13.52
CA ILE A 965 -27.24 -18.19 12.51
C ILE A 965 -26.91 -19.57 12.03
N ASN A 966 -27.05 -19.80 10.75
CA ASN A 966 -26.79 -21.09 10.21
C ASN A 966 -25.86 -21.06 9.05
N CYS A 967 -24.92 -21.97 9.08
CA CYS A 967 -23.92 -22.10 8.06
C CYS A 967 -23.63 -23.56 7.87
N MET A 968 -24.47 -24.24 7.13
CA MET A 968 -24.28 -25.64 6.88
C MET A 968 -24.56 -26.02 5.44
N GLU A 969 -23.85 -27.03 4.99
CA GLU A 969 -23.95 -27.54 3.66
C GLU A 969 -24.18 -29.02 3.84
N ASN A 970 -25.29 -29.35 4.47
CA ASN A 970 -25.65 -30.71 4.79
C ASN A 970 -24.73 -31.23 5.83
N ASN A 971 -25.00 -30.86 7.06
CA ASN A 971 -24.21 -31.25 8.21
C ASN A 971 -22.94 -30.44 8.31
N SER A 972 -22.92 -29.29 7.69
CA SER A 972 -21.77 -28.44 7.76
C SER A 972 -21.80 -27.64 9.02
N GLY A 973 -21.06 -28.10 9.99
CA GLY A 973 -20.98 -27.50 11.29
C GLY A 973 -21.31 -26.06 11.53
N TRP A 974 -21.41 -25.76 12.79
CA TRP A 974 -21.71 -24.46 13.30
C TRP A 974 -22.91 -23.75 12.76
N LYS A 975 -23.77 -23.44 13.69
CA LYS A 975 -24.99 -22.73 13.45
C LYS A 975 -25.39 -22.31 14.84
N VAL A 976 -25.65 -21.04 15.01
CA VAL A 976 -26.01 -20.51 16.30
C VAL A 976 -27.49 -20.66 16.52
N SER A 977 -27.83 -21.22 17.65
CA SER A 977 -29.21 -21.44 17.99
C SER A 977 -29.52 -20.90 19.35
N LEU A 978 -30.79 -20.70 19.60
CA LEU A 978 -31.25 -20.18 20.86
C LEU A 978 -32.25 -21.07 21.52
N ASN A 979 -32.30 -21.02 22.83
CA ASN A 979 -33.22 -21.81 23.59
C ASN A 979 -33.34 -21.32 25.01
N TYR A 980 -34.54 -20.95 25.38
CA TYR A 980 -34.87 -20.46 26.70
C TYR A 980 -33.73 -20.29 27.66
N GLY A 981 -33.17 -19.10 27.70
CA GLY A 981 -32.08 -18.83 28.60
C GLY A 981 -30.75 -19.47 28.34
N GLU A 982 -30.38 -19.58 27.10
CA GLU A 982 -29.11 -20.16 26.75
C GLU A 982 -28.78 -19.90 25.32
N ILE A 983 -27.51 -19.73 25.04
CA ILE A 983 -27.04 -19.49 23.68
C ILE A 983 -26.24 -20.71 23.35
N ILE A 984 -26.29 -21.13 22.12
CA ILE A 984 -25.56 -22.32 21.74
C ILE A 984 -24.79 -22.19 20.45
N TRP A 985 -23.82 -23.05 20.31
CA TRP A 985 -22.98 -23.12 19.15
C TRP A 985 -22.77 -24.59 18.90
N THR A 986 -23.27 -25.09 17.80
CA THR A 986 -23.12 -26.51 17.51
C THR A 986 -22.28 -26.77 16.29
N LEU A 987 -21.24 -27.55 16.47
CA LEU A 987 -20.36 -27.91 15.39
C LEU A 987 -20.72 -29.29 14.98
N GLN A 988 -20.74 -29.53 13.69
CA GLN A 988 -21.10 -30.81 13.16
C GLN A 988 -20.49 -31.10 11.81
N ASP A 989 -19.89 -32.26 11.68
CA ASP A 989 -19.25 -32.64 10.45
C ASP A 989 -20.17 -33.41 9.54
N THR A 990 -19.71 -33.68 8.35
CA THR A 990 -20.47 -34.42 7.38
C THR A 990 -20.87 -35.75 7.97
N GLN A 991 -19.98 -36.35 8.73
CA GLN A 991 -20.25 -37.60 9.36
C GLN A 991 -21.19 -37.32 10.50
N GLU A 992 -21.98 -36.28 10.32
CA GLU A 992 -22.97 -35.82 11.25
C GLU A 992 -22.63 -35.80 12.71
N ILE A 993 -21.39 -36.05 13.06
CA ILE A 993 -21.01 -36.01 14.45
C ILE A 993 -21.09 -34.56 14.87
N LYS A 994 -21.83 -34.28 15.90
CA LYS A 994 -21.97 -32.92 16.34
C LYS A 994 -21.56 -32.69 17.76
N GLN A 995 -21.08 -31.50 18.00
CA GLN A 995 -20.63 -31.07 19.30
C GLN A 995 -21.12 -29.67 19.51
N ARG A 996 -21.66 -29.41 20.68
CA ARG A 996 -22.19 -28.11 20.97
C ARG A 996 -21.78 -27.62 22.33
N VAL A 997 -21.47 -26.35 22.40
CA VAL A 997 -21.08 -25.69 23.62
C VAL A 997 -22.16 -24.71 23.95
N VAL A 998 -22.51 -24.59 25.21
CA VAL A 998 -23.58 -23.72 25.61
C VAL A 998 -23.39 -22.81 26.79
N PHE A 999 -23.97 -21.65 26.69
CA PHE A 999 -23.96 -20.66 27.74
C PHE A 999 -25.39 -20.57 28.15
N LYS A 1000 -25.68 -20.87 29.38
CA LYS A 1000 -27.04 -20.84 29.85
C LYS A 1000 -27.23 -19.74 30.83
N TYR A 1001 -28.26 -18.95 30.65
CA TYR A 1001 -28.54 -17.88 31.57
C TYR A 1001 -29.90 -17.98 32.21
N SER A 1002 -29.92 -18.01 33.52
CA SER A 1002 -31.14 -18.11 34.28
C SER A 1002 -32.03 -16.91 34.12
N GLN A 1003 -33.32 -17.14 34.13
CA GLN A 1003 -34.27 -16.07 34.00
C GLN A 1003 -35.00 -15.87 35.29
N MET A 1004 -34.45 -16.42 36.35
CA MET A 1004 -35.01 -16.30 37.66
C MET A 1004 -34.06 -15.50 38.51
N ILE A 1005 -33.80 -14.28 38.09
CA ILE A 1005 -32.90 -13.41 38.81
C ILE A 1005 -33.50 -12.05 39.01
N ASN A 1006 -33.09 -11.39 40.08
CA ASN A 1006 -33.56 -10.07 40.39
C ASN A 1006 -33.25 -9.20 39.21
N ILE A 1007 -31.97 -9.07 38.91
CA ILE A 1007 -31.50 -8.29 37.80
C ILE A 1007 -30.49 -9.09 37.04
N SER A 1008 -30.79 -9.40 35.80
CA SER A 1008 -29.90 -10.18 35.00
C SER A 1008 -28.93 -9.37 34.18
N ASP A 1009 -27.85 -10.00 33.79
CA ASP A 1009 -26.83 -9.37 32.99
C ASP A 1009 -27.01 -9.72 31.57
N TYR A 1010 -27.99 -10.54 31.27
CA TYR A 1010 -28.20 -10.94 29.90
C TYR A 1010 -29.59 -10.83 29.38
N ILE A 1011 -30.57 -10.76 30.25
CA ILE A 1011 -31.93 -10.66 29.81
C ILE A 1011 -32.17 -9.37 29.06
N ASN A 1012 -32.78 -9.50 27.91
CA ASN A 1012 -33.08 -8.38 27.06
C ASN A 1012 -31.95 -7.40 26.91
N ARG A 1013 -30.74 -7.83 27.11
CA ARG A 1013 -29.62 -6.94 26.99
C ARG A 1013 -28.70 -7.33 25.89
N TRP A 1014 -27.67 -6.54 25.70
CA TRP A 1014 -26.69 -6.82 24.68
C TRP A 1014 -25.64 -7.68 25.28
N ILE A 1015 -25.22 -8.66 24.54
CA ILE A 1015 -24.22 -9.55 25.00
C ILE A 1015 -23.20 -9.73 23.93
N PHE A 1016 -21.96 -9.60 24.29
CA PHE A 1016 -20.91 -9.80 23.34
C PHE A 1016 -20.67 -11.30 23.35
N VAL A 1017 -20.60 -11.89 22.19
CA VAL A 1017 -20.39 -13.30 22.08
C VAL A 1017 -19.25 -13.59 21.13
N THR A 1018 -18.39 -14.50 21.53
CA THR A 1018 -17.30 -14.89 20.68
C THR A 1018 -17.16 -16.39 20.78
N ILE A 1019 -17.09 -17.04 19.67
CA ILE A 1019 -16.97 -18.45 19.65
C ILE A 1019 -15.73 -18.84 18.91
N THR A 1020 -14.88 -19.56 19.59
CA THR A 1020 -13.62 -20.02 19.09
C THR A 1020 -13.66 -21.45 18.64
N ASN A 1021 -12.88 -21.76 17.64
CA ASN A 1021 -12.83 -23.11 17.12
C ASN A 1021 -11.43 -23.54 16.74
N ASN A 1022 -10.94 -24.56 17.39
CA ASN A 1022 -9.64 -25.08 17.10
C ASN A 1022 -9.79 -26.54 16.82
N ARG A 1023 -9.62 -26.92 15.57
CA ARG A 1023 -9.76 -28.30 15.19
C ARG A 1023 -8.98 -29.23 16.08
N LEU A 1024 -7.76 -28.86 16.36
CA LEU A 1024 -6.92 -29.67 17.20
C LEU A 1024 -7.33 -29.65 18.64
N ASN A 1025 -8.23 -28.76 18.99
CA ASN A 1025 -8.67 -28.65 20.35
C ASN A 1025 -10.16 -28.57 20.57
N ASN A 1026 -10.58 -27.55 21.29
CA ASN A 1026 -11.96 -27.40 21.62
C ASN A 1026 -12.69 -26.19 21.08
N SER A 1027 -13.98 -26.17 21.32
CA SER A 1027 -14.86 -25.11 20.91
C SER A 1027 -15.18 -24.33 22.15
N LYS A 1028 -14.82 -23.07 22.17
CA LYS A 1028 -15.09 -22.27 23.33
C LYS A 1028 -16.11 -21.19 23.07
N ILE A 1029 -16.84 -20.86 24.09
CA ILE A 1029 -17.87 -19.86 24.01
C ILE A 1029 -17.54 -18.79 25.00
N TYR A 1030 -17.40 -17.58 24.53
CA TYR A 1030 -17.09 -16.48 25.40
C TYR A 1030 -18.25 -15.55 25.48
N ILE A 1031 -18.69 -15.27 26.67
CA ILE A 1031 -19.76 -14.33 26.82
C ILE A 1031 -19.22 -13.09 27.46
N ASN A 1032 -19.32 -11.99 26.75
CA ASN A 1032 -18.83 -10.73 27.22
C ASN A 1032 -17.37 -10.71 27.59
N GLY A 1033 -16.59 -11.51 26.92
CA GLY A 1033 -15.19 -11.52 27.22
C GLY A 1033 -14.67 -12.72 27.94
N ARG A 1034 -15.38 -13.20 28.93
CA ARG A 1034 -14.92 -14.34 29.67
C ARG A 1034 -15.33 -15.65 29.03
N LEU A 1035 -14.60 -16.69 29.34
CA LEU A 1035 -14.89 -18.01 28.81
C LEU A 1035 -15.93 -18.67 29.63
N ILE A 1036 -17.03 -18.99 29.00
CA ILE A 1036 -18.13 -19.62 29.66
C ILE A 1036 -18.03 -21.12 29.63
N ASP A 1037 -17.58 -21.66 28.54
CA ASP A 1037 -17.45 -23.09 28.45
C ASP A 1037 -16.70 -23.53 27.24
N GLN A 1038 -16.22 -24.75 27.27
CA GLN A 1038 -15.50 -25.31 26.16
C GLN A 1038 -15.69 -26.78 26.12
N LYS A 1039 -15.68 -27.34 24.93
CA LYS A 1039 -15.86 -28.75 24.76
C LYS A 1039 -14.98 -29.20 23.64
N PRO A 1040 -14.16 -30.21 23.87
CA PRO A 1040 -13.24 -30.78 22.92
C PRO A 1040 -13.84 -31.00 21.56
N ILE A 1041 -13.02 -30.89 20.55
CA ILE A 1041 -13.46 -31.10 19.19
C ILE A 1041 -12.39 -31.84 18.43
N SER A 1042 -11.43 -32.35 19.17
CA SER A 1042 -10.35 -33.09 18.58
C SER A 1042 -10.86 -34.38 18.00
N ASN A 1043 -12.15 -34.57 18.05
CA ASN A 1043 -12.75 -35.78 17.53
C ASN A 1043 -13.72 -35.53 16.42
N LEU A 1044 -13.95 -34.28 16.08
CA LEU A 1044 -14.87 -33.94 15.03
C LEU A 1044 -14.18 -34.17 13.72
N GLY A 1045 -14.89 -34.76 12.79
CA GLY A 1045 -14.31 -35.03 11.51
C GLY A 1045 -14.15 -33.82 10.66
N ASN A 1046 -14.02 -34.02 9.37
CA ASN A 1046 -13.88 -32.93 8.45
C ASN A 1046 -15.19 -32.19 8.39
N ILE A 1047 -15.15 -30.92 8.07
CA ILE A 1047 -16.33 -30.11 8.01
C ILE A 1047 -16.45 -29.32 6.73
N HIS A 1048 -17.66 -29.15 6.26
CA HIS A 1048 -17.90 -28.41 5.05
C HIS A 1048 -17.75 -26.93 5.24
N ALA A 1049 -17.48 -26.24 4.17
CA ALA A 1049 -17.34 -24.81 4.18
C ALA A 1049 -18.50 -24.21 3.44
N SER A 1050 -19.50 -23.79 4.18
CA SER A 1050 -20.68 -23.22 3.60
C SER A 1050 -20.43 -21.92 2.89
N ASN A 1051 -20.85 -21.86 1.64
CA ASN A 1051 -20.69 -20.72 0.80
C ASN A 1051 -21.44 -19.51 1.29
N ASN A 1052 -22.49 -19.75 2.04
CA ASN A 1052 -23.28 -18.66 2.57
C ASN A 1052 -23.81 -18.89 3.96
N ILE A 1053 -23.97 -17.81 4.68
CA ILE A 1053 -24.44 -17.78 6.03
C ILE A 1053 -25.80 -17.13 6.05
N MET A 1054 -26.72 -17.69 6.80
CA MET A 1054 -28.05 -17.16 6.87
C MET A 1054 -28.46 -16.67 8.23
N PHE A 1055 -28.83 -15.41 8.28
CA PHE A 1055 -29.27 -14.80 9.51
C PHE A 1055 -30.77 -14.81 9.51
N LYS A 1056 -31.33 -15.72 10.28
CA LYS A 1056 -32.76 -15.86 10.38
C LYS A 1056 -33.03 -16.88 11.46
N LEU A 1057 -34.04 -16.66 12.26
CA LEU A 1057 -34.36 -17.61 13.30
C LEU A 1057 -34.95 -18.81 12.60
N ASP A 1058 -34.89 -19.96 13.20
CA ASP A 1058 -35.42 -21.12 12.55
C ASP A 1058 -35.94 -22.17 13.48
N GLY A 1059 -37.24 -22.30 13.53
CA GLY A 1059 -37.86 -23.27 14.38
C GLY A 1059 -38.33 -22.70 15.68
N CYS A 1060 -38.65 -21.43 15.67
CA CYS A 1060 -39.12 -20.78 16.86
C CYS A 1060 -40.61 -20.87 16.95
N ARG A 1061 -41.08 -21.74 17.81
CA ARG A 1061 -42.49 -21.92 17.97
C ARG A 1061 -43.11 -20.63 18.42
N ASP A 1062 -42.33 -19.81 19.09
CA ASP A 1062 -42.83 -18.54 19.56
C ASP A 1062 -43.08 -17.62 18.39
N THR A 1063 -44.22 -17.00 18.41
CA THR A 1063 -44.62 -16.12 17.34
C THR A 1063 -44.05 -14.74 17.47
N HIS A 1064 -43.85 -14.29 18.68
CA HIS A 1064 -43.32 -12.98 18.91
C HIS A 1064 -41.90 -12.99 19.37
N ARG A 1065 -41.15 -13.93 18.87
CA ARG A 1065 -39.77 -14.07 19.21
C ARG A 1065 -38.96 -13.34 18.19
N TYR A 1066 -37.90 -12.73 18.64
CA TYR A 1066 -37.01 -12.00 17.77
C TYR A 1066 -35.74 -11.74 18.51
N ILE A 1067 -34.75 -11.26 17.80
CA ILE A 1067 -33.48 -10.96 18.39
C ILE A 1067 -32.87 -9.76 17.75
N TRP A 1068 -31.81 -9.28 18.35
CA TRP A 1068 -31.07 -8.17 17.84
C TRP A 1068 -29.63 -8.59 17.73
N ILE A 1069 -29.09 -8.60 16.53
CA ILE A 1069 -27.70 -8.96 16.39
C ILE A 1069 -26.97 -7.69 16.15
N LYS A 1070 -25.67 -7.76 16.22
CA LYS A 1070 -24.83 -6.60 16.03
C LYS A 1070 -23.41 -7.01 15.86
N TYR A 1071 -22.71 -6.28 15.05
CA TYR A 1071 -21.30 -6.51 14.79
C TYR A 1071 -20.90 -7.93 14.55
N PHE A 1072 -21.56 -8.58 13.63
CA PHE A 1072 -21.19 -9.94 13.34
C PHE A 1072 -19.86 -9.97 12.62
N ASN A 1073 -18.97 -10.81 13.08
CA ASN A 1073 -17.67 -10.95 12.48
C ASN A 1073 -17.32 -12.39 12.39
N LEU A 1074 -16.38 -12.72 11.54
CA LEU A 1074 -15.94 -14.07 11.36
C LEU A 1074 -14.46 -14.07 11.14
N PHE A 1075 -13.73 -14.73 12.02
CA PHE A 1075 -12.29 -14.79 11.94
C PHE A 1075 -11.77 -16.12 11.50
N ASP A 1076 -10.76 -16.08 10.66
CA ASP A 1076 -10.14 -17.25 10.11
C ASP A 1076 -9.04 -17.80 10.99
N LYS A 1077 -9.15 -17.61 12.27
CA LYS A 1077 -8.17 -18.10 13.21
C LYS A 1077 -8.77 -18.12 14.57
N GLU A 1078 -8.18 -18.84 15.49
CA GLU A 1078 -8.72 -18.94 16.83
C GLU A 1078 -8.38 -17.77 17.70
N LEU A 1079 -9.28 -16.81 17.82
CA LEU A 1079 -9.00 -15.66 18.64
C LEU A 1079 -8.68 -16.07 20.04
N ASN A 1080 -7.61 -15.55 20.59
CA ASN A 1080 -7.20 -15.87 21.94
C ASN A 1080 -7.85 -14.97 22.96
N GLU A 1081 -7.72 -15.31 24.22
CA GLU A 1081 -8.31 -14.53 25.27
C GLU A 1081 -8.08 -13.08 25.11
N LYS A 1082 -6.83 -12.68 24.95
CA LYS A 1082 -6.50 -11.29 24.81
C LYS A 1082 -7.24 -10.69 23.67
N GLU A 1083 -7.10 -11.28 22.52
CA GLU A 1083 -7.77 -10.79 21.36
C GLU A 1083 -9.24 -10.61 21.65
N ILE A 1084 -9.86 -11.61 22.24
CA ILE A 1084 -11.26 -11.55 22.56
C ILE A 1084 -11.60 -10.33 23.36
N LYS A 1085 -10.93 -10.16 24.46
CA LYS A 1085 -11.17 -9.05 25.34
C LYS A 1085 -10.91 -7.73 24.68
N ASP A 1086 -9.93 -7.68 23.82
CA ASP A 1086 -9.62 -6.48 23.11
C ASP A 1086 -10.75 -6.19 22.17
N LEU A 1087 -11.10 -7.18 21.40
CA LEU A 1087 -12.15 -7.06 20.44
C LEU A 1087 -13.40 -6.63 21.15
N TYR A 1088 -13.61 -7.19 22.31
CA TYR A 1088 -14.76 -6.88 23.11
C TYR A 1088 -14.81 -5.45 23.61
N ASP A 1089 -13.72 -4.94 24.12
CA ASP A 1089 -13.72 -3.59 24.60
C ASP A 1089 -13.85 -2.63 23.46
N ASN A 1090 -13.38 -3.04 22.33
CA ASN A 1090 -13.42 -2.19 21.19
C ASN A 1090 -14.81 -1.99 20.66
N GLN A 1091 -15.63 -3.01 20.70
CA GLN A 1091 -16.96 -2.89 20.20
C GLN A 1091 -17.94 -2.50 21.26
N SER A 1092 -17.49 -1.78 22.26
CA SER A 1092 -18.38 -1.38 23.30
C SER A 1092 -18.70 0.08 23.34
N ASN A 1093 -18.14 0.83 22.42
CA ASN A 1093 -18.38 2.23 22.34
C ASN A 1093 -18.38 2.92 23.68
N SER A 1094 -17.28 2.80 24.38
CA SER A 1094 -17.11 3.39 25.69
C SER A 1094 -17.24 4.88 25.70
N GLY A 1095 -17.27 5.49 24.56
CA GLY A 1095 -17.41 6.91 24.53
C GLY A 1095 -18.84 7.30 24.51
N ILE A 1096 -19.71 6.32 24.57
CA ILE A 1096 -21.13 6.55 24.54
C ILE A 1096 -21.79 5.85 25.70
N LEU A 1097 -22.53 6.57 26.51
CA LEU A 1097 -23.20 5.96 27.64
C LEU A 1097 -24.21 4.94 27.18
N LYS A 1098 -24.72 4.11 28.07
CA LYS A 1098 -25.65 3.08 27.65
C LYS A 1098 -26.98 2.86 28.36
N ASP A 1099 -27.87 2.17 27.67
CA ASP A 1099 -29.17 1.82 28.18
C ASP A 1099 -28.91 0.73 29.17
N PHE A 1100 -29.85 0.46 30.03
CA PHE A 1100 -29.69 -0.62 30.96
C PHE A 1100 -29.57 -1.86 30.11
N TRP A 1101 -29.99 -1.75 28.88
CA TRP A 1101 -29.94 -2.85 27.95
C TRP A 1101 -28.84 -2.76 26.95
N GLY A 1102 -28.11 -1.68 26.97
CA GLY A 1102 -27.03 -1.55 26.05
C GLY A 1102 -27.10 -0.54 24.96
N ASP A 1103 -28.21 0.14 24.80
CA ASP A 1103 -28.31 1.12 23.74
C ASP A 1103 -27.66 2.42 24.14
N TYR A 1104 -27.36 3.26 23.20
CA TYR A 1104 -26.76 4.52 23.53
C TYR A 1104 -27.74 5.25 24.38
N LEU A 1105 -27.29 5.82 25.47
CA LEU A 1105 -28.16 6.59 26.31
C LEU A 1105 -28.64 7.72 25.40
N GLN A 1106 -29.76 8.32 25.70
CA GLN A 1106 -30.25 9.36 24.84
C GLN A 1106 -30.89 10.57 25.46
N TYR A 1107 -30.81 11.68 24.75
CA TYR A 1107 -31.40 12.91 25.19
C TYR A 1107 -32.87 12.87 24.95
N ASP A 1108 -33.61 13.48 25.85
CA ASP A 1108 -35.05 13.54 25.77
C ASP A 1108 -35.65 12.16 25.65
N LYS A 1109 -35.45 11.32 26.64
CA LYS A 1109 -36.00 9.99 26.61
C LYS A 1109 -36.08 9.41 27.99
N PRO A 1110 -37.19 9.61 28.67
CA PRO A 1110 -37.46 9.13 30.01
C PRO A 1110 -36.98 7.75 30.33
N TYR A 1111 -36.17 7.67 31.36
CA TYR A 1111 -35.61 6.42 31.83
C TYR A 1111 -35.90 6.25 33.30
N TYR A 1112 -36.05 5.02 33.74
CA TYR A 1112 -36.28 4.78 35.14
C TYR A 1112 -34.92 4.50 35.72
N MET A 1113 -34.62 5.10 36.85
CA MET A 1113 -33.35 4.91 37.46
C MET A 1113 -33.27 3.65 38.28
N LEU A 1114 -32.26 2.87 38.05
CA LEU A 1114 -32.05 1.69 38.82
C LEU A 1114 -30.72 1.91 39.45
N ASN A 1115 -30.65 1.94 40.76
CA ASN A 1115 -29.41 2.17 41.46
C ASN A 1115 -28.75 0.85 41.73
N LEU A 1116 -27.63 0.61 41.09
CA LEU A 1116 -26.92 -0.62 41.22
C LEU A 1116 -26.42 -1.00 42.57
N TYR A 1117 -26.44 -0.08 43.50
CA TYR A 1117 -25.97 -0.36 44.83
C TYR A 1117 -27.09 -0.91 45.67
N ASP A 1118 -28.25 -0.31 45.54
CA ASP A 1118 -29.42 -0.74 46.28
C ASP A 1118 -30.49 -0.98 45.24
N PRO A 1119 -30.44 -2.11 44.59
CA PRO A 1119 -31.37 -2.53 43.55
C PRO A 1119 -32.80 -2.73 43.97
N ASN A 1120 -33.03 -2.82 45.26
CA ASN A 1120 -34.35 -3.05 45.78
C ASN A 1120 -35.18 -1.82 45.99
N LYS A 1121 -34.59 -0.66 45.81
CA LYS A 1121 -35.29 0.58 45.98
C LYS A 1121 -35.48 1.27 44.66
N TYR A 1122 -36.16 2.39 44.67
CA TYR A 1122 -36.38 3.16 43.48
C TYR A 1122 -36.54 4.61 43.82
N VAL A 1123 -36.01 5.47 42.98
CA VAL A 1123 -36.06 6.89 43.22
C VAL A 1123 -37.45 7.44 43.37
N ASP A 1124 -37.59 8.39 44.26
CA ASP A 1124 -38.85 9.02 44.50
C ASP A 1124 -38.64 10.45 44.94
N VAL A 1125 -39.46 11.34 44.45
CA VAL A 1125 -39.37 12.73 44.80
C VAL A 1125 -40.26 13.04 45.97
N ASN A 1126 -39.70 13.02 47.15
CA ASN A 1126 -40.43 13.32 48.35
C ASN A 1126 -41.39 14.47 48.16
N ASN A 1127 -40.84 15.61 47.81
CA ASN A 1127 -41.62 16.79 47.61
C ASN A 1127 -40.89 17.76 46.73
N VAL A 1128 -41.54 18.26 45.70
CA VAL A 1128 -40.92 19.19 44.79
C VAL A 1128 -40.44 20.43 45.48
N GLY A 1129 -39.40 21.05 44.95
CA GLY A 1129 -38.88 22.24 45.56
C GLY A 1129 -37.61 22.08 46.33
N ILE A 1130 -36.92 23.17 46.58
CA ILE A 1130 -35.68 23.10 47.30
C ILE A 1130 -35.89 22.66 48.71
N ARG A 1131 -37.09 22.83 49.19
CA ARG A 1131 -37.40 22.43 50.53
C ARG A 1131 -37.81 20.98 50.53
N GLY A 1132 -37.73 20.37 49.37
CA GLY A 1132 -38.05 18.99 49.24
C GLY A 1132 -36.84 18.20 48.87
N TYR A 1133 -36.98 16.92 48.66
CA TYR A 1133 -35.85 16.12 48.31
C TYR A 1133 -36.23 14.88 47.56
N MET A 1134 -35.23 14.17 47.09
CA MET A 1134 -35.44 12.94 46.39
C MET A 1134 -34.71 11.89 47.18
N TYR A 1135 -35.28 10.72 47.25
CA TYR A 1135 -34.69 9.64 48.01
C TYR A 1135 -35.05 8.34 47.36
N LEU A 1136 -34.44 7.28 47.81
CA LEU A 1136 -34.75 5.99 47.27
C LEU A 1136 -35.90 5.42 48.06
N LYS A 1137 -36.98 5.18 47.38
CA LYS A 1137 -38.18 4.67 47.99
C LYS A 1137 -38.09 3.22 48.32
N GLY A 1138 -39.12 2.74 48.99
CA GLY A 1138 -39.21 1.39 49.41
C GLY A 1138 -38.95 0.29 48.43
N PRO A 1139 -39.42 -0.91 48.75
CA PRO A 1139 -39.31 -2.16 48.03
C PRO A 1139 -39.76 -2.20 46.59
N ARG A 1140 -38.79 -2.33 45.73
CA ARG A 1140 -38.99 -2.41 44.32
C ARG A 1140 -39.78 -3.67 44.09
N GLY A 1141 -40.89 -3.57 43.42
CA GLY A 1141 -41.68 -4.73 43.18
C GLY A 1141 -41.01 -5.79 42.38
N SER A 1142 -41.61 -6.95 42.33
CA SER A 1142 -41.09 -8.05 41.57
C SER A 1142 -41.95 -8.26 40.37
N VAL A 1143 -41.52 -9.13 39.50
CA VAL A 1143 -42.24 -9.44 38.29
C VAL A 1143 -42.07 -10.90 38.01
N MET A 1144 -43.08 -11.53 37.45
CA MET A 1144 -42.96 -12.93 37.19
C MET A 1144 -43.98 -13.53 36.28
N THR A 1145 -43.86 -14.82 36.11
CA THR A 1145 -44.71 -15.61 35.29
C THR A 1145 -44.32 -17.03 35.52
N THR A 1146 -44.60 -17.49 36.71
CA THR A 1146 -44.32 -18.82 37.19
C THR A 1146 -43.74 -19.80 36.22
N ASN A 1147 -42.57 -20.29 36.57
CA ASN A 1147 -41.84 -21.25 35.78
C ASN A 1147 -41.18 -20.64 34.58
N ILE A 1148 -40.92 -19.37 34.64
CA ILE A 1148 -40.30 -18.69 33.53
C ILE A 1148 -39.35 -17.60 33.94
N TYR A 1149 -39.82 -16.69 34.76
CA TYR A 1149 -38.98 -15.60 35.20
C TYR A 1149 -39.46 -14.93 36.43
N LEU A 1150 -38.54 -14.42 37.20
CA LEU A 1150 -38.89 -13.74 38.40
C LEU A 1150 -37.87 -12.67 38.64
N ASN A 1151 -37.93 -11.63 37.84
CA ASN A 1151 -37.00 -10.55 37.96
C ASN A 1151 -37.56 -9.36 38.68
N SER A 1152 -36.73 -8.72 39.47
CA SER A 1152 -37.13 -7.56 40.19
C SER A 1152 -37.63 -6.61 39.16
N SER A 1153 -38.67 -5.88 39.48
CA SER A 1153 -39.24 -4.95 38.54
C SER A 1153 -38.32 -3.78 38.27
N LEU A 1154 -38.40 -3.25 37.07
CA LEU A 1154 -37.55 -2.16 36.66
C LEU A 1154 -38.25 -0.85 36.43
N TYR A 1155 -39.27 -0.86 35.60
CA TYR A 1155 -40.03 0.34 35.29
C TYR A 1155 -40.71 0.87 36.52
N ARG A 1156 -39.94 1.22 37.51
CA ARG A 1156 -40.43 1.73 38.76
C ARG A 1156 -39.92 3.11 39.08
N GLY A 1157 -40.58 3.76 39.98
CA GLY A 1157 -40.16 5.07 40.38
C GLY A 1157 -40.11 6.15 39.34
N ALA A 1158 -39.84 7.34 39.80
CA ALA A 1158 -39.76 8.51 38.97
C ALA A 1158 -38.79 8.46 37.82
N LYS A 1159 -39.22 8.92 36.66
CA LYS A 1159 -38.40 8.90 35.49
C LYS A 1159 -37.42 10.03 35.42
N PHE A 1160 -36.36 9.79 34.66
CA PHE A 1160 -35.30 10.73 34.47
C PHE A 1160 -35.20 11.12 33.04
N ILE A 1161 -35.00 12.39 32.78
CA ILE A 1161 -34.89 12.85 31.44
C ILE A 1161 -33.67 13.71 31.25
N ILE A 1162 -32.79 13.28 30.38
CA ILE A 1162 -31.57 13.99 30.11
C ILE A 1162 -31.76 15.05 29.06
N LYS A 1163 -31.43 16.28 29.41
CA LYS A 1163 -31.57 17.41 28.54
C LYS A 1163 -30.25 17.93 28.06
N LYS A 1164 -30.18 18.20 26.77
CA LYS A 1164 -28.97 18.72 26.18
C LYS A 1164 -28.57 20.01 26.82
N TYR A 1165 -27.32 20.37 26.66
CA TYR A 1165 -26.80 21.58 27.22
C TYR A 1165 -25.50 21.98 26.60
N ALA A 1166 -24.78 21.03 26.08
CA ALA A 1166 -23.52 21.28 25.44
C ALA A 1166 -23.43 20.47 24.18
N SER A 1167 -23.29 21.14 23.06
CA SER A 1167 -23.22 20.47 21.80
C SER A 1167 -24.52 19.74 21.57
N GLY A 1168 -25.48 20.45 21.01
CA GLY A 1168 -26.76 19.87 20.75
C GLY A 1168 -27.12 19.85 19.30
N ASN A 1169 -28.40 19.77 19.02
CA ASN A 1169 -28.90 19.73 17.67
C ASN A 1169 -28.39 18.52 16.93
N LYS A 1170 -27.26 18.03 17.39
CA LYS A 1170 -26.62 16.87 16.86
C LYS A 1170 -27.37 15.65 17.29
N ASP A 1171 -26.84 14.49 16.99
CA ASP A 1171 -27.49 13.26 17.37
C ASP A 1171 -27.81 13.25 18.84
N ASN A 1172 -28.94 12.68 19.18
CA ASN A 1172 -29.38 12.63 20.55
C ASN A 1172 -28.76 11.55 21.38
N ILE A 1173 -27.54 11.18 21.06
CA ILE A 1173 -26.82 10.18 21.80
C ILE A 1173 -26.02 10.86 22.85
N VAL A 1174 -26.03 10.33 24.05
CA VAL A 1174 -25.27 10.93 25.11
C VAL A 1174 -23.87 10.35 25.11
N ARG A 1175 -22.89 11.21 25.04
CA ARG A 1175 -21.52 10.81 24.99
C ARG A 1175 -20.72 11.03 26.24
N ASN A 1176 -19.79 10.14 26.47
CA ASN A 1176 -18.96 10.15 27.64
C ASN A 1176 -18.83 11.42 28.43
N ASN A 1177 -18.46 12.52 27.83
CA ASN A 1177 -18.32 13.70 28.63
C ASN A 1177 -19.21 14.89 28.35
N ASP A 1178 -20.49 14.67 28.14
CA ASP A 1178 -21.41 15.73 27.86
C ASP A 1178 -21.93 16.37 29.10
N ARG A 1179 -22.08 17.67 29.07
CA ARG A 1179 -22.64 18.37 30.18
C ARG A 1179 -24.10 18.32 29.86
N VAL A 1180 -24.91 17.98 30.83
CA VAL A 1180 -26.31 17.85 30.57
C VAL A 1180 -27.20 18.41 31.63
N TYR A 1181 -28.46 18.08 31.49
CA TYR A 1181 -29.47 18.47 32.43
C TYR A 1181 -30.30 17.26 32.72
N ILE A 1182 -30.69 17.11 33.95
CA ILE A 1182 -31.50 16.00 34.31
C ILE A 1182 -32.83 16.50 34.77
N ASN A 1183 -33.83 16.29 33.97
CA ASN A 1183 -35.16 16.69 34.34
C ASN A 1183 -35.79 15.54 35.01
N VAL A 1184 -36.39 15.77 36.15
CA VAL A 1184 -37.07 14.74 36.87
C VAL A 1184 -38.53 14.91 36.57
N VAL A 1185 -39.17 13.88 36.09
CA VAL A 1185 -40.56 13.98 35.75
C VAL A 1185 -41.43 13.65 36.93
N VAL A 1186 -42.01 14.65 37.54
CA VAL A 1186 -42.85 14.46 38.69
C VAL A 1186 -44.29 14.76 38.36
N LYS A 1187 -45.12 13.77 38.56
CA LYS A 1187 -46.53 13.91 38.30
C LYS A 1187 -46.81 14.60 37.01
N ASN A 1188 -46.50 13.93 35.93
CA ASN A 1188 -46.71 14.41 34.58
C ASN A 1188 -45.99 15.68 34.25
N LYS A 1189 -45.26 16.21 35.20
CA LYS A 1189 -44.54 17.42 34.97
C LYS A 1189 -43.07 17.14 35.08
N GLU A 1190 -42.29 18.02 34.49
CA GLU A 1190 -40.86 17.90 34.49
C GLU A 1190 -40.24 18.96 35.31
N TYR A 1191 -39.42 18.55 36.23
CA TYR A 1191 -38.71 19.46 37.08
C TYR A 1191 -37.25 19.35 36.81
N ARG A 1192 -36.48 20.11 37.55
CA ARG A 1192 -35.04 20.12 37.38
C ARG A 1192 -34.28 19.71 38.59
N LEU A 1193 -33.59 18.60 38.48
CA LEU A 1193 -32.79 18.10 39.56
C LEU A 1193 -31.66 19.05 39.78
N ALA A 1194 -31.65 19.69 40.92
CA ALA A 1194 -30.66 20.64 41.27
C ALA A 1194 -30.34 20.47 42.71
N THR A 1195 -29.51 21.33 43.21
CA THR A 1195 -29.12 21.28 44.59
C THR A 1195 -28.53 22.59 44.97
N ASN A 1196 -28.13 22.73 46.20
CA ASN A 1196 -27.50 23.94 46.65
C ASN A 1196 -26.11 23.60 47.07
N ALA A 1197 -25.15 23.95 46.24
CA ALA A 1197 -23.77 23.66 46.52
C ALA A 1197 -23.28 24.31 47.77
N SER A 1198 -24.11 25.09 48.40
CA SER A 1198 -23.73 25.76 49.61
C SER A 1198 -24.37 25.13 50.82
N GLN A 1199 -24.78 23.89 50.69
CA GLN A 1199 -25.38 23.20 51.78
C GLN A 1199 -24.41 23.08 52.92
N ALA A 1200 -24.48 21.97 53.62
CA ALA A 1200 -23.60 21.76 54.73
C ALA A 1200 -22.46 20.84 54.38
N GLY A 1201 -22.65 19.57 54.64
CA GLY A 1201 -21.62 18.61 54.37
C GLY A 1201 -21.25 18.40 52.95
N VAL A 1202 -20.47 17.37 52.73
CA VAL A 1202 -20.03 17.02 51.41
C VAL A 1202 -21.20 16.62 50.57
N GLU A 1203 -22.17 16.01 51.18
CA GLU A 1203 -23.34 15.57 50.49
C GLU A 1203 -24.18 16.75 50.07
N LYS A 1204 -24.92 16.58 49.01
CA LYS A 1204 -25.79 17.59 48.52
C LYS A 1204 -27.06 16.87 48.16
N ILE A 1205 -28.08 17.11 48.95
CA ILE A 1205 -29.35 16.45 48.81
C ILE A 1205 -30.11 16.42 47.49
N LEU A 1206 -29.97 17.40 46.65
CA LEU A 1206 -30.67 17.35 45.39
C LEU A 1206 -32.16 17.45 45.52
N SER A 1207 -32.77 18.29 44.71
CA SER A 1207 -34.19 18.48 44.73
C SER A 1207 -34.70 18.68 43.33
N ALA A 1208 -35.98 18.45 43.11
CA ALA A 1208 -36.55 18.63 41.80
C ALA A 1208 -37.15 20.01 41.73
N LEU A 1209 -36.36 20.98 41.31
CA LEU A 1209 -36.83 22.33 41.26
C LEU A 1209 -37.59 22.62 40.01
N GLU A 1210 -38.26 23.75 40.00
CA GLU A 1210 -39.03 24.19 38.86
C GLU A 1210 -38.05 24.80 37.88
N ILE A 1211 -37.96 24.23 36.70
CA ILE A 1211 -37.03 24.69 35.69
C ILE A 1211 -36.80 26.18 35.64
N PRO A 1212 -37.80 26.97 35.91
CA PRO A 1212 -37.54 28.38 35.86
C PRO A 1212 -37.04 28.96 37.14
N ASP A 1213 -37.15 28.22 38.21
CA ASP A 1213 -36.71 28.71 39.49
C ASP A 1213 -35.32 28.27 39.86
N VAL A 1214 -34.72 27.44 39.05
CA VAL A 1214 -33.39 26.94 39.32
C VAL A 1214 -32.34 28.02 39.42
N GLY A 1215 -32.18 28.80 38.40
CA GLY A 1215 -31.21 29.84 38.45
C GLY A 1215 -29.80 29.36 38.61
N ASN A 1216 -28.95 30.18 39.19
CA ASN A 1216 -27.58 29.83 39.35
C ASN A 1216 -27.31 28.69 40.30
N LEU A 1217 -28.27 27.81 40.47
CA LEU A 1217 -28.05 26.67 41.32
C LEU A 1217 -27.36 25.62 40.50
N SER A 1218 -26.67 24.73 41.16
CA SER A 1218 -25.95 23.67 40.52
C SER A 1218 -26.88 22.67 39.91
N GLN A 1219 -26.81 22.54 38.60
CA GLN A 1219 -27.66 21.63 37.90
C GLN A 1219 -26.98 20.92 36.78
N VAL A 1220 -25.95 21.51 36.21
CA VAL A 1220 -25.24 20.85 35.15
C VAL A 1220 -24.60 19.57 35.60
N VAL A 1221 -24.95 18.48 34.97
CA VAL A 1221 -24.38 17.21 35.32
C VAL A 1221 -23.52 16.74 34.19
N VAL A 1222 -22.32 16.32 34.50
CA VAL A 1222 -21.42 15.83 33.49
C VAL A 1222 -21.62 14.35 33.38
N MET A 1223 -22.15 13.91 32.28
CA MET A 1223 -22.37 12.50 32.07
C MET A 1223 -21.05 11.81 32.00
N LYS A 1224 -21.01 10.55 32.35
CA LYS A 1224 -19.77 9.81 32.34
C LYS A 1224 -19.91 8.41 31.83
N SER A 1225 -18.81 7.81 31.46
CA SER A 1225 -18.82 6.46 30.96
C SER A 1225 -17.49 5.82 31.19
N LYS A 1226 -16.45 6.61 31.08
CA LYS A 1226 -15.11 6.14 31.29
C LYS A 1226 -14.47 6.91 32.41
N ASN A 1227 -14.00 6.21 33.41
CA ASN A 1227 -13.36 6.83 34.52
C ASN A 1227 -12.20 7.67 34.09
N ASP A 1228 -11.98 8.75 34.78
CA ASP A 1228 -10.91 9.68 34.48
C ASP A 1228 -9.62 8.95 34.13
N GLN A 1229 -9.44 7.81 34.75
CA GLN A 1229 -8.28 7.00 34.50
C GLN A 1229 -8.48 6.29 33.19
N GLY A 1230 -9.71 6.00 32.86
CA GLY A 1230 -10.02 5.35 31.63
C GLY A 1230 -10.80 4.08 31.78
N ILE A 1231 -11.13 3.74 33.00
CA ILE A 1231 -11.84 2.53 33.30
C ILE A 1231 -13.33 2.76 33.40
N THR A 1232 -14.10 1.85 32.86
CA THR A 1232 -15.53 1.98 32.92
C THR A 1232 -16.02 2.01 34.33
N ASN A 1233 -16.97 2.86 34.60
CA ASN A 1233 -17.52 3.01 35.91
C ASN A 1233 -19.01 3.23 35.74
N LYS A 1234 -19.80 2.72 36.64
CA LYS A 1234 -21.22 2.91 36.55
C LYS A 1234 -21.63 4.28 36.98
N CYS A 1235 -20.84 4.86 37.86
CA CYS A 1235 -21.11 6.19 38.32
C CYS A 1235 -21.16 7.04 37.09
N LYS A 1236 -22.35 7.47 36.73
CA LYS A 1236 -22.57 8.24 35.54
C LYS A 1236 -22.92 9.68 35.62
N MET A 1237 -23.33 10.14 36.77
CA MET A 1237 -23.72 11.52 36.85
C MET A 1237 -22.93 12.30 37.85
N ASN A 1238 -22.14 13.22 37.34
CA ASN A 1238 -21.32 14.04 38.18
C ASN A 1238 -21.86 15.45 38.10
N LEU A 1239 -22.43 15.90 39.19
CA LEU A 1239 -23.00 17.21 39.28
C LEU A 1239 -21.92 18.25 39.45
N GLN A 1240 -22.15 19.42 38.89
CA GLN A 1240 -21.19 20.50 38.97
C GLN A 1240 -21.81 21.84 39.26
N ASP A 1241 -21.05 22.72 39.88
CA ASP A 1241 -21.56 24.03 40.15
C ASP A 1241 -21.22 24.88 38.95
N ASN A 1242 -21.99 25.92 38.73
CA ASN A 1242 -21.79 26.78 37.60
C ASN A 1242 -20.39 27.30 37.42
N ASN A 1243 -19.66 27.41 38.50
CA ASN A 1243 -18.32 27.89 38.41
C ASN A 1243 -17.47 26.87 37.72
N GLY A 1244 -18.09 25.79 37.33
CA GLY A 1244 -17.39 24.76 36.64
C GLY A 1244 -16.84 23.70 37.52
N ASN A 1245 -16.93 23.92 38.81
CA ASN A 1245 -16.42 22.99 39.79
C ASN A 1245 -16.91 21.58 39.69
N ASP A 1246 -16.88 20.90 40.80
CA ASP A 1246 -17.25 19.53 40.83
C ASP A 1246 -17.90 19.17 42.12
N ILE A 1247 -19.20 19.35 42.19
CA ILE A 1247 -19.93 19.05 43.38
C ILE A 1247 -19.94 17.59 43.70
N GLY A 1248 -19.81 16.75 42.70
CA GLY A 1248 -19.79 15.34 42.95
C GLY A 1248 -20.67 14.47 42.12
N PHE A 1249 -20.49 13.19 42.28
CA PHE A 1249 -21.27 12.22 41.55
C PHE A 1249 -22.57 12.14 42.29
N ILE A 1250 -23.59 11.67 41.60
CA ILE A 1250 -24.90 11.52 42.17
C ILE A 1250 -25.12 10.12 42.68
N GLY A 1251 -25.52 10.04 43.93
CA GLY A 1251 -25.78 8.78 44.55
C GLY A 1251 -26.78 9.03 45.64
N PHE A 1252 -26.87 8.15 46.60
CA PHE A 1252 -27.81 8.36 47.68
C PHE A 1252 -27.08 8.49 48.96
N HIS A 1253 -27.81 8.65 50.04
CA HIS A 1253 -27.16 8.79 51.32
C HIS A 1253 -28.13 8.89 52.46
N GLN A 1254 -27.94 8.04 53.44
CA GLN A 1254 -28.77 7.98 54.61
C GLN A 1254 -28.83 9.29 55.36
N PHE A 1255 -30.02 9.74 55.66
CA PHE A 1255 -30.21 10.96 56.39
C PHE A 1255 -31.31 10.71 57.38
N ASN A 1256 -31.02 9.89 58.36
CA ASN A 1256 -31.96 9.51 59.38
C ASN A 1256 -32.87 8.46 58.80
N ASN A 1257 -32.28 7.52 58.13
CA ASN A 1257 -33.00 6.46 57.52
C ASN A 1257 -33.96 6.92 56.47
N ILE A 1258 -33.47 7.71 55.54
CA ILE A 1258 -34.30 8.21 54.47
C ILE A 1258 -33.58 8.09 53.17
N ALA A 1259 -32.26 8.10 53.23
CA ALA A 1259 -31.45 7.97 52.05
C ALA A 1259 -31.91 8.83 50.91
N LYS A 1260 -31.64 10.10 51.00
CA LYS A 1260 -32.02 11.05 49.98
C LYS A 1260 -30.99 10.99 48.89
N LEU A 1261 -31.37 11.26 47.66
CA LEU A 1261 -30.41 11.24 46.61
C LEU A 1261 -29.47 12.35 46.97
N VAL A 1262 -28.20 12.15 46.72
CA VAL A 1262 -27.23 13.12 47.07
C VAL A 1262 -26.10 13.20 46.10
N ALA A 1263 -25.55 14.38 45.96
CA ALA A 1263 -24.41 14.59 45.11
C ALA A 1263 -23.26 14.76 46.06
N SER A 1264 -22.50 13.71 46.26
CA SER A 1264 -21.37 13.77 47.17
C SER A 1264 -20.08 13.69 46.45
N ASN A 1265 -19.10 14.45 46.91
CA ASN A 1265 -17.81 14.45 46.29
C ASN A 1265 -16.98 13.33 46.80
N TRP A 1266 -17.62 12.40 47.46
CA TRP A 1266 -16.96 11.23 47.99
C TRP A 1266 -16.65 10.31 46.84
N TYR A 1267 -17.70 9.86 46.18
CA TYR A 1267 -17.54 8.97 45.06
C TYR A 1267 -16.43 9.41 44.16
N ASN A 1268 -16.48 10.65 43.73
CA ASN A 1268 -15.46 11.19 42.87
C ASN A 1268 -14.10 10.68 43.26
N ARG A 1269 -13.86 10.69 44.55
CA ARG A 1269 -12.61 10.27 45.14
C ARG A 1269 -12.42 8.78 45.04
N GLN A 1270 -13.43 8.04 45.39
CA GLN A 1270 -13.39 6.62 45.33
C GLN A 1270 -13.25 6.14 43.91
N ILE A 1271 -14.08 6.65 43.03
CA ILE A 1271 -14.03 6.25 41.65
C ILE A 1271 -12.63 6.29 41.11
N GLU A 1272 -11.78 7.07 41.73
CA GLU A 1272 -10.42 7.15 41.29
C GLU A 1272 -9.70 5.94 41.79
N ARG A 1273 -9.75 5.72 43.08
CA ARG A 1273 -9.11 4.59 43.69
C ARG A 1273 -9.63 3.29 43.12
N SER A 1274 -10.66 2.77 43.74
CA SER A 1274 -11.26 1.52 43.31
C SER A 1274 -12.24 1.63 42.18
N SER A 1275 -13.01 0.60 42.02
CA SER A 1275 -14.03 0.53 40.99
C SER A 1275 -15.23 -0.15 41.56
N ARG A 1276 -15.30 -0.15 42.87
CA ARG A 1276 -16.40 -0.74 43.58
C ARG A 1276 -17.70 -0.15 43.13
N THR A 1277 -18.68 -0.99 42.87
CA THR A 1277 -19.98 -0.52 42.52
C THR A 1277 -20.35 0.33 43.68
N LEU A 1278 -20.71 1.56 43.41
CA LEU A 1278 -21.03 2.48 44.45
C LEU A 1278 -22.44 2.97 44.41
N GLY A 1279 -22.77 3.78 45.39
CA GLY A 1279 -24.08 4.33 45.45
C GLY A 1279 -24.38 5.18 44.27
N CYS A 1280 -23.38 5.49 43.48
CA CYS A 1280 -23.57 6.29 42.30
C CYS A 1280 -23.67 5.44 41.08
N SER A 1281 -23.66 4.15 41.27
CA SER A 1281 -23.73 3.25 40.18
C SER A 1281 -25.14 3.22 39.62
N TRP A 1282 -25.50 4.22 38.87
CA TRP A 1282 -26.82 4.27 38.31
C TRP A 1282 -26.95 3.50 37.05
N GLU A 1283 -28.16 3.39 36.58
CA GLU A 1283 -28.44 2.66 35.40
C GLU A 1283 -29.73 3.23 34.87
N PHE A 1284 -29.76 3.64 33.64
CA PHE A 1284 -30.97 4.19 33.09
C PHE A 1284 -31.78 3.12 32.42
N ILE A 1285 -33.04 3.06 32.74
CA ILE A 1285 -33.89 2.06 32.15
C ILE A 1285 -35.06 2.60 31.43
N PRO A 1286 -35.10 2.43 30.12
CA PRO A 1286 -36.20 2.89 29.32
C PRO A 1286 -37.08 1.68 29.21
N VAL A 1287 -38.30 1.82 28.77
CA VAL A 1287 -39.13 0.66 28.66
C VAL A 1287 -38.79 -0.02 27.37
N ASP A 1288 -38.66 -1.32 27.38
CA ASP A 1288 -38.28 -2.05 26.19
C ASP A 1288 -39.11 -3.25 25.89
N ASP A 1289 -39.55 -3.35 24.65
CA ASP A 1289 -40.35 -4.46 24.19
C ASP A 1289 -39.78 -5.77 24.60
N GLY A 1290 -38.57 -5.76 25.10
CA GLY A 1290 -37.97 -6.99 25.50
C GLY A 1290 -38.34 -7.28 26.91
N TRP A 1291 -38.73 -6.25 27.62
CA TRP A 1291 -39.13 -6.39 28.99
C TRP A 1291 -40.62 -6.21 29.00
N GLY A 1292 -41.31 -7.27 28.68
CA GLY A 1292 -42.74 -7.23 28.63
C GLY A 1292 -43.44 -6.45 29.70
N GLU A 1293 -42.74 -6.19 30.78
CA GLU A 1293 -43.30 -5.46 31.89
C GLU A 1293 -44.09 -4.25 31.49
N ARG A 1294 -45.15 -3.99 32.22
CA ARG A 1294 -45.99 -2.86 31.95
C ARG A 1294 -45.74 -1.78 32.97
N PRO A 1295 -45.37 -0.60 32.50
CA PRO A 1295 -45.09 0.54 33.34
C PRO A 1295 -46.27 1.02 34.13
N LEU A 1296 -46.33 0.61 35.38
CA LEU A 1296 -47.39 1.01 36.26
C LEU A 1296 -47.52 2.51 36.30
ZN ZN B . 18.20 1.64 -19.76
#